data_7ZKQ
#
_entry.id   7ZKQ
#
_cell.length_a   1.00
_cell.length_b   1.00
_cell.length_c   1.00
_cell.angle_alpha   90.00
_cell.angle_beta   90.00
_cell.angle_gamma   90.00
#
_symmetry.space_group_name_H-M   'P 1'
#
loop_
_entity.id
_entity.type
_entity.pdbx_description
1 polymer 'NADH dehydrogenase subunit 2'
2 polymer 'Subunit NEBM of NADH:Ubiquinone Oxidoreductase (Complex I)'
3 polymer 'Complex I intermediate-associated protein 30-domain-containing protein'
4 polymer 'complex I assembly factor CIA84'
5 polymer 'Tafazzin family protein'
6 non-polymer CARDIOLIPIN
7 non-polymer 'Lauryl Maltose Neopentyl Glycol'
8 non-polymer 'DIUNDECYL PHOSPHATIDYL CHOLINE'
#
loop_
_entity_poly.entity_id
_entity_poly.type
_entity_poly.pdbx_seq_one_letter_code
_entity_poly.pdbx_strand_id
1 'polypeptide(L)'
;(FME)LILAIISLITFVSMSKLSDNRAIIRLINIYLILVLVLDSFLYLLFLNNQTYTVMGELLIFNSFTFYIDMLIYFIM
IVISSLYGYNLYNNNLYKTLFEPKKELIILFLINILGALLIVHSNDFITLFVAIELQSYSIYLITAIYNSSYKASKASML
YFFMGGILSILIAYSINTYYSVLNSYTLHSLDSLIINTLDLNLILIALSLGLLFKIGIAPLHKWLISIYENTPILITIYI
SLIPKISILSYLVLSNISINSLVISILAILTLLVGSVGGLLQIKIKRLLAFSGLTNAGYMMLLLLLNNNEFSYLYYITQY
SISHLAIFMIIIFSIYYINYINNQYNPIIYVNQLKGLIHDNAYLVLSMAIVVFSFIGIPPLLGFFGKLNILMSILNNGYY
FISIVLIVASLISALYYLYLLNVSIQDKNNILINSNETVSSVLSYILSSLIILITFGFIYNSLIIDIFNVYFN
;
2
2 'polypeptide(L)' MALFTSLVGASGLGFATKFLSNKIRLKPAGYYPLGYVFSGVAWAGLGLVLHNVHQHSLEVLEKKKTALSEQRTE b
3 'polypeptide(L)'
;MSANPAIVRPTETTEQVLVNFTKPNSLETVLTKCDEELGGYSTVNLALERPTTGKPYGRFFGNLSLDLPKDNKMVTRSGF
AMFRTLDQPSSMFKTNAWNWEQYRHLELRVRGDRRKYFVNVQSATPLASDLYQHRLFIQTPGEWETVVIPIDDFILTNKG
VVQEQMAMDTANVYTVGIGLIDRQYGPYNLDIEYIKAVAHPPLEFKPKKEYEVEKETILLTPGQPMELGKGKVKELEENL
YFQGAEAAAKEAAAKAWSHPQFEKGGGSGGGSGGSAWSHPQFEK
;
A
4 'polypeptide(L)'
;MPKNALLRSARQVAISRVFATSRASHVVSHAPILASVRPRSNPAPYRRNFSSSRALRNDYGLDTAERSLKESLVPFNGAP
VDRKVVRDQLMELISVSPGQVFPISVIPVVKSAYYELFRENERVLSAGDTKTLFGAVAGNNPEDVQDLPFVLAVYHQAEQ
AAETNRDSRDNILLLGKYFLFQDRLDNFWKLLEAQIKTHDDVDAGFVKQLLELISVDPHLTLGNVARVLQLKTDNHVSSS
DELRNALSATLEQLYYKENEGSEFFLSLVENHILDSKDFTPSDSVVAMILNTCVNEGREDLGQSVLRNVVSRVGNLSPGQ
EDPQNCWGFWSSVAMDLHGSKTDVKAFISRLEALPHRTKATWDILIRYAVFKADLAGRNDLLQVRALLAEMQKVGFEPDA
ETYFDAYRSSKSIKPDVVHLFEAELDIEKDTSIFAIEMDKALKNHDTLEALSIFYESFEQGAQWENKRLHMEAMTELLIQ
YAGLNDTSVADILQLVQRIEPICAQGRIPYSAETAIAQNVLQRHSDTANFYTFMNRQYGNTADKVTKQDPQIRPHTYQVI
HDYIYSCESERADLAWEMYGLLHKFYVVPFADYYKAIKFFAQDVKRQDYALLTFQQIRKNHDLHGQPAATSEMVAFLFHE
FAKTKYKRGIKRLHEVVALETSFDVNRDVLNEMMAAYVSVEDLNRVQDCWAQLQQLPPSIGANNRSVDVLLSYFKDNIHY
TERTWQGIPEFGLLPTLENYEQYLINNCRTGNYRRALEITKNMEIDSGLKPTAKIIAAVYNYTFTEQRKLEVEQWAEKAH
PEMWLELKEGDKLKSLCLPANSDNDNVESLLKQASADMDEEMSGGIVKVESV
;
C
5 'polypeptide(L)'
;MSFRNVSLRGSQLLGKLDSRGWGWYVAKKWNIGLVYTMCKVFLRCKKVDIKGLDNLLEAHRQARLEGRGLLTVMNHTSVL
DDPVVWGMLPNDNGWIPYLMRWATGAKDICYKNKLYSLFFGAGQVLPITRFGIGGPFQPGMDMCVRLLNPNNKIKYSAKY
TPYLVHTNATSYPFWRESNWVHFFPEGYVHQALEPHEGTMRYFRWGTSRAVLEPVTPPIIVPMFSHGLQKVFQEIPKGYE
MEGNNTNKDRTISIRIGEPISETTVAGFRNEWINLCHKENVGLNAETMPDVLKNGQEAKDLRSKVAAYLREEVEKLRLTV
PNMNPELPEFKEPEFWSDIDKVHKGVYNHRGKVRMLRNPTKGLIEVVEANKD
;
T
#
# COMPACT_ATOMS: atom_id res chain seq x y z
N LEU A 2 19.37 32.32 13.36
CA LEU A 2 18.96 30.94 13.56
C LEU A 2 19.78 30.25 14.65
N ILE A 3 20.99 30.76 14.88
CA ILE A 3 21.88 30.20 15.90
C ILE A 3 21.16 30.21 17.24
N LEU A 4 20.60 31.36 17.61
CA LEU A 4 19.83 31.46 18.84
C LEU A 4 18.61 30.55 18.77
N ALA A 5 17.96 30.49 17.62
CA ALA A 5 16.80 29.63 17.45
C ALA A 5 17.16 28.16 17.63
N ILE A 6 18.28 27.73 17.05
CA ILE A 6 18.71 26.34 17.17
C ILE A 6 19.07 26.00 18.61
N ILE A 7 19.80 26.88 19.30
CA ILE A 7 20.18 26.56 20.67
C ILE A 7 18.95 26.56 21.57
N SER A 8 18.00 27.47 21.33
CA SER A 8 16.77 27.48 22.11
C SER A 8 15.94 26.22 21.85
N LEU A 9 15.88 25.77 20.60
CA LEU A 9 15.18 24.54 20.28
C LEU A 9 15.84 23.34 20.93
N ILE A 10 17.17 23.31 20.96
CA ILE A 10 17.88 22.23 21.63
C ILE A 10 17.57 22.22 23.12
N THR A 11 17.56 23.40 23.74
CA THR A 11 17.21 23.47 25.15
C THR A 11 15.77 23.01 25.38
N PHE A 12 14.85 23.39 24.50
CA PHE A 12 13.45 23.01 24.64
C PHE A 12 13.28 21.50 24.53
N VAL A 13 13.84 20.90 23.48
CA VAL A 13 13.69 19.46 23.28
C VAL A 13 14.41 18.68 24.37
N SER A 14 15.56 19.17 24.84
CA SER A 14 16.33 18.45 25.84
C SER A 14 15.56 18.27 27.15
N MET A 15 14.68 19.21 27.48
CA MET A 15 13.91 19.17 28.72
C MET A 15 12.42 19.29 28.44
N SER A 16 11.97 18.65 27.37
CA SER A 16 10.57 18.67 26.97
C SER A 16 9.74 17.61 27.70
N LYS A 17 10.17 16.34 27.63
CA LYS A 17 9.44 15.23 28.24
C LYS A 17 8.03 15.10 27.67
N LEU A 18 7.94 15.11 26.34
CA LEU A 18 6.68 14.89 25.64
C LEU A 18 6.67 13.46 25.09
N SER A 19 5.55 12.77 25.31
CA SER A 19 5.45 11.37 24.88
C SER A 19 5.52 11.25 23.36
N ASP A 20 4.80 12.13 22.64
CA ASP A 20 4.78 12.05 21.19
C ASP A 20 6.01 12.72 20.60
N ASN A 21 6.58 12.07 19.59
CA ASN A 21 7.77 12.57 18.92
C ASN A 21 7.46 13.38 17.67
N ARG A 22 6.18 13.52 17.31
CA ARG A 22 5.79 14.31 16.15
C ARG A 22 5.14 15.63 16.52
N ALA A 23 4.50 15.71 17.69
CA ALA A 23 3.99 16.99 18.17
C ALA A 23 5.14 17.97 18.40
N ILE A 24 6.26 17.49 18.93
CA ILE A 24 7.43 18.34 19.11
C ILE A 24 7.96 18.79 17.76
N ILE A 25 7.91 17.91 16.75
CA ILE A 25 8.36 18.29 15.41
C ILE A 25 7.47 19.39 14.84
N ARG A 26 6.17 19.27 15.02
CA ARG A 26 5.25 20.29 14.53
C ARG A 26 5.46 21.62 15.24
N LEU A 27 5.67 21.57 16.56
CA LEU A 27 6.00 22.80 17.29
C LEU A 27 7.30 23.41 16.79
N ILE A 28 8.28 22.56 16.47
CA ILE A 28 9.53 23.05 15.90
C ILE A 28 9.27 23.74 14.57
N ASN A 29 8.42 23.14 13.74
CA ASN A 29 8.12 23.73 12.43
C ASN A 29 7.48 25.11 12.59
N ILE A 30 6.50 25.22 13.49
CA ILE A 30 5.85 26.51 13.72
C ILE A 30 6.86 27.53 14.25
N TYR A 31 7.71 27.10 15.18
CA TYR A 31 8.77 27.97 15.69
C TYR A 31 9.67 28.45 14.57
N LEU A 32 10.04 27.55 13.65
CA LEU A 32 10.96 27.92 12.59
C LEU A 32 10.33 28.93 11.65
N ILE A 33 9.04 28.75 11.34
CA ILE A 33 8.36 29.73 10.49
C ILE A 33 8.32 31.09 11.18
N LEU A 34 7.97 31.11 12.46
CA LEU A 34 7.89 32.38 13.19
C LEU A 34 9.25 33.06 13.26
N VAL A 35 10.30 32.29 13.54
CA VAL A 35 11.65 32.85 13.61
C VAL A 35 12.11 33.33 12.25
N LEU A 36 11.74 32.63 11.18
CA LEU A 36 12.05 33.12 9.83
C LEU A 36 11.45 34.49 9.61
N VAL A 37 10.17 34.65 9.95
CA VAL A 37 9.50 35.94 9.76
C VAL A 37 10.20 37.02 10.60
N LEU A 38 10.46 36.71 11.87
CA LEU A 38 11.05 37.70 12.78
C LEU A 38 12.44 38.10 12.32
N ASP A 39 13.25 37.13 11.89
CA ASP A 39 14.62 37.43 11.48
C ASP A 39 14.66 38.19 10.16
N SER A 40 13.77 37.86 9.23
CA SER A 40 13.70 38.64 8.01
C SER A 40 13.32 40.08 8.30
N PHE A 41 12.32 40.29 9.18
CA PHE A 41 11.94 41.63 9.57
C PHE A 41 13.10 42.37 10.22
N LEU A 42 13.81 41.71 11.13
CA LEU A 42 14.94 42.34 11.81
C LEU A 42 16.05 42.70 10.83
N TYR A 43 16.33 41.82 9.85
CA TYR A 43 17.40 42.09 8.91
C TYR A 43 17.04 43.27 8.01
N LEU A 44 15.82 43.28 7.46
CA LEU A 44 15.44 44.38 6.59
C LEU A 44 15.10 45.66 7.35
N LEU A 45 15.04 45.63 8.68
CA LEU A 45 14.80 46.87 9.40
C LEU A 45 16.07 47.45 10.02
N PHE A 46 17.00 46.60 10.46
CA PHE A 46 18.16 47.09 11.19
C PHE A 46 19.48 46.41 10.82
N LEU A 47 19.49 45.47 9.88
CA LEU A 47 20.72 44.74 9.58
C LEU A 47 21.08 44.72 8.10
N ASN A 48 20.45 45.52 7.26
CA ASN A 48 20.76 45.48 5.83
C ASN A 48 22.15 46.05 5.56
N ASN A 49 22.92 45.30 4.76
CA ASN A 49 24.24 45.74 4.29
C ASN A 49 25.17 46.06 5.45
N GLN A 50 25.32 45.11 6.36
CA GLN A 50 26.23 45.24 7.49
C GLN A 50 26.96 43.93 7.73
N THR A 51 28.17 44.04 8.28
CA THR A 51 29.00 42.87 8.62
C THR A 51 29.35 42.98 10.10
N TYR A 52 28.61 42.25 10.93
CA TYR A 52 28.84 42.27 12.37
C TYR A 52 29.67 41.08 12.81
N THR A 53 30.41 41.26 13.90
CA THR A 53 31.18 40.20 14.53
C THR A 53 30.65 40.01 15.94
N VAL A 54 30.22 38.80 16.26
CA VAL A 54 29.62 38.51 17.56
C VAL A 54 30.59 37.65 18.34
N MET A 55 30.32 37.52 19.66
CA MET A 55 31.23 36.87 20.60
C MET A 55 32.55 37.62 20.65
N GLY A 56 33.61 36.98 20.16
CA GLY A 56 34.88 37.67 20.02
C GLY A 56 35.08 38.14 18.60
N GLU A 57 35.91 37.43 17.84
CA GLU A 57 36.07 37.65 16.41
C GLU A 57 35.91 36.32 15.67
N LEU A 58 34.99 35.49 16.14
CA LEU A 58 34.83 34.14 15.64
C LEU A 58 33.62 33.97 14.71
N LEU A 59 32.52 34.67 14.98
CA LEU A 59 31.31 34.50 14.21
C LEU A 59 30.97 35.80 13.47
N ILE A 60 30.81 35.69 12.16
CA ILE A 60 30.55 36.82 11.26
C ILE A 60 29.11 36.73 10.79
N PHE A 61 28.46 37.89 10.63
CA PHE A 61 27.10 37.98 10.13
C PHE A 61 27.06 39.06 9.05
N ASN A 62 26.87 38.65 7.80
CA ASN A 62 26.75 39.55 6.67
C ASN A 62 25.55 39.13 5.82
N SER A 63 25.42 39.77 4.66
CA SER A 63 24.29 39.48 3.78
C SER A 63 24.37 38.05 3.24
N PHE A 64 25.57 37.60 2.88
CA PHE A 64 25.74 36.24 2.37
C PHE A 64 25.31 35.22 3.41
N THR A 65 25.79 35.39 4.65
CA THR A 65 25.41 34.46 5.71
C THR A 65 23.91 34.52 5.98
N PHE A 66 23.32 35.71 5.92
CA PHE A 66 21.88 35.82 6.16
C PHE A 66 21.08 35.10 5.09
N TYR A 67 21.50 35.21 3.82
CA TYR A 67 20.74 34.54 2.77
C TYR A 67 20.92 33.03 2.85
N ILE A 68 22.13 32.56 3.18
CA ILE A 68 22.30 31.13 3.40
C ILE A 68 21.45 30.67 4.58
N ASP A 69 21.30 31.53 5.59
CA ASP A 69 20.45 31.22 6.72
C ASP A 69 18.99 31.11 6.30
N MET A 70 18.54 31.98 5.39
CA MET A 70 17.18 31.86 4.86
C MET A 70 17.01 30.57 4.07
N LEU A 71 18.03 30.20 3.28
CA LEU A 71 17.95 28.95 2.54
C LEU A 71 17.83 27.75 3.48
N ILE A 72 18.60 27.77 4.57
CA ILE A 72 18.50 26.73 5.58
C ILE A 72 17.13 26.75 6.25
N TYR A 73 16.61 27.95 6.50
CA TYR A 73 15.23 28.10 6.99
C TYR A 73 14.25 27.36 6.10
N PHE A 74 14.30 27.62 4.80
CA PHE A 74 13.34 27.04 3.88
C PHE A 74 13.46 25.52 3.82
N ILE A 75 14.69 25.02 3.66
CA ILE A 75 14.91 23.58 3.57
C ILE A 75 14.50 22.90 4.86
N MET A 76 14.83 23.50 5.99
CA MET A 76 14.54 22.92 7.30
C MET A 76 13.06 22.94 7.61
N ILE A 77 12.34 23.97 7.17
CA ILE A 77 10.89 23.99 7.29
C ILE A 77 10.29 22.86 6.46
N VAL A 78 10.76 22.69 5.22
CA VAL A 78 10.24 21.60 4.39
C VAL A 78 10.51 20.24 5.03
N ILE A 79 11.72 20.01 5.53
CA ILE A 79 12.07 18.73 6.12
C ILE A 79 11.30 18.48 7.41
N SER A 80 11.13 19.50 8.25
CA SER A 80 10.31 19.34 9.44
C SER A 80 8.85 19.05 9.09
N SER A 81 8.36 19.65 8.00
CA SER A 81 7.01 19.31 7.54
C SER A 81 6.91 17.85 7.12
N LEU A 82 7.92 17.35 6.40
CA LEU A 82 7.93 15.94 6.03
C LEU A 82 7.96 15.05 7.27
N TYR A 83 8.73 15.44 8.28
CA TYR A 83 8.87 14.59 9.46
C TYR A 83 7.60 14.59 10.31
N GLY A 84 7.02 15.76 10.55
CA GLY A 84 5.84 15.85 11.40
C GLY A 84 4.58 15.26 10.82
N TYR A 85 4.32 15.50 9.55
CA TYR A 85 3.08 15.10 8.91
C TYR A 85 3.30 13.83 8.10
N ASN A 86 2.68 12.73 8.55
CA ASN A 86 2.66 11.51 7.77
C ASN A 86 1.91 11.76 6.47
N LEU A 87 2.50 11.35 5.36
CA LEU A 87 1.91 11.67 4.06
C LEU A 87 0.59 10.94 3.88
N TYR A 88 0.54 9.67 4.32
CA TYR A 88 -0.70 8.92 4.47
C TYR A 88 -0.85 8.48 5.91
N ASN A 89 -2.10 8.39 6.37
CA ASN A 89 -2.39 7.88 7.70
C ASN A 89 -2.58 6.36 7.65
N ASN A 90 -1.48 5.68 7.32
CA ASN A 90 -1.47 4.23 7.25
C ASN A 90 -0.18 3.70 7.88
N ASN A 91 -0.19 2.39 8.15
CA ASN A 91 0.95 1.77 8.82
C ASN A 91 2.22 1.86 7.99
N LEU A 92 2.10 1.75 6.67
CA LEU A 92 3.27 1.78 5.80
C LEU A 92 4.04 3.08 5.94
N TYR A 93 3.35 4.21 5.83
CA TYR A 93 4.04 5.50 5.92
C TYR A 93 4.42 5.84 7.36
N LYS A 94 3.71 5.29 8.34
CA LYS A 94 4.11 5.48 9.74
C LYS A 94 5.43 4.78 10.03
N THR A 95 5.59 3.55 9.55
CA THR A 95 6.86 2.83 9.72
C THR A 95 7.91 3.29 8.71
N LEU A 96 7.52 4.06 7.70
CA LEU A 96 8.46 4.55 6.71
C LEU A 96 9.54 5.42 7.37
N PHE A 97 9.13 6.27 8.30
CA PHE A 97 10.08 7.08 9.08
C PHE A 97 9.44 7.46 10.39
N GLU A 98 10.02 6.99 11.49
CA GLU A 98 9.52 7.28 12.83
C GLU A 98 10.58 8.07 13.58
N PRO A 99 10.43 9.38 13.72
CA PRO A 99 11.42 10.17 14.45
C PRO A 99 11.44 9.82 15.93
N LYS A 100 12.62 9.93 16.53
CA LYS A 100 12.82 9.73 17.95
C LYS A 100 13.55 10.94 18.52
N LYS A 101 13.34 11.19 19.82
CA LYS A 101 13.90 12.38 20.46
C LYS A 101 15.39 12.53 20.18
N GLU A 102 16.11 11.41 20.20
CA GLU A 102 17.52 11.43 19.84
C GLU A 102 17.72 11.92 18.42
N LEU A 103 16.84 11.52 17.50
CA LEU A 103 16.96 11.96 16.11
C LEU A 103 16.75 13.46 15.98
N ILE A 104 15.74 14.01 16.67
CA ILE A 104 15.53 15.47 16.63
C ILE A 104 16.74 16.20 17.21
N ILE A 105 17.26 15.71 18.34
CA ILE A 105 18.42 16.37 18.94
C ILE A 105 19.60 16.32 17.98
N LEU A 106 19.83 15.17 17.33
CA LEU A 106 20.94 15.05 16.39
C LEU A 106 20.76 15.96 15.19
N PHE A 107 19.53 16.06 14.67
CA PHE A 107 19.29 16.95 13.53
C PHE A 107 19.52 18.40 13.90
N LEU A 108 19.08 18.81 15.09
CA LEU A 108 19.32 20.19 15.52
C LEU A 108 20.81 20.46 15.70
N ILE A 109 21.54 19.48 16.24
CA ILE A 109 22.99 19.63 16.39
C ILE A 109 23.65 19.76 15.03
N ASN A 110 23.21 18.96 14.05
CA ASN A 110 23.77 19.04 12.70
C ASN A 110 23.50 20.39 12.06
N ILE A 111 22.28 20.91 12.23
CA ILE A 111 21.93 22.21 11.69
C ILE A 111 22.79 23.30 12.34
N LEU A 112 22.97 23.23 13.65
CA LEU A 112 23.82 24.21 14.33
C LEU A 112 25.26 24.13 13.82
N GLY A 113 25.76 22.91 13.59
CA GLY A 113 27.10 22.76 13.04
C GLY A 113 27.22 23.35 11.66
N ALA A 114 26.22 23.12 10.80
CA ALA A 114 26.26 23.69 9.45
C ALA A 114 26.20 25.22 9.49
N LEU A 115 25.36 25.76 10.37
CA LEU A 115 25.29 27.21 10.51
C LEU A 115 26.62 27.79 10.98
N LEU A 116 27.26 27.13 11.95
CA LEU A 116 28.56 27.58 12.41
C LEU A 116 29.61 27.46 11.30
N ILE A 117 29.46 26.47 10.42
CA ILE A 117 30.32 26.38 9.24
C ILE A 117 30.14 27.61 8.37
N VAL A 118 28.88 27.98 8.10
CA VAL A 118 28.62 29.13 7.24
C VAL A 118 29.09 30.42 7.90
N HIS A 119 28.83 30.57 9.20
CA HIS A 119 29.13 31.80 9.93
C HIS A 119 30.55 31.82 10.49
N SER A 120 31.38 30.84 10.15
CA SER A 120 32.72 30.73 10.73
C SER A 120 33.61 31.84 10.20
N ASN A 121 34.27 32.56 11.10
CA ASN A 121 35.28 33.55 10.74
C ASN A 121 36.68 33.15 11.14
N ASP A 122 36.84 32.16 12.01
CA ASP A 122 38.14 31.69 12.48
C ASP A 122 38.23 30.19 12.27
N PHE A 123 39.46 29.72 12.06
CA PHE A 123 39.67 28.29 11.81
C PHE A 123 39.30 27.42 13.00
N ILE A 124 39.33 27.98 14.22
CA ILE A 124 38.87 27.22 15.38
C ILE A 124 37.38 26.93 15.28
N THR A 125 36.59 27.97 14.97
CA THR A 125 35.16 27.77 14.78
C THR A 125 34.89 26.83 13.64
N LEU A 126 35.67 26.93 12.55
CA LEU A 126 35.55 26.03 11.42
C LEU A 126 35.72 24.59 11.91
N PHE A 127 36.94 24.25 12.35
CA PHE A 127 37.27 22.95 12.91
C PHE A 127 36.14 22.38 13.78
N VAL A 128 35.69 23.18 14.75
CA VAL A 128 34.65 22.73 15.67
C VAL A 128 33.37 22.40 14.90
N ALA A 129 32.96 23.28 13.99
CA ALA A 129 31.68 23.10 13.32
C ALA A 129 31.69 21.91 12.37
N ILE A 130 32.77 21.74 11.59
CA ILE A 130 32.86 20.58 10.71
C ILE A 130 32.90 19.28 11.50
N GLU A 131 33.66 19.24 12.60
CA GLU A 131 33.66 18.00 13.38
C GLU A 131 32.29 17.73 13.99
N LEU A 132 31.59 18.77 14.43
CA LEU A 132 30.24 18.58 14.97
C LEU A 132 29.30 18.03 13.91
N GLN A 133 29.36 18.59 12.69
CA GLN A 133 28.50 18.12 11.62
C GLN A 133 28.83 16.69 11.23
N SER A 134 30.12 16.36 11.16
CA SER A 134 30.51 14.99 10.80
C SER A 134 30.06 13.99 11.84
N TYR A 135 30.22 14.33 13.12
CA TYR A 135 29.77 13.43 14.18
C TYR A 135 28.25 13.28 14.16
N SER A 136 27.53 14.36 13.90
CA SER A 136 26.08 14.28 13.80
C SER A 136 25.65 13.38 12.66
N ILE A 137 26.31 13.51 11.50
CA ILE A 137 25.98 12.65 10.36
C ILE A 137 26.26 11.20 10.68
N TYR A 138 27.42 10.93 11.29
CA TYR A 138 27.75 9.55 11.64
C TYR A 138 26.75 8.96 12.62
N LEU A 139 26.37 9.73 13.64
CA LEU A 139 25.40 9.22 14.62
C LEU A 139 24.03 9.00 13.99
N ILE A 140 23.59 9.92 13.14
CA ILE A 140 22.29 9.78 12.50
C ILE A 140 22.28 8.53 11.62
N THR A 141 23.36 8.31 10.85
CA THR A 141 23.44 7.11 10.04
C THR A 141 23.53 5.85 10.91
N ALA A 142 24.18 5.94 12.08
CA ALA A 142 24.33 4.77 12.93
C ALA A 142 23.04 4.43 13.67
N ILE A 143 22.12 5.37 13.81
CA ILE A 143 20.84 5.06 14.44
C ILE A 143 20.07 4.03 13.63
N TYR A 144 19.99 4.23 12.32
CA TYR A 144 19.36 3.30 11.40
C TYR A 144 20.44 2.57 10.61
N ASN A 145 20.71 1.32 10.97
CA ASN A 145 21.69 0.51 10.27
C ASN A 145 21.13 -0.89 10.03
N SER A 146 20.92 -1.23 8.76
CA SER A 146 20.44 -2.54 8.38
C SER A 146 21.55 -3.47 7.92
N SER A 147 22.80 -3.00 7.92
CA SER A 147 23.93 -3.80 7.48
C SER A 147 25.13 -3.51 8.37
N TYR A 148 26.07 -4.45 8.37
CA TYR A 148 27.29 -4.35 9.18
C TYR A 148 28.44 -3.72 8.40
N LYS A 149 28.60 -4.14 7.14
CA LYS A 149 29.65 -3.56 6.30
C LYS A 149 29.40 -2.08 6.07
N ALA A 150 28.14 -1.70 5.85
CA ALA A 150 27.83 -0.29 5.64
C ALA A 150 28.16 0.55 6.87
N SER A 151 27.82 0.05 8.05
CA SER A 151 28.15 0.77 9.28
C SER A 151 29.65 0.90 9.46
N LYS A 152 30.40 -0.18 9.19
CA LYS A 152 31.86 -0.12 9.31
C LYS A 152 32.44 0.88 8.32
N ALA A 153 31.94 0.89 7.09
CA ALA A 153 32.45 1.81 6.08
C ALA A 153 32.15 3.26 6.45
N SER A 154 30.95 3.53 6.96
CA SER A 154 30.62 4.87 7.41
C SER A 154 31.52 5.31 8.55
N MET A 155 31.76 4.42 9.52
CA MET A 155 32.64 4.75 10.63
C MET A 155 34.05 5.05 10.14
N LEU A 156 34.56 4.23 9.22
CA LEU A 156 35.91 4.45 8.69
C LEU A 156 36.00 5.76 7.92
N TYR A 157 34.97 6.09 7.13
CA TYR A 157 34.95 7.34 6.40
C TYR A 157 34.97 8.53 7.34
N PHE A 158 34.14 8.49 8.39
CA PHE A 158 34.13 9.57 9.37
C PHE A 158 35.47 9.70 10.06
N PHE A 159 36.07 8.57 10.45
CA PHE A 159 37.36 8.62 11.13
C PHE A 159 38.45 9.20 10.24
N MET A 160 38.47 8.79 8.97
CA MET A 160 39.46 9.34 8.04
C MET A 160 39.26 10.84 7.84
N GLY A 161 38.02 11.28 7.69
CA GLY A 161 37.76 12.70 7.55
C GLY A 161 38.19 13.49 8.78
N GLY A 162 37.88 12.97 9.97
CA GLY A 162 38.30 13.65 11.18
C GLY A 162 39.82 13.71 11.32
N ILE A 163 40.50 12.63 10.95
CA ILE A 163 41.96 12.61 11.01
C ILE A 163 42.54 13.64 10.05
N LEU A 164 41.98 13.72 8.84
CA LEU A 164 42.44 14.71 7.88
C LEU A 164 42.22 16.13 8.38
N SER A 165 41.06 16.39 8.98
CA SER A 165 40.78 17.72 9.52
C SER A 165 41.74 18.06 10.66
N ILE A 166 42.02 17.09 11.52
CA ILE A 166 42.94 17.32 12.64
C ILE A 166 44.35 17.60 12.11
N LEU A 167 44.77 16.85 11.09
CA LEU A 167 46.08 17.10 10.50
C LEU A 167 46.16 18.49 9.89
N ILE A 168 45.10 18.91 9.19
CA ILE A 168 45.08 20.25 8.60
C ILE A 168 45.16 21.31 9.69
N ALA A 169 44.41 21.12 10.78
CA ALA A 169 44.43 22.07 11.88
C ALA A 169 45.82 22.16 12.51
N TYR A 170 46.45 21.01 12.71
CA TYR A 170 47.80 21.01 13.28
C TYR A 170 48.79 21.70 12.34
N SER A 171 48.67 21.44 11.03
CA SER A 171 49.57 22.05 10.07
C SER A 171 49.43 23.56 10.04
N ILE A 172 48.19 24.05 10.05
CA ILE A 172 47.99 25.50 10.04
C ILE A 172 48.39 26.11 11.39
N ASN A 173 48.29 25.33 12.48
CA ASN A 173 48.71 25.84 13.78
C ASN A 173 50.23 25.95 13.86
N THR A 174 50.95 25.06 13.17
CA THR A 174 52.40 25.12 13.20
C THR A 174 52.93 26.44 12.65
N TYR A 175 52.33 26.93 11.57
CA TYR A 175 52.71 28.20 10.99
C TYR A 175 52.33 29.35 11.92
N LEU A 197 52.55 29.06 2.77
CA LEU A 197 51.22 29.34 3.29
C LEU A 197 50.15 28.90 2.30
N ASN A 198 50.46 29.02 1.00
CA ASN A 198 49.51 28.63 -0.03
C ASN A 198 49.25 27.13 0.00
N LEU A 199 50.28 26.34 0.29
CA LEU A 199 50.10 24.89 0.37
C LEU A 199 49.14 24.51 1.48
N ILE A 200 49.24 25.18 2.63
CA ILE A 200 48.34 24.88 3.75
C ILE A 200 46.90 25.19 3.36
N LEU A 201 46.67 26.33 2.73
CA LEU A 201 45.32 26.70 2.31
C LEU A 201 44.78 25.73 1.27
N ILE A 202 45.62 25.30 0.33
CA ILE A 202 45.20 24.32 -0.66
C ILE A 202 44.81 23.01 0.01
N ALA A 203 45.64 22.55 0.94
CA ALA A 203 45.34 21.30 1.66
C ALA A 203 44.03 21.42 2.42
N LEU A 204 43.80 22.57 3.06
CA LEU A 204 42.53 22.78 3.74
C LEU A 204 41.36 22.77 2.74
N SER A 205 41.57 23.34 1.55
CA SER A 205 40.51 23.36 0.55
C SER A 205 40.11 21.95 0.13
N LEU A 206 41.08 21.11 -0.21
CA LEU A 206 40.72 19.72 -0.53
C LEU A 206 40.18 18.96 0.67
N GLY A 207 40.68 19.27 1.87
CA GLY A 207 40.15 18.61 3.06
C GLY A 207 38.67 18.90 3.27
N LEU A 208 38.27 20.16 3.07
CA LEU A 208 36.86 20.51 3.17
C LEU A 208 36.07 19.96 2.00
N LEU A 209 36.65 19.96 0.79
CA LEU A 209 35.92 19.50 -0.38
C LEU A 209 35.69 18.00 -0.36
N PHE A 210 36.57 17.24 0.29
CA PHE A 210 36.42 15.79 0.32
C PHE A 210 35.20 15.37 1.13
N LYS A 211 34.79 16.18 2.12
CA LYS A 211 33.70 15.81 3.00
C LYS A 211 32.33 15.94 2.36
N ILE A 212 32.18 16.71 1.28
CA ILE A 212 30.91 16.78 0.57
C ILE A 212 30.81 15.76 -0.55
N GLY A 213 31.91 15.11 -0.92
CA GLY A 213 31.89 14.12 -1.97
C GLY A 213 32.37 14.67 -3.29
N ILE A 214 33.62 14.38 -3.65
CA ILE A 214 34.17 14.77 -4.94
C ILE A 214 34.95 13.59 -5.49
N ALA A 215 35.25 13.65 -6.79
CA ALA A 215 35.68 12.55 -7.64
C ALA A 215 36.60 11.50 -7.00
N PRO A 216 37.73 11.86 -6.39
CA PRO A 216 38.64 10.82 -5.90
C PRO A 216 38.22 10.19 -4.57
N LEU A 217 37.21 10.72 -3.88
CA LEU A 217 36.78 10.16 -2.61
C LEU A 217 35.28 10.07 -2.43
N HIS A 218 34.47 10.12 -3.49
CA HIS A 218 33.03 10.23 -3.33
C HIS A 218 32.36 8.89 -3.04
N LYS A 219 32.99 7.79 -3.44
CA LYS A 219 32.38 6.46 -3.44
C LYS A 219 31.72 6.16 -2.10
N TRP A 220 32.41 6.49 -1.01
CA TRP A 220 31.89 6.20 0.31
C TRP A 220 30.64 7.01 0.62
N LEU A 221 30.60 8.28 0.20
CA LEU A 221 29.42 9.10 0.46
C LEU A 221 28.23 8.65 -0.36
N ILE A 222 28.44 8.31 -1.63
CA ILE A 222 27.33 7.74 -2.41
C ILE A 222 26.86 6.41 -1.81
N SER A 223 27.79 5.59 -1.30
CA SER A 223 27.37 4.37 -0.64
C SER A 223 26.52 4.65 0.59
N ILE A 224 26.94 5.63 1.40
CA ILE A 224 26.19 5.96 2.61
C ILE A 224 24.80 6.49 2.26
N TYR A 225 24.73 7.36 1.24
CA TYR A 225 23.43 7.86 0.81
C TYR A 225 22.54 6.74 0.31
N GLU A 226 23.12 5.81 -0.46
CA GLU A 226 22.35 4.66 -0.95
C GLU A 226 21.80 3.81 0.20
N ASN A 227 22.60 3.63 1.26
CA ASN A 227 22.24 2.74 2.35
C ASN A 227 21.66 3.47 3.55
N THR A 228 20.88 4.53 3.31
CA THR A 228 20.30 5.37 4.34
C THR A 228 18.80 5.52 4.10
N PRO A 229 17.99 5.67 5.15
CA PRO A 229 16.57 5.99 4.94
C PRO A 229 16.40 7.24 4.09
N ILE A 230 15.41 7.19 3.19
CA ILE A 230 15.24 8.25 2.20
C ILE A 230 14.87 9.57 2.86
N LEU A 231 14.12 9.53 3.95
CA LEU A 231 13.80 10.75 4.70
C LEU A 231 14.96 11.24 5.54
N ILE A 232 16.05 10.48 5.63
CA ILE A 232 17.29 10.96 6.21
C ILE A 232 18.20 11.42 5.07
N THR A 233 18.12 10.70 3.94
CA THR A 233 18.94 11.04 2.79
C THR A 233 18.58 12.41 2.23
N ILE A 234 17.30 12.78 2.28
CA ILE A 234 16.87 14.09 1.79
C ILE A 234 17.58 15.20 2.54
N TYR A 235 17.94 14.96 3.80
CA TYR A 235 18.65 15.96 4.60
C TYR A 235 20.16 15.84 4.42
N ILE A 236 20.72 14.67 4.68
CA ILE A 236 22.17 14.52 4.75
C ILE A 236 22.86 14.72 3.41
N SER A 237 22.11 14.75 2.31
CA SER A 237 22.69 14.99 0.99
C SER A 237 22.70 16.45 0.60
N LEU A 238 22.10 17.33 1.40
CA LEU A 238 21.89 18.72 1.03
C LEU A 238 22.59 19.70 1.95
N ILE A 239 22.39 19.56 3.27
CA ILE A 239 22.94 20.54 4.21
C ILE A 239 24.46 20.59 4.19
N PRO A 240 25.19 19.47 4.22
CA PRO A 240 26.66 19.58 4.19
C PRO A 240 27.20 20.29 2.97
N LYS A 241 26.64 20.02 1.79
CA LYS A 241 27.09 20.70 0.58
C LYS A 241 26.88 22.20 0.68
N ILE A 242 25.68 22.61 1.12
CA ILE A 242 25.34 24.02 1.23
C ILE A 242 26.31 24.69 2.19
N SER A 243 26.49 24.08 3.37
CA SER A 243 27.36 24.69 4.38
C SER A 243 28.79 24.84 3.90
N ILE A 244 29.38 23.76 3.37
CA ILE A 244 30.78 23.80 2.99
C ILE A 244 31.00 24.74 1.80
N LEU A 245 30.15 24.63 0.77
CA LEU A 245 30.33 25.48 -0.41
C LEU A 245 30.02 26.94 -0.09
N SER A 246 29.14 27.19 0.88
CA SER A 246 28.84 28.56 1.26
C SER A 246 29.98 29.18 2.05
N TYR A 247 30.62 28.40 2.92
CA TYR A 247 31.82 28.90 3.57
C TYR A 247 32.94 29.15 2.57
N LEU A 248 33.12 28.22 1.63
CA LEU A 248 34.21 28.36 0.66
C LEU A 248 34.03 29.58 -0.23
N VAL A 249 32.81 29.81 -0.71
CA VAL A 249 32.58 30.93 -1.62
C VAL A 249 32.73 32.26 -0.90
N LEU A 250 32.19 32.35 0.32
CA LEU A 250 32.27 33.60 1.07
C LEU A 250 33.71 33.98 1.39
N SER A 251 34.54 33.02 1.80
CA SER A 251 35.95 33.27 2.09
C SER A 251 36.75 32.77 0.89
N ASN A 252 36.98 33.66 -0.07
CA ASN A 252 37.70 33.31 -1.29
C ASN A 252 39.18 33.08 -0.96
N ILE A 253 39.59 31.81 -0.93
CA ILE A 253 40.98 31.47 -0.66
C ILE A 253 41.63 30.66 -1.77
N SER A 254 40.86 29.99 -2.63
CA SER A 254 41.41 29.17 -3.71
C SER A 254 40.83 29.70 -5.02
N ILE A 255 41.50 30.70 -5.61
CA ILE A 255 41.08 31.31 -6.86
C ILE A 255 42.18 31.11 -7.88
N ASN A 256 41.78 30.83 -9.12
CA ASN A 256 42.71 30.55 -10.22
C ASN A 256 43.65 29.40 -9.87
N SER A 257 43.10 28.37 -9.22
CA SER A 257 43.87 27.22 -8.77
C SER A 257 43.74 26.10 -9.79
N LEU A 258 44.88 25.52 -10.18
CA LEU A 258 44.86 24.38 -11.09
C LEU A 258 44.32 23.14 -10.40
N VAL A 259 44.59 22.98 -9.10
CA VAL A 259 44.12 21.81 -8.37
C VAL A 259 42.61 21.78 -8.34
N ILE A 260 41.98 22.93 -8.04
CA ILE A 260 40.53 23.00 -8.02
C ILE A 260 39.97 22.80 -9.41
N SER A 261 40.67 23.30 -10.44
CA SER A 261 40.22 23.10 -11.82
C SER A 261 40.17 21.61 -12.16
N ILE A 262 41.26 20.90 -11.87
CA ILE A 262 41.32 19.47 -12.17
C ILE A 262 40.27 18.71 -11.37
N LEU A 263 40.12 19.04 -10.08
CA LEU A 263 39.15 18.35 -9.24
C LEU A 263 37.73 18.57 -9.74
N ALA A 264 37.39 19.81 -10.12
CA ALA A 264 36.06 20.10 -10.61
C ALA A 264 35.78 19.41 -11.94
N ILE A 265 36.75 19.42 -12.86
CA ILE A 265 36.56 18.76 -14.15
C ILE A 265 36.38 17.27 -13.94
N LEU A 266 37.21 16.66 -13.09
CA LEU A 266 37.11 15.22 -12.86
C LEU A 266 35.80 14.87 -12.17
N THR A 267 35.35 15.71 -11.23
CA THR A 267 34.07 15.48 -10.56
C THR A 267 32.92 15.56 -11.54
N LEU A 268 32.94 16.54 -12.45
CA LEU A 268 31.91 16.62 -13.48
C LEU A 268 31.91 15.37 -14.35
N LEU A 269 33.10 14.95 -14.80
CA LEU A 269 33.20 13.79 -15.67
C LEU A 269 32.70 12.52 -14.98
N VAL A 270 33.07 12.34 -13.71
CA VAL A 270 32.66 11.13 -12.98
C VAL A 270 31.16 11.16 -12.70
N GLY A 271 30.65 12.30 -12.24
CA GLY A 271 29.23 12.39 -11.96
C GLY A 271 28.36 12.23 -13.19
N SER A 272 28.87 12.64 -14.35
CA SER A 272 28.09 12.49 -15.57
C SER A 272 28.21 11.07 -16.13
N VAL A 273 29.43 10.65 -16.46
CA VAL A 273 29.63 9.32 -17.03
C VAL A 273 29.28 8.23 -16.02
N GLY A 274 29.70 8.42 -14.76
CA GLY A 274 29.40 7.42 -13.75
C GLY A 274 27.94 7.38 -13.36
N GLY A 275 27.21 8.47 -13.60
CA GLY A 275 25.77 8.46 -13.38
C GLY A 275 25.00 7.63 -14.38
N LEU A 276 25.58 7.39 -15.56
CA LEU A 276 24.93 6.58 -16.57
C LEU A 276 24.91 5.10 -16.21
N LEU A 277 25.71 4.69 -15.23
CA LEU A 277 25.86 3.29 -14.87
C LEU A 277 24.98 2.89 -13.69
N GLN A 278 24.06 3.75 -13.28
CA GLN A 278 23.26 3.51 -12.08
C GLN A 278 21.88 2.99 -12.43
N ILE A 279 21.46 1.94 -11.74
CA ILE A 279 20.11 1.42 -11.86
C ILE A 279 19.29 1.64 -10.60
N LYS A 280 19.91 2.01 -9.49
CA LYS A 280 19.18 2.33 -8.26
C LYS A 280 18.86 3.81 -8.23
N ILE A 281 17.65 4.14 -7.75
CA ILE A 281 17.19 5.52 -7.81
C ILE A 281 18.03 6.42 -6.93
N LYS A 282 18.37 5.95 -5.73
CA LYS A 282 19.12 6.80 -4.81
C LYS A 282 20.60 6.88 -5.19
N ARG A 283 21.17 5.83 -5.78
CA ARG A 283 22.50 5.96 -6.37
C ARG A 283 22.50 7.00 -7.48
N LEU A 284 21.46 6.99 -8.32
CA LEU A 284 21.34 7.99 -9.38
C LEU A 284 21.20 9.39 -8.82
N LEU A 285 20.42 9.55 -7.74
CA LEU A 285 20.27 10.87 -7.13
C LEU A 285 21.57 11.34 -6.50
N ALA A 286 22.32 10.43 -5.88
CA ALA A 286 23.61 10.80 -5.30
C ALA A 286 24.59 11.23 -6.39
N PHE A 287 24.60 10.53 -7.53
CA PHE A 287 25.48 10.94 -8.61
C PHE A 287 25.03 12.26 -9.23
N SER A 288 23.73 12.51 -9.30
CA SER A 288 23.25 13.82 -9.74
C SER A 288 23.70 14.91 -8.79
N GLY A 289 23.65 14.65 -7.48
CA GLY A 289 24.17 15.61 -6.52
C GLY A 289 25.66 15.84 -6.69
N LEU A 290 26.41 14.78 -6.99
CA LEU A 290 27.84 14.92 -7.26
C LEU A 290 28.07 15.83 -8.47
N THR A 291 27.31 15.61 -9.54
CA THR A 291 27.45 16.45 -10.73
C THR A 291 27.11 17.90 -10.42
N ASN A 292 26.03 18.13 -9.67
CA ASN A 292 25.62 19.48 -9.34
C ASN A 292 26.65 20.18 -8.45
N ALA A 293 27.27 19.42 -7.53
CA ALA A 293 28.36 19.97 -6.74
C ALA A 293 29.56 20.31 -7.63
N GLY A 294 29.82 19.47 -8.63
CA GLY A 294 30.87 19.79 -9.60
C GLY A 294 30.58 21.06 -10.36
N TYR A 295 29.30 21.34 -10.61
CA TYR A 295 28.93 22.61 -11.24
C TYR A 295 29.28 23.78 -10.35
N MET A 296 28.90 23.72 -9.07
CA MET A 296 29.14 24.83 -8.16
C MET A 296 30.62 24.95 -7.81
N MET A 297 31.33 23.83 -7.79
CA MET A 297 32.76 23.85 -7.49
C MET A 297 33.57 24.54 -8.58
N LEU A 298 33.01 24.67 -9.79
CA LEU A 298 33.65 25.48 -10.82
C LEU A 298 33.59 26.97 -10.48
N LEU A 299 32.59 27.40 -9.72
CA LEU A 299 32.48 28.82 -9.35
C LEU A 299 33.55 29.27 -8.38
N LEU A 300 34.26 28.34 -7.74
CA LEU A 300 35.36 28.71 -6.84
C LEU A 300 36.55 29.27 -7.60
N LEU A 301 36.57 29.15 -8.93
CA LEU A 301 37.66 29.60 -9.76
C LEU A 301 37.47 31.02 -10.26
N LEU A 302 36.47 31.74 -9.75
CA LEU A 302 35.97 32.92 -10.42
C LEU A 302 35.87 34.08 -9.45
N ASN A 303 35.98 35.30 -9.98
CA ASN A 303 35.77 36.51 -9.20
C ASN A 303 34.32 36.97 -9.32
N ASN A 304 33.83 37.59 -8.25
CA ASN A 304 32.46 38.08 -8.17
C ASN A 304 31.47 36.96 -8.50
N ASN A 305 31.50 35.92 -7.65
CA ASN A 305 30.66 34.75 -7.85
C ASN A 305 29.61 34.58 -6.76
N GLU A 306 29.20 35.67 -6.13
CA GLU A 306 28.19 35.57 -5.07
C GLU A 306 26.81 35.33 -5.65
N PHE A 307 26.38 36.16 -6.60
CA PHE A 307 25.03 36.04 -7.14
C PHE A 307 24.83 34.71 -7.85
N SER A 308 25.79 34.31 -8.67
CA SER A 308 25.67 33.05 -9.41
C SER A 308 25.57 31.87 -8.46
N TYR A 309 26.44 31.85 -7.44
CA TYR A 309 26.43 30.73 -6.51
C TYR A 309 25.14 30.71 -5.70
N LEU A 310 24.66 31.86 -5.24
CA LEU A 310 23.42 31.89 -4.49
C LEU A 310 22.24 31.41 -5.33
N TYR A 311 22.16 31.89 -6.57
CA TYR A 311 21.10 31.45 -7.47
C TYR A 311 21.15 29.94 -7.67
N TYR A 312 22.34 29.41 -7.96
CA TYR A 312 22.45 27.99 -8.25
C TYR A 312 22.17 27.15 -7.02
N ILE A 313 22.65 27.57 -5.84
CA ILE A 313 22.43 26.77 -4.65
C ILE A 313 20.94 26.78 -4.27
N THR A 314 20.27 27.92 -4.45
CA THR A 314 18.84 27.99 -4.15
C THR A 314 18.04 27.09 -5.08
N GLN A 315 18.30 27.19 -6.39
CA GLN A 315 17.54 26.39 -7.34
C GLN A 315 17.86 24.91 -7.18
N TYR A 316 19.13 24.58 -6.89
CA TYR A 316 19.50 23.19 -6.67
C TYR A 316 18.84 22.64 -5.42
N SER A 317 18.77 23.43 -4.35
CA SER A 317 18.08 22.97 -3.15
C SER A 317 16.61 22.73 -3.43
N ILE A 318 15.97 23.63 -4.16
CA ILE A 318 14.56 23.46 -4.49
C ILE A 318 14.36 22.19 -5.32
N SER A 319 15.21 21.98 -6.32
CA SER A 319 15.08 20.81 -7.19
C SER A 319 15.36 19.51 -6.43
N HIS A 320 16.38 19.52 -5.56
CA HIS A 320 16.69 18.36 -4.74
C HIS A 320 15.51 17.99 -3.86
N LEU A 321 14.97 18.97 -3.14
CA LEU A 321 13.82 18.71 -2.29
C LEU A 321 12.63 18.22 -3.11
N ALA A 322 12.39 18.83 -4.27
CA ALA A 322 11.26 18.45 -5.09
C ALA A 322 11.37 17.01 -5.58
N ILE A 323 12.55 16.62 -6.07
CA ILE A 323 12.70 15.27 -6.60
C ILE A 323 12.62 14.24 -5.48
N PHE A 324 13.17 14.56 -4.30
CA PHE A 324 13.07 13.62 -3.19
C PHE A 324 11.64 13.47 -2.71
N MET A 325 10.88 14.58 -2.66
CA MET A 325 9.46 14.48 -2.35
C MET A 325 8.71 13.68 -3.41
N ILE A 326 9.07 13.82 -4.68
CA ILE A 326 8.41 13.06 -5.74
C ILE A 326 8.65 11.58 -5.55
N ILE A 327 9.89 11.19 -5.23
CA ILE A 327 10.19 9.79 -5.00
C ILE A 327 9.46 9.27 -3.76
N ILE A 328 9.36 10.10 -2.72
CA ILE A 328 8.64 9.70 -1.51
C ILE A 328 7.16 9.52 -1.81
N PHE A 329 6.58 10.42 -2.62
CA PHE A 329 5.19 10.28 -3.03
C PHE A 329 4.99 8.99 -3.82
N SER A 330 5.96 8.64 -4.67
CA SER A 330 5.81 7.47 -5.53
C SER A 330 5.75 6.16 -4.75
N ILE A 331 6.08 6.19 -3.46
CA ILE A 331 6.10 4.98 -2.64
C ILE A 331 4.72 4.35 -2.52
N TYR A 332 3.66 5.15 -2.60
CA TYR A 332 2.31 4.64 -2.44
C TYR A 332 1.82 3.83 -3.64
N TYR A 333 2.50 3.92 -4.78
CA TYR A 333 2.02 3.31 -6.02
C TYR A 333 2.83 2.08 -6.43
N ILE A 334 3.39 1.37 -5.45
CA ILE A 334 4.13 0.14 -5.70
C ILE A 334 3.47 -0.95 -4.87
N ASN A 335 3.35 -2.15 -5.45
CA ASN A 335 2.65 -3.24 -4.79
C ASN A 335 3.52 -4.01 -3.81
N TYR A 336 4.80 -3.66 -3.67
CA TYR A 336 5.63 -4.28 -2.65
C TYR A 336 6.69 -3.28 -2.18
N ILE A 337 7.21 -3.56 -1.00
CA ILE A 337 8.19 -2.69 -0.33
C ILE A 337 9.44 -3.52 -0.07
N ASN A 338 10.59 -3.03 -0.51
CA ASN A 338 11.85 -3.71 -0.26
C ASN A 338 12.13 -3.78 1.23
N ASN A 339 12.26 -2.62 1.87
CA ASN A 339 12.34 -2.54 3.32
C ASN A 339 11.66 -1.26 3.78
N GLN A 340 11.28 -1.24 5.06
CA GLN A 340 10.47 -0.14 5.58
C GLN A 340 11.19 1.20 5.53
N TYR A 341 12.52 1.18 5.48
CA TYR A 341 13.29 2.43 5.45
C TYR A 341 13.52 2.95 4.04
N ASN A 342 13.63 2.05 3.06
CA ASN A 342 13.86 2.43 1.67
C ASN A 342 12.89 1.65 0.78
N PRO A 343 11.62 2.04 0.76
CA PRO A 343 10.62 1.26 0.00
C PRO A 343 10.92 1.13 -1.48
N ILE A 344 11.44 2.17 -2.11
CA ILE A 344 11.82 2.13 -3.52
C ILE A 344 13.33 2.17 -3.61
N ILE A 345 13.91 1.22 -4.32
CA ILE A 345 15.36 1.12 -4.48
C ILE A 345 15.77 1.23 -5.95
N TYR A 346 15.18 0.43 -6.81
CA TYR A 346 15.57 0.41 -8.21
C TYR A 346 14.71 1.36 -9.04
N VAL A 347 15.28 1.83 -10.14
CA VAL A 347 14.57 2.77 -11.01
C VAL A 347 13.37 2.12 -11.68
N ASN A 348 13.47 0.83 -12.05
CA ASN A 348 12.37 0.16 -12.71
C ASN A 348 11.14 0.01 -11.83
N GLN A 349 11.25 0.24 -10.52
CA GLN A 349 10.07 0.27 -9.68
C GLN A 349 9.16 1.44 -9.99
N LEU A 350 9.62 2.43 -10.76
CA LEU A 350 8.81 3.57 -11.17
C LEU A 350 8.29 3.44 -12.60
N LYS A 351 8.43 2.27 -13.21
CA LYS A 351 7.95 2.09 -14.58
C LYS A 351 6.44 2.26 -14.62
N GLY A 352 5.98 3.03 -15.60
CA GLY A 352 4.56 3.30 -15.74
C GLY A 352 3.94 4.07 -14.59
N LEU A 353 4.71 4.97 -13.97
CA LEU A 353 4.20 5.79 -12.89
C LEU A 353 3.22 6.84 -13.37
N ILE A 354 3.21 7.15 -14.68
CA ILE A 354 2.26 8.11 -15.22
C ILE A 354 0.84 7.60 -15.15
N HIS A 355 0.64 6.29 -15.03
CA HIS A 355 -0.69 5.69 -14.97
C HIS A 355 -1.21 5.55 -13.55
N ASP A 356 -0.45 5.96 -12.56
CA ASP A 356 -0.89 6.00 -11.16
C ASP A 356 -1.13 7.42 -10.68
N ASN A 357 -0.21 8.34 -10.99
CA ASN A 357 -0.40 9.76 -10.70
C ASN A 357 0.25 10.52 -11.85
N ALA A 358 -0.56 10.94 -12.83
CA ALA A 358 -0.02 11.59 -14.01
C ALA A 358 0.68 12.90 -13.67
N TYR A 359 0.10 13.67 -12.74
CA TYR A 359 0.68 14.95 -12.39
C TYR A 359 1.93 14.81 -11.55
N LEU A 360 2.07 13.71 -10.79
CA LEU A 360 3.34 13.45 -10.13
C LEU A 360 4.46 13.25 -11.15
N VAL A 361 4.18 12.52 -12.22
CA VAL A 361 5.17 12.35 -13.29
C VAL A 361 5.39 13.66 -14.02
N LEU A 362 4.36 14.49 -14.18
CA LEU A 362 4.57 15.81 -14.76
C LEU A 362 5.51 16.66 -13.91
N SER A 363 5.32 16.63 -12.59
CA SER A 363 6.20 17.36 -11.69
C SER A 363 7.63 16.82 -11.76
N MET A 364 7.77 15.50 -11.81
CA MET A 364 9.10 14.91 -11.92
C MET A 364 9.76 15.28 -13.24
N ALA A 365 8.98 15.36 -14.32
CA ALA A 365 9.50 15.82 -15.60
C ALA A 365 9.96 17.27 -15.52
N ILE A 366 9.19 18.12 -14.84
CA ILE A 366 9.61 19.51 -14.66
C ILE A 366 10.92 19.56 -13.91
N VAL A 367 11.04 18.78 -12.84
CA VAL A 367 12.26 18.81 -12.03
C VAL A 367 13.46 18.34 -12.82
N VAL A 368 13.32 17.24 -13.56
CA VAL A 368 14.47 16.71 -14.28
C VAL A 368 14.84 17.61 -15.45
N PHE A 369 13.85 18.26 -16.07
CA PHE A 369 14.18 19.21 -17.13
C PHE A 369 14.85 20.46 -16.58
N SER A 370 14.50 20.85 -15.35
CA SER A 370 15.25 21.91 -14.67
C SER A 370 16.68 21.47 -14.39
N PHE A 371 16.85 20.22 -13.97
CA PHE A 371 18.19 19.69 -13.72
C PHE A 371 19.03 19.71 -14.99
N ILE A 372 18.43 19.32 -16.11
CA ILE A 372 19.12 19.33 -17.39
C ILE A 372 19.52 20.73 -17.79
N GLY A 373 18.67 21.72 -17.49
CA GLY A 373 18.94 23.09 -17.89
C GLY A 373 18.17 23.50 -19.12
N ILE A 374 16.88 23.17 -19.14
CA ILE A 374 15.99 23.52 -20.25
C ILE A 374 15.25 24.80 -19.88
N PRO A 375 15.33 25.85 -20.69
CA PRO A 375 14.65 27.12 -20.34
C PRO A 375 13.14 26.95 -20.41
N PRO A 376 12.38 27.78 -19.67
CA PRO A 376 12.86 28.84 -18.78
C PRO A 376 12.93 28.41 -17.31
N LEU A 377 13.20 27.12 -17.08
CA LEU A 377 13.25 26.61 -15.72
C LEU A 377 14.47 27.15 -14.98
N LEU A 378 14.41 27.11 -13.65
CA LEU A 378 15.44 27.74 -12.83
C LEU A 378 16.82 27.12 -13.06
N GLY A 379 16.87 25.81 -13.32
CA GLY A 379 18.15 25.17 -13.55
C GLY A 379 18.86 25.74 -14.76
N PHE A 380 18.10 26.05 -15.82
CA PHE A 380 18.70 26.64 -17.01
C PHE A 380 19.33 27.99 -16.68
N PHE A 381 18.65 28.80 -15.87
CA PHE A 381 19.18 30.12 -15.54
C PHE A 381 20.40 30.01 -14.64
N GLY A 382 20.40 29.06 -13.71
CA GLY A 382 21.58 28.85 -12.89
C GLY A 382 22.78 28.42 -13.71
N LYS A 383 22.56 27.45 -14.61
CA LYS A 383 23.65 27.00 -15.46
C LYS A 383 24.10 28.10 -16.40
N LEU A 384 23.18 28.94 -16.88
CA LEU A 384 23.55 30.04 -17.75
C LEU A 384 24.38 31.08 -17.01
N ASN A 385 24.03 31.35 -15.75
CA ASN A 385 24.83 32.26 -14.94
C ASN A 385 26.24 31.72 -14.77
N ILE A 386 26.35 30.44 -14.44
CA ILE A 386 27.68 29.83 -14.27
C ILE A 386 28.47 29.89 -15.57
N LEU A 387 27.82 29.55 -16.68
CA LEU A 387 28.50 29.52 -17.97
C LEU A 387 28.95 30.92 -18.40
N MET A 388 28.09 31.92 -18.20
CA MET A 388 28.47 33.29 -18.54
C MET A 388 29.64 33.76 -17.68
N SER A 389 29.61 33.41 -16.39
CA SER A 389 30.69 33.79 -15.50
C SER A 389 32.02 33.16 -15.93
N ILE A 390 31.98 31.88 -16.33
CA ILE A 390 33.22 31.22 -16.73
C ILE A 390 33.69 31.68 -18.10
N LEU A 391 32.77 32.10 -18.97
CA LEU A 391 33.17 32.61 -20.29
C LEU A 391 33.72 34.03 -20.23
N ASN A 392 33.14 34.91 -19.43
CA ASN A 392 33.61 36.29 -19.48
C ASN A 392 34.92 36.51 -18.72
N ASN A 393 35.53 35.47 -18.13
CA ASN A 393 36.81 35.61 -17.45
C ASN A 393 37.89 34.71 -18.04
N GLY A 394 37.74 34.28 -19.28
CA GLY A 394 38.82 33.62 -19.99
C GLY A 394 38.90 32.12 -19.86
N TYR A 395 37.89 31.46 -19.31
CA TYR A 395 37.88 30.02 -19.16
C TYR A 395 36.97 29.41 -20.22
N TYR A 396 37.58 28.75 -21.20
CA TYR A 396 36.86 28.17 -22.33
C TYR A 396 36.79 26.65 -22.30
N PHE A 397 37.87 25.99 -21.87
CA PHE A 397 37.88 24.53 -21.83
C PHE A 397 36.86 24.01 -20.83
N ILE A 398 36.81 24.61 -19.64
CA ILE A 398 35.84 24.17 -18.65
C ILE A 398 34.42 24.48 -19.06
N SER A 399 34.22 25.46 -19.95
CA SER A 399 32.89 25.69 -20.51
C SER A 399 32.44 24.50 -21.35
N ILE A 400 33.31 24.02 -22.23
CA ILE A 400 32.99 22.83 -23.02
C ILE A 400 32.79 21.63 -22.11
N VAL A 401 33.62 21.52 -21.06
CA VAL A 401 33.47 20.42 -20.11
C VAL A 401 32.09 20.47 -19.45
N LEU A 402 31.67 21.67 -19.03
CA LEU A 402 30.36 21.83 -18.41
C LEU A 402 29.23 21.47 -19.37
N ILE A 403 29.36 21.88 -20.63
CA ILE A 403 28.32 21.58 -21.62
C ILE A 403 28.21 20.08 -21.84
N VAL A 404 29.36 19.42 -22.00
CA VAL A 404 29.37 17.97 -22.22
C VAL A 404 28.82 17.25 -21.01
N ALA A 405 29.17 17.71 -19.81
CA ALA A 405 28.63 17.12 -18.59
C ALA A 405 27.13 17.28 -18.51
N SER A 406 26.62 18.45 -18.93
CA SER A 406 25.18 18.67 -18.94
C SER A 406 24.49 17.71 -19.89
N LEU A 407 25.06 17.50 -21.08
CA LEU A 407 24.46 16.56 -22.02
C LEU A 407 24.46 15.14 -21.46
N ILE A 408 25.58 14.71 -20.86
CA ILE A 408 25.66 13.36 -20.34
C ILE A 408 24.73 13.16 -19.15
N SER A 409 24.57 14.18 -18.31
CA SER A 409 23.59 14.09 -17.23
C SER A 409 22.17 14.04 -17.77
N ALA A 410 21.89 14.84 -18.80
CA ALA A 410 20.58 14.80 -19.44
C ALA A 410 20.29 13.41 -19.97
N LEU A 411 21.31 12.67 -20.38
CA LEU A 411 21.09 11.30 -20.86
C LEU A 411 20.36 10.46 -19.80
N TYR A 412 20.88 10.43 -18.57
CA TYR A 412 20.24 9.57 -17.57
C TYR A 412 19.00 10.23 -16.96
N TYR A 413 18.90 11.56 -16.99
CA TYR A 413 17.63 12.18 -16.62
C TYR A 413 16.51 11.76 -17.58
N LEU A 414 16.80 11.78 -18.88
CA LEU A 414 15.85 11.30 -19.87
C LEU A 414 15.61 9.81 -19.72
N TYR A 415 16.61 9.06 -19.27
CA TYR A 415 16.36 7.66 -18.91
C TYR A 415 15.31 7.54 -17.81
N LEU A 416 15.43 8.36 -16.76
CA LEU A 416 14.45 8.30 -15.68
C LEU A 416 13.06 8.65 -16.20
N LEU A 417 12.97 9.68 -17.04
CA LEU A 417 11.69 10.00 -17.69
C LEU A 417 11.15 8.83 -18.49
N ASN A 418 12.01 8.23 -19.33
CA ASN A 418 11.57 7.16 -20.22
C ASN A 418 11.05 5.98 -19.42
N VAL A 419 11.72 5.64 -18.33
CA VAL A 419 11.23 4.57 -17.46
C VAL A 419 9.89 4.97 -16.84
N SER A 420 9.78 6.20 -16.36
CA SER A 420 8.60 6.61 -15.62
C SER A 420 7.38 6.88 -16.50
N ILE A 421 7.54 6.94 -17.83
CA ILE A 421 6.37 7.20 -18.67
C ILE A 421 6.05 5.99 -19.54
N GLN A 422 6.47 4.80 -19.11
CA GLN A 422 6.20 3.58 -19.86
C GLN A 422 4.75 3.15 -19.65
N ASP A 423 4.41 1.97 -20.18
CA ASP A 423 3.07 1.41 -20.05
C ASP A 423 3.03 0.43 -18.89
N LYS A 424 2.06 0.59 -18.00
CA LYS A 424 1.87 -0.31 -16.88
C LYS A 424 0.38 -0.61 -16.74
N ASN A 425 0.01 -1.87 -16.92
CA ASN A 425 -1.37 -2.32 -16.83
C ASN A 425 -1.73 -2.88 -15.46
N ASN A 426 -0.79 -2.86 -14.51
CA ASN A 426 -0.98 -3.54 -13.24
C ASN A 426 -2.01 -2.84 -12.38
N ILE A 427 -2.84 -3.63 -11.69
CA ILE A 427 -3.78 -3.10 -10.71
C ILE A 427 -3.09 -2.94 -9.37
N LEU A 428 -3.34 -1.83 -8.69
CA LEU A 428 -2.63 -1.48 -7.47
C LEU A 428 -3.52 -1.72 -6.25
N ILE A 429 -2.99 -2.46 -5.27
CA ILE A 429 -3.67 -2.57 -3.99
C ILE A 429 -3.52 -1.23 -3.28
N ASN A 430 -4.56 -0.83 -2.53
CA ASN A 430 -4.61 0.46 -1.84
C ASN A 430 -4.46 1.61 -2.85
N SER A 431 -5.46 1.71 -3.72
CA SER A 431 -5.47 2.75 -4.75
C SER A 431 -5.84 4.13 -4.22
N ASN A 432 -6.69 4.20 -3.20
CA ASN A 432 -7.17 5.48 -2.68
C ASN A 432 -6.83 5.62 -1.20
N GLU A 433 -6.36 6.81 -0.83
CA GLU A 433 -6.18 7.19 0.56
C GLU A 433 -5.89 8.69 0.63
N THR A 434 -6.18 9.32 1.76
CA THR A 434 -6.05 10.76 1.88
C THR A 434 -4.57 11.16 1.89
N VAL A 435 -4.11 11.71 0.77
CA VAL A 435 -2.77 12.31 0.72
C VAL A 435 -2.74 13.53 1.63
N SER A 436 -1.64 13.71 2.34
CA SER A 436 -1.51 14.86 3.21
C SER A 436 -1.61 16.16 2.42
N SER A 437 -2.44 17.09 2.91
CA SER A 437 -2.59 18.36 2.23
C SER A 437 -1.33 19.20 2.33
N VAL A 438 -0.65 19.15 3.48
CA VAL A 438 0.53 19.98 3.69
C VAL A 438 1.66 19.55 2.77
N LEU A 439 1.93 18.25 2.73
CA LEU A 439 3.04 17.76 1.91
C LEU A 439 2.78 17.97 0.43
N SER A 440 1.55 17.68 -0.01
CA SER A 440 1.21 17.89 -1.41
C SER A 440 1.29 19.36 -1.79
N TYR A 441 0.83 20.24 -0.90
CA TYR A 441 0.92 21.67 -1.18
C TYR A 441 2.36 22.15 -1.25
N ILE A 442 3.21 21.63 -0.36
CA ILE A 442 4.62 22.02 -0.38
C ILE A 442 5.28 21.54 -1.68
N LEU A 443 5.00 20.31 -2.07
CA LEU A 443 5.56 19.78 -3.33
C LEU A 443 5.09 20.63 -4.51
N SER A 444 3.80 20.97 -4.54
CA SER A 444 3.28 21.79 -5.63
C SER A 444 3.91 23.18 -5.63
N SER A 445 4.15 23.74 -4.43
CA SER A 445 4.81 25.04 -4.35
C SER A 445 6.23 24.97 -4.89
N LEU A 446 6.95 23.90 -4.58
CA LEU A 446 8.30 23.74 -5.11
C LEU A 446 8.27 23.62 -6.63
N ILE A 447 7.33 22.85 -7.16
CA ILE A 447 7.23 22.67 -8.61
C ILE A 447 6.90 24.00 -9.28
N ILE A 448 5.99 24.77 -8.69
CA ILE A 448 5.61 26.05 -9.28
C ILE A 448 6.76 27.06 -9.19
N LEU A 449 7.54 26.99 -8.11
CA LEU A 449 8.74 27.82 -8.02
C LEU A 449 9.69 27.49 -9.17
N ILE A 450 9.98 26.20 -9.36
CA ILE A 450 10.87 25.79 -10.45
C ILE A 450 10.31 26.27 -11.79
N THR A 451 8.99 26.18 -11.96
CA THR A 451 8.37 26.46 -13.26
C THR A 451 8.34 27.94 -13.59
N PHE A 452 8.03 28.80 -12.60
CA PHE A 452 7.76 30.20 -12.89
C PHE A 452 8.58 31.17 -12.04
N GLY A 453 9.75 30.75 -11.54
CA GLY A 453 10.58 31.69 -10.82
C GLY A 453 11.30 32.69 -11.70
N PHE A 454 11.45 32.36 -12.99
CA PHE A 454 12.19 33.23 -13.90
C PHE A 454 11.50 34.56 -14.11
N ILE A 455 10.20 34.66 -13.84
CA ILE A 455 9.51 35.93 -13.98
C ILE A 455 10.01 36.94 -12.96
N TYR A 456 10.66 36.47 -11.90
CA TYR A 456 11.19 37.32 -10.84
C TYR A 456 12.69 37.55 -10.98
N ASN A 457 13.28 37.23 -12.13
CA ASN A 457 14.74 37.25 -12.26
C ASN A 457 15.28 38.67 -12.16
N SER A 458 14.66 39.62 -12.84
CA SER A 458 15.13 41.01 -12.76
C SER A 458 15.01 41.55 -11.36
N LEU A 459 13.90 41.23 -10.67
CA LEU A 459 13.74 41.66 -9.29
C LEU A 459 14.82 41.06 -8.40
N ILE A 460 15.12 39.77 -8.60
CA ILE A 460 16.16 39.11 -7.81
C ILE A 460 17.51 39.79 -8.04
N ILE A 461 17.82 40.10 -9.30
CA ILE A 461 19.09 40.73 -9.61
C ILE A 461 19.19 42.09 -8.94
N ASP A 462 18.13 42.90 -9.02
CA ASP A 462 18.17 44.22 -8.40
C ASP A 462 18.26 44.13 -6.89
N ILE A 463 17.53 43.20 -6.28
CA ILE A 463 17.58 43.03 -4.83
C ILE A 463 18.99 42.62 -4.40
N PHE A 464 19.61 41.70 -5.13
CA PHE A 464 20.97 41.30 -4.80
C PHE A 464 21.94 42.47 -4.97
N ASN A 465 21.75 43.27 -6.01
CA ASN A 465 22.66 44.40 -6.25
C ASN A 465 22.57 45.43 -5.13
N VAL A 466 21.36 45.68 -4.61
CA VAL A 466 21.22 46.71 -3.59
C VAL A 466 21.52 46.19 -2.20
N TYR A 467 20.88 45.10 -1.79
CA TYR A 467 20.93 44.65 -0.40
C TYR A 467 22.17 43.79 -0.12
N PHE A 468 22.42 42.79 -0.96
CA PHE A 468 23.49 41.84 -0.68
C PHE A 468 24.87 42.35 -1.09
N ASN A 469 24.95 43.48 -1.79
CA ASN A 469 26.23 44.05 -2.18
C ASN A 469 26.31 45.52 -1.80
N ALA B 2 2.09 49.95 -9.95
CA ALA B 2 3.02 48.83 -10.09
C ALA B 2 2.56 47.64 -9.25
N LEU B 3 1.71 47.93 -8.26
CA LEU B 3 1.20 46.86 -7.40
C LEU B 3 0.33 45.87 -8.17
N PHE B 4 -0.44 46.35 -9.13
CA PHE B 4 -1.45 45.51 -9.77
C PHE B 4 -0.82 44.29 -10.42
N THR B 5 0.22 44.50 -11.24
CA THR B 5 0.82 43.38 -11.96
C THR B 5 1.47 42.38 -11.01
N SER B 6 2.19 42.88 -10.00
CA SER B 6 2.84 41.98 -9.05
C SER B 6 1.83 41.15 -8.28
N LEU B 7 0.78 41.80 -7.77
CA LEU B 7 -0.25 41.07 -7.04
C LEU B 7 -0.97 40.06 -7.93
N VAL B 8 -1.26 40.44 -9.18
CA VAL B 8 -1.95 39.52 -10.08
C VAL B 8 -1.08 38.31 -10.38
N GLY B 9 0.21 38.53 -10.67
CA GLY B 9 1.09 37.41 -10.93
C GLY B 9 1.25 36.49 -9.72
N ALA B 10 1.38 37.09 -8.53
CA ALA B 10 1.50 36.28 -7.33
C ALA B 10 0.23 35.48 -7.06
N SER B 11 -0.93 36.09 -7.27
CA SER B 11 -2.19 35.37 -7.10
C SER B 11 -2.31 34.24 -8.10
N GLY B 12 -1.87 34.47 -9.34
CA GLY B 12 -1.86 33.40 -10.32
C GLY B 12 -0.94 32.26 -9.92
N LEU B 13 0.21 32.59 -9.34
CA LEU B 13 1.11 31.55 -8.84
C LEU B 13 0.45 30.76 -7.71
N GLY B 14 -0.24 31.44 -6.81
CA GLY B 14 -0.95 30.75 -5.75
C GLY B 14 -2.06 29.85 -6.27
N PHE B 15 -2.80 30.32 -7.27
CA PHE B 15 -3.82 29.50 -7.90
C PHE B 15 -3.20 28.28 -8.55
N ALA B 16 -2.05 28.45 -9.21
CA ALA B 16 -1.37 27.31 -9.81
C ALA B 16 -0.92 26.31 -8.75
N THR B 17 -0.39 26.80 -7.63
CA THR B 17 0.03 25.90 -6.56
C THR B 17 -1.14 25.11 -6.01
N LYS B 18 -2.28 25.77 -5.78
CA LYS B 18 -3.45 25.06 -5.28
C LYS B 18 -3.96 24.04 -6.30
N PHE B 19 -4.01 24.42 -7.57
CA PHE B 19 -4.47 23.49 -8.61
C PHE B 19 -3.56 22.27 -8.69
N LEU B 20 -2.25 22.49 -8.67
CA LEU B 20 -1.32 21.37 -8.74
C LEU B 20 -1.38 20.51 -7.49
N SER B 21 -1.59 21.13 -6.32
CA SER B 21 -1.76 20.37 -5.09
C SER B 21 -2.98 19.46 -5.19
N ASN B 22 -4.08 20.00 -5.70
CA ASN B 22 -5.28 19.18 -5.88
C ASN B 22 -5.04 18.05 -6.86
N LYS B 23 -4.37 18.34 -7.97
CA LYS B 23 -4.20 17.34 -9.02
C LYS B 23 -3.19 16.25 -8.66
N ILE B 24 -2.17 16.55 -7.85
CA ILE B 24 -1.24 15.49 -7.47
C ILE B 24 -1.81 14.59 -6.38
N ARG B 25 -2.83 15.04 -5.66
CA ARG B 25 -3.54 14.20 -4.71
C ARG B 25 -4.62 13.33 -5.37
N LEU B 26 -4.66 13.31 -6.70
CA LEU B 26 -5.71 12.63 -7.45
C LEU B 26 -7.10 13.13 -7.01
N LYS B 27 -7.20 14.44 -6.85
CA LYS B 27 -8.42 15.12 -6.48
C LYS B 27 -8.84 16.06 -7.62
N PRO B 28 -10.14 16.22 -7.85
CA PRO B 28 -10.58 17.09 -8.95
C PRO B 28 -10.25 18.55 -8.66
N ALA B 29 -10.03 19.30 -9.72
CA ALA B 29 -9.86 20.74 -9.59
C ALA B 29 -11.12 21.35 -8.99
N GLY B 30 -10.93 22.33 -8.12
CA GLY B 30 -12.03 22.90 -7.37
C GLY B 30 -12.29 22.23 -6.04
N TYR B 31 -11.56 21.18 -5.69
CA TYR B 31 -11.69 20.58 -4.38
C TYR B 31 -11.30 21.60 -3.32
N TYR B 32 -12.18 21.77 -2.33
CA TYR B 32 -12.03 22.80 -1.30
C TYR B 32 -11.77 24.14 -1.96
N PRO B 33 -12.79 24.75 -2.59
CA PRO B 33 -12.55 25.99 -3.34
C PRO B 33 -12.02 27.13 -2.49
N LEU B 34 -12.28 27.14 -1.19
CA LEU B 34 -11.71 28.16 -0.32
C LEU B 34 -10.18 28.06 -0.28
N GLY B 35 -9.64 26.87 -0.54
CA GLY B 35 -8.20 26.72 -0.61
C GLY B 35 -7.57 27.52 -1.72
N TYR B 36 -8.27 27.66 -2.85
CA TYR B 36 -7.80 28.53 -3.91
C TYR B 36 -7.65 29.97 -3.40
N VAL B 37 -8.66 30.45 -2.68
CA VAL B 37 -8.62 31.81 -2.14
C VAL B 37 -7.47 31.97 -1.17
N PHE B 38 -7.31 31.00 -0.25
CA PHE B 38 -6.25 31.11 0.74
C PHE B 38 -4.87 31.10 0.09
N SER B 39 -4.65 30.19 -0.86
CA SER B 39 -3.37 30.11 -1.55
C SER B 39 -3.09 31.39 -2.32
N GLY B 40 -4.10 31.90 -3.03
CA GLY B 40 -3.92 33.13 -3.77
C GLY B 40 -3.59 34.32 -2.87
N VAL B 41 -4.28 34.42 -1.74
CA VAL B 41 -4.03 35.54 -0.82
C VAL B 41 -2.63 35.43 -0.23
N ALA B 42 -2.21 34.23 0.18
CA ALA B 42 -0.88 34.08 0.76
C ALA B 42 0.20 34.44 -0.26
N TRP B 43 0.08 33.91 -1.48
CA TRP B 43 1.08 34.22 -2.49
C TRP B 43 1.04 35.68 -2.90
N ALA B 44 -0.14 36.30 -2.90
CA ALA B 44 -0.24 37.72 -3.20
C ALA B 44 0.43 38.56 -2.12
N GLY B 45 0.29 38.16 -0.86
CA GLY B 45 1.01 38.86 0.20
C GLY B 45 2.52 38.73 0.06
N LEU B 46 2.99 37.52 -0.29
CA LEU B 46 4.41 37.34 -0.55
C LEU B 46 4.88 38.23 -1.71
N GLY B 47 4.09 38.28 -2.78
CA GLY B 47 4.44 39.12 -3.90
C GLY B 47 4.42 40.60 -3.56
N LEU B 48 3.50 41.01 -2.67
CA LEU B 48 3.44 42.39 -2.24
C LEU B 48 4.67 42.76 -1.42
N VAL B 49 5.11 41.86 -0.55
CA VAL B 49 6.35 42.07 0.19
C VAL B 49 7.52 42.20 -0.77
N LEU B 50 7.59 41.29 -1.75
CA LEU B 50 8.66 41.36 -2.74
C LEU B 50 8.62 42.66 -3.52
N HIS B 51 7.41 43.14 -3.86
CA HIS B 51 7.29 44.38 -4.60
C HIS B 51 7.77 45.57 -3.78
N ASN B 52 7.44 45.61 -2.48
CA ASN B 52 7.93 46.71 -1.66
C ASN B 52 9.45 46.69 -1.53
N VAL B 53 10.03 45.49 -1.34
CA VAL B 53 11.48 45.41 -1.21
C VAL B 53 12.15 45.79 -2.53
N HIS B 54 11.56 45.39 -3.66
CA HIS B 54 12.10 45.76 -4.96
C HIS B 54 11.95 47.25 -5.22
N GLN B 55 10.88 47.86 -4.72
CA GLN B 55 10.74 49.31 -4.85
C GLN B 55 11.82 50.04 -4.07
N HIS B 56 12.13 49.56 -2.87
CA HIS B 56 13.26 50.11 -2.13
C HIS B 56 14.56 49.92 -2.90
N SER B 57 14.73 48.75 -3.52
CA SER B 57 15.92 48.47 -4.32
C SER B 57 16.05 49.46 -5.48
N LEU B 58 14.96 49.68 -6.22
CA LEU B 58 15.00 50.60 -7.34
C LEU B 58 15.24 52.04 -6.87
N GLU B 59 14.65 52.42 -5.74
CA GLU B 59 14.87 53.76 -5.20
C GLU B 59 16.34 53.96 -4.85
N VAL B 60 16.96 52.95 -4.25
CA VAL B 60 18.39 53.06 -3.92
C VAL B 60 19.24 53.10 -5.18
N LEU B 61 18.89 52.29 -6.19
CA LEU B 61 19.66 52.27 -7.42
C LEU B 61 19.64 53.61 -8.14
N GLU B 62 18.49 54.28 -8.14
CA GLU B 62 18.38 55.57 -8.81
C GLU B 62 19.30 56.61 -8.18
N LYS B 63 19.49 56.53 -6.85
CA LYS B 63 20.34 57.48 -6.15
C LYS B 63 21.78 57.41 -6.65
N LYS B 64 22.31 56.20 -6.81
CA LYS B 64 23.68 56.05 -7.30
C LYS B 64 23.79 56.50 -8.75
N LYS B 65 22.81 56.13 -9.58
CA LYS B 65 22.84 56.51 -10.99
C LYS B 65 22.72 58.01 -11.17
N THR B 66 21.88 58.66 -10.35
CA THR B 66 21.74 60.11 -10.45
C THR B 66 23.04 60.82 -10.13
N ALA B 67 23.75 60.37 -9.10
CA ALA B 67 25.01 60.99 -8.72
C ALA B 67 26.13 60.54 -9.65
N MET C 1 13.25 5.50 -26.20
CA MET C 1 13.82 4.19 -25.90
C MET C 1 15.08 4.31 -25.04
N SER C 2 15.39 3.25 -24.29
CA SER C 2 16.58 3.24 -23.46
C SER C 2 17.86 3.23 -24.30
N ALA C 3 17.78 2.74 -25.53
CA ALA C 3 18.88 2.77 -26.50
C ALA C 3 20.07 2.00 -25.95
N ASN C 4 21.28 2.37 -26.38
CA ASN C 4 22.54 1.72 -26.01
C ASN C 4 22.77 1.63 -24.49
N PRO C 5 22.48 2.70 -23.70
CA PRO C 5 22.72 2.60 -22.24
C PRO C 5 22.05 1.41 -21.56
N ALA C 6 21.11 0.75 -22.24
CA ALA C 6 20.52 -0.46 -21.69
C ALA C 6 21.56 -1.57 -21.52
N ILE C 7 22.61 -1.58 -22.34
CA ILE C 7 23.66 -2.59 -22.23
C ILE C 7 24.84 -2.11 -21.41
N VAL C 8 24.87 -0.82 -21.03
CA VAL C 8 26.00 -0.27 -20.29
C VAL C 8 25.74 -0.40 -18.79
N ARG C 9 24.47 -0.31 -18.40
CA ARG C 9 24.09 -0.42 -17.00
C ARG C 9 24.24 -1.87 -16.53
N PRO C 10 24.34 -2.09 -15.21
CA PRO C 10 24.33 -3.47 -14.70
C PRO C 10 23.05 -4.19 -15.11
N THR C 11 23.20 -5.43 -15.53
CA THR C 11 22.06 -6.20 -15.98
C THR C 11 21.14 -6.55 -14.82
N GLU C 12 19.84 -6.59 -15.09
CA GLU C 12 18.83 -6.94 -14.10
C GLU C 12 18.15 -8.23 -14.51
N THR C 13 17.87 -9.08 -13.52
CA THR C 13 17.23 -10.36 -13.76
C THR C 13 16.07 -10.54 -12.79
N THR C 14 15.10 -11.33 -13.22
CA THR C 14 13.94 -11.63 -12.38
C THR C 14 14.16 -12.84 -11.49
N GLU C 15 15.27 -13.56 -11.65
CA GLU C 15 15.56 -14.73 -10.84
C GLU C 15 17.05 -15.01 -10.89
N GLN C 16 17.50 -15.89 -10.00
CA GLN C 16 18.87 -16.35 -9.99
C GLN C 16 18.90 -17.78 -9.46
N VAL C 17 19.31 -18.71 -10.30
CA VAL C 17 19.35 -20.12 -9.91
C VAL C 17 20.58 -20.32 -9.03
N LEU C 18 20.34 -20.51 -7.73
CA LEU C 18 21.44 -20.68 -6.79
C LEU C 18 22.09 -22.05 -6.95
N VAL C 19 21.32 -23.12 -6.76
CA VAL C 19 21.83 -24.47 -6.96
C VAL C 19 20.92 -25.17 -7.97
N ASN C 20 21.55 -25.81 -8.95
CA ASN C 20 20.85 -26.46 -10.07
C ASN C 20 21.40 -27.87 -10.19
N PHE C 21 20.63 -28.85 -9.74
CA PHE C 21 21.04 -30.24 -9.80
C PHE C 21 20.68 -30.90 -11.13
N THR C 22 20.03 -30.19 -12.04
CA THR C 22 19.71 -30.78 -13.34
C THR C 22 20.98 -31.09 -14.13
N LYS C 23 21.96 -30.19 -14.10
CA LYS C 23 23.22 -30.42 -14.78
C LYS C 23 23.99 -31.54 -14.09
N PRO C 24 24.79 -32.30 -14.86
CA PRO C 24 25.48 -33.47 -14.28
C PRO C 24 26.80 -33.15 -13.60
N ASN C 25 27.04 -31.87 -13.29
CA ASN C 25 28.27 -31.43 -12.65
C ASN C 25 27.95 -30.63 -11.39
N SER C 26 27.09 -31.19 -10.54
CA SER C 26 26.56 -30.47 -9.40
C SER C 26 27.36 -30.69 -8.11
N LEU C 27 28.09 -31.80 -7.99
CA LEU C 27 28.90 -31.99 -6.79
C LEU C 27 29.99 -30.94 -6.67
N GLU C 28 30.49 -30.43 -7.79
CA GLU C 28 31.53 -29.42 -7.75
C GLU C 28 31.03 -28.08 -7.24
N THR C 29 29.70 -27.90 -7.15
CA THR C 29 29.12 -26.65 -6.67
C THR C 29 28.83 -26.67 -5.18
N VAL C 30 28.63 -27.85 -4.59
CA VAL C 30 28.10 -27.97 -3.25
C VAL C 30 28.98 -28.90 -2.42
N LEU C 31 28.97 -28.68 -1.11
CA LEU C 31 29.77 -29.44 -0.16
C LEU C 31 28.90 -29.89 1.00
N THR C 32 29.17 -31.08 1.52
CA THR C 32 28.38 -31.71 2.56
C THR C 32 29.14 -31.74 3.87
N LYS C 33 28.39 -31.69 4.98
CA LYS C 33 29.00 -31.63 6.31
C LYS C 33 28.08 -32.35 7.28
N CYS C 34 28.56 -33.46 7.84
CA CYS C 34 27.91 -34.16 8.93
C CYS C 34 28.64 -33.86 10.23
N ASP C 35 28.26 -34.55 11.30
CA ASP C 35 28.87 -34.33 12.61
C ASP C 35 30.11 -35.18 12.84
N GLU C 36 30.60 -35.91 11.84
CA GLU C 36 31.83 -36.67 12.03
C GLU C 36 33.01 -35.77 12.33
N GLU C 37 32.94 -34.50 11.92
CA GLU C 37 33.97 -33.54 12.31
C GLU C 37 33.97 -33.33 13.82
N LEU C 38 32.81 -33.45 14.46
CA LEU C 38 32.72 -33.43 15.91
C LEU C 38 32.85 -34.82 16.53
N GLY C 39 32.96 -35.86 15.72
CA GLY C 39 33.04 -37.22 16.21
C GLY C 39 31.73 -37.99 16.19
N GLY C 40 30.66 -37.41 15.65
CA GLY C 40 29.38 -38.07 15.63
C GLY C 40 29.34 -39.23 14.66
N TYR C 41 28.29 -40.04 14.78
CA TYR C 41 28.13 -41.25 13.99
C TYR C 41 27.15 -41.08 12.83
N SER C 42 26.66 -39.87 12.59
CA SER C 42 25.71 -39.62 11.51
C SER C 42 26.48 -39.35 10.23
N THR C 43 26.14 -40.07 9.17
CA THR C 43 26.81 -39.93 7.88
C THR C 43 25.95 -39.09 6.93
N VAL C 44 26.61 -38.52 5.92
CA VAL C 44 25.95 -37.72 4.90
C VAL C 44 26.51 -38.13 3.54
N ASN C 45 25.62 -38.36 2.59
CA ASN C 45 26.02 -38.69 1.24
C ASN C 45 25.15 -37.90 0.27
N LEU C 46 25.70 -37.65 -0.92
CA LEU C 46 25.00 -36.89 -1.95
C LEU C 46 25.24 -37.53 -3.30
N ALA C 47 24.21 -37.55 -4.14
CA ALA C 47 24.33 -38.18 -5.45
C ALA C 47 23.29 -37.61 -6.39
N LEU C 48 23.57 -37.69 -7.69
CA LEU C 48 22.62 -37.27 -8.72
C LEU C 48 21.84 -38.47 -9.22
N GLU C 49 20.52 -38.33 -9.26
CA GLU C 49 19.62 -39.35 -9.79
C GLU C 49 18.98 -38.84 -11.07
N ARG C 50 19.10 -39.63 -12.13
CA ARG C 50 18.60 -39.28 -13.46
C ARG C 50 17.59 -40.35 -13.87
N PRO C 51 16.32 -40.18 -13.54
CA PRO C 51 15.31 -41.16 -13.93
C PRO C 51 14.93 -41.01 -15.40
N THR C 52 14.33 -42.07 -15.94
CA THR C 52 13.85 -42.03 -17.31
C THR C 52 12.76 -40.98 -17.48
N THR C 53 11.85 -40.88 -16.51
CA THR C 53 10.77 -39.90 -16.52
C THR C 53 11.06 -38.82 -15.48
N GLY C 54 10.92 -37.56 -15.88
CA GLY C 54 11.16 -36.45 -15.00
C GLY C 54 12.59 -35.93 -15.08
N LYS C 55 12.76 -34.71 -14.57
CA LYS C 55 14.06 -34.07 -14.59
C LYS C 55 15.01 -34.72 -13.58
N PRO C 56 16.31 -34.66 -13.85
CA PRO C 56 17.27 -35.18 -12.88
C PRO C 56 17.29 -34.34 -11.61
N TYR C 57 17.64 -34.97 -10.50
CA TYR C 57 17.61 -34.31 -9.21
C TYR C 57 18.79 -34.81 -8.38
N GLY C 58 18.88 -34.31 -7.16
CA GLY C 58 19.95 -34.73 -6.25
C GLY C 58 19.38 -35.27 -4.96
N ARG C 59 20.09 -36.25 -4.38
CA ARG C 59 19.65 -36.94 -3.18
C ARG C 59 20.55 -36.54 -2.02
N PHE C 60 19.97 -35.84 -1.05
CA PHE C 60 20.64 -35.52 0.21
C PHE C 60 20.08 -36.46 1.27
N PHE C 61 20.82 -37.53 1.54
CA PHE C 61 20.36 -38.59 2.42
C PHE C 61 21.42 -38.95 3.44
N GLY C 62 21.00 -39.70 4.45
CA GLY C 62 21.93 -40.15 5.47
C GLY C 62 21.19 -40.78 6.64
N ASN C 63 21.94 -40.99 7.72
CA ASN C 63 21.41 -41.57 8.96
C ASN C 63 21.74 -40.60 10.09
N LEU C 64 20.81 -39.71 10.42
CA LEU C 64 21.06 -38.68 11.42
C LEU C 64 20.96 -39.30 12.81
N SER C 65 22.12 -39.70 13.33
CA SER C 65 22.20 -40.21 14.68
C SER C 65 22.32 -39.06 15.68
N LEU C 66 21.97 -39.36 16.93
CA LEU C 66 22.03 -38.36 18.00
C LEU C 66 22.69 -38.98 19.24
N ASP C 67 23.82 -39.65 19.03
CA ASP C 67 24.57 -40.26 20.12
C ASP C 67 25.81 -39.44 20.43
N LEU C 68 26.02 -39.17 21.71
CA LEU C 68 27.16 -38.37 22.13
C LEU C 68 28.45 -39.14 21.93
N PRO C 69 29.41 -38.64 21.15
CA PRO C 69 30.63 -39.41 20.88
C PRO C 69 31.43 -39.66 22.15
N LYS C 70 32.08 -40.81 22.20
CA LYS C 70 32.87 -41.24 23.35
C LYS C 70 34.35 -40.93 23.19
N ASP C 71 34.68 -39.84 22.48
CA ASP C 71 36.07 -39.46 22.27
C ASP C 71 36.44 -38.18 23.02
N ASN C 72 35.70 -37.09 22.81
CA ASN C 72 36.00 -35.82 23.45
C ASN C 72 35.07 -35.49 24.60
N LYS C 73 33.83 -35.96 24.57
CA LYS C 73 32.82 -35.83 25.62
C LYS C 73 32.34 -34.40 25.82
N MET C 74 32.90 -33.42 25.12
CA MET C 74 32.56 -32.02 25.35
C MET C 74 31.75 -31.44 24.19
N VAL C 75 30.83 -32.23 23.65
CA VAL C 75 30.03 -31.83 22.51
C VAL C 75 28.56 -31.64 22.88
N THR C 76 28.06 -32.45 23.81
CA THR C 76 26.66 -32.41 24.25
C THR C 76 25.75 -32.71 23.06
N ARG C 77 25.07 -31.70 22.53
CA ARG C 77 24.24 -31.89 21.36
C ARG C 77 25.11 -32.20 20.15
N SER C 78 25.05 -33.44 19.68
CA SER C 78 25.97 -33.94 18.66
C SER C 78 25.20 -34.62 17.53
N GLY C 79 24.17 -33.94 17.03
CA GLY C 79 23.46 -34.43 15.86
C GLY C 79 23.08 -33.32 14.90
N PHE C 80 23.57 -33.42 13.66
CA PHE C 80 23.23 -32.47 12.60
C PHE C 80 23.79 -33.02 11.30
N ALA C 81 23.28 -32.48 10.19
CA ALA C 81 23.68 -32.92 8.85
C ALA C 81 23.21 -31.88 7.86
N MET C 82 24.11 -31.37 7.02
CA MET C 82 23.78 -30.27 6.14
C MET C 82 24.60 -30.32 4.87
N PHE C 83 24.15 -29.57 3.87
CA PHE C 83 24.88 -29.36 2.63
C PHE C 83 24.70 -27.90 2.22
N ARG C 84 25.77 -27.29 1.71
CA ARG C 84 25.72 -25.88 1.34
C ARG C 84 26.61 -25.64 0.12
N THR C 85 26.28 -24.58 -0.61
CA THR C 85 27.07 -24.24 -1.79
C THR C 85 28.50 -23.91 -1.40
N LEU C 86 29.42 -24.11 -2.35
CA LEU C 86 30.83 -23.93 -2.08
C LEU C 86 31.11 -22.49 -1.69
N ASP C 87 32.17 -22.31 -0.89
CA ASP C 87 32.48 -21.00 -0.31
C ASP C 87 32.65 -19.96 -1.41
N GLN C 88 32.08 -18.79 -1.18
CA GLN C 88 32.13 -17.71 -2.16
C GLN C 88 33.53 -17.10 -2.19
N PRO C 89 34.21 -17.09 -3.35
CA PRO C 89 35.56 -16.53 -3.46
C PRO C 89 35.60 -15.02 -3.23
N THR C 95 33.11 -12.36 -8.14
CA THR C 95 32.60 -11.49 -7.08
C THR C 95 32.66 -12.21 -5.73
N ASN C 96 32.95 -11.45 -4.67
CA ASN C 96 33.11 -12.03 -3.34
C ASN C 96 31.78 -12.37 -2.67
N ALA C 97 30.65 -11.98 -3.25
CA ALA C 97 29.36 -12.25 -2.63
C ALA C 97 28.26 -12.12 -3.68
N TRP C 98 27.12 -12.70 -3.36
CA TRP C 98 25.93 -12.58 -4.20
C TRP C 98 25.21 -11.28 -3.91
N ASN C 99 24.23 -10.96 -4.76
CA ASN C 99 23.42 -9.74 -4.63
C ASN C 99 21.96 -10.12 -4.79
N TRP C 100 21.20 -10.02 -3.71
CA TRP C 100 19.79 -10.39 -3.68
C TRP C 100 18.87 -9.19 -3.44
N GLU C 101 19.39 -7.97 -3.61
CA GLU C 101 18.62 -6.78 -3.23
C GLU C 101 17.37 -6.59 -4.08
N GLN C 102 17.33 -7.14 -5.29
CA GLN C 102 16.16 -7.05 -6.15
C GLN C 102 15.32 -8.32 -6.10
N TYR C 103 15.55 -9.17 -5.10
CA TYR C 103 14.87 -10.45 -4.96
C TYR C 103 14.09 -10.46 -3.66
N ARG C 104 13.00 -11.22 -3.63
CA ARG C 104 12.11 -11.23 -2.48
C ARG C 104 11.83 -12.61 -1.91
N HIS C 105 11.83 -13.65 -2.73
CA HIS C 105 11.49 -15.00 -2.27
C HIS C 105 12.57 -15.98 -2.69
N LEU C 106 12.53 -17.15 -2.05
CA LEU C 106 13.43 -18.25 -2.34
C LEU C 106 12.58 -19.48 -2.68
N GLU C 107 12.83 -20.08 -3.83
CA GLU C 107 12.04 -21.19 -4.35
C GLU C 107 12.87 -22.47 -4.31
N LEU C 108 12.36 -23.49 -3.64
CA LEU C 108 13.04 -24.77 -3.51
C LEU C 108 12.13 -25.87 -4.06
N ARG C 109 12.57 -26.54 -5.11
CA ARG C 109 11.79 -27.61 -5.73
C ARG C 109 12.26 -28.93 -5.13
N VAL C 110 11.56 -29.41 -4.09
CA VAL C 110 12.02 -30.54 -3.31
C VAL C 110 10.91 -31.58 -3.23
N ARG C 111 11.32 -32.82 -2.92
CA ARG C 111 10.39 -33.93 -2.65
C ARG C 111 10.85 -34.56 -1.34
N GLY C 112 10.36 -34.01 -0.22
CA GLY C 112 10.86 -34.35 1.09
C GLY C 112 10.13 -35.53 1.72
N ASP C 113 10.49 -35.78 2.99
CA ASP C 113 9.86 -36.82 3.78
C ASP C 113 9.43 -36.25 5.12
N ARG C 114 9.07 -37.13 6.06
CA ARG C 114 8.59 -36.67 7.37
C ARG C 114 9.69 -36.01 8.20
N ARG C 115 10.96 -36.11 7.80
CA ARG C 115 12.02 -35.47 8.54
C ARG C 115 11.92 -33.95 8.40
N LYS C 116 12.60 -33.24 9.30
CA LYS C 116 12.34 -31.83 9.56
C LYS C 116 13.55 -31.04 9.10
N TYR C 117 13.45 -30.37 7.96
CA TYR C 117 14.58 -29.72 7.33
C TYR C 117 14.59 -28.21 7.59
N PHE C 118 15.75 -27.61 7.32
CA PHE C 118 15.97 -26.18 7.48
C PHE C 118 16.66 -25.63 6.24
N VAL C 119 16.41 -24.36 5.94
CA VAL C 119 17.13 -23.63 4.92
C VAL C 119 18.08 -22.67 5.62
N ASN C 120 19.37 -22.77 5.29
CA ASN C 120 20.43 -22.00 5.92
C ASN C 120 21.04 -21.05 4.90
N VAL C 121 21.31 -19.82 5.33
CA VAL C 121 21.90 -18.80 4.48
C VAL C 121 23.05 -18.14 5.25
N GLN C 122 24.23 -18.11 4.64
CA GLN C 122 25.39 -17.44 5.19
C GLN C 122 25.63 -16.17 4.37
N SER C 123 25.60 -15.03 5.05
CA SER C 123 25.80 -13.73 4.43
C SER C 123 26.73 -12.92 5.32
N ALA C 124 26.88 -11.64 5.01
CA ALA C 124 27.73 -10.77 5.80
C ALA C 124 27.05 -10.45 7.13
N THR C 125 27.66 -10.92 8.22
CA THR C 125 27.13 -10.74 9.57
C THR C 125 28.27 -10.31 10.47
N PRO C 126 27.96 -9.63 11.58
CA PRO C 126 29.04 -9.26 12.52
C PRO C 126 29.81 -10.46 13.06
N LEU C 127 29.15 -11.60 13.23
CA LEU C 127 29.79 -12.83 13.67
C LEU C 127 29.87 -13.80 12.51
N ALA C 128 31.05 -14.38 12.30
CA ALA C 128 31.26 -15.27 11.16
C ALA C 128 30.46 -16.57 11.28
N SER C 129 29.98 -16.90 12.47
CA SER C 129 29.19 -18.11 12.69
C SER C 129 27.69 -17.86 12.63
N ASP C 130 27.27 -16.61 12.41
CA ASP C 130 25.85 -16.31 12.30
C ASP C 130 25.25 -16.95 11.06
N LEU C 131 23.98 -17.32 11.15
CA LEU C 131 23.32 -18.07 10.09
C LEU C 131 21.85 -17.65 10.05
N TYR C 132 21.33 -17.41 8.86
CA TYR C 132 19.92 -17.10 8.67
C TYR C 132 19.18 -18.39 8.37
N GLN C 133 18.25 -18.76 9.25
CA GLN C 133 17.59 -20.06 9.16
C GLN C 133 16.10 -19.87 8.98
N HIS C 134 15.51 -20.72 8.16
CA HIS C 134 14.06 -20.79 8.03
C HIS C 134 13.66 -22.23 7.78
N ARG C 135 12.77 -22.76 8.60
CA ARG C 135 12.41 -24.17 8.49
C ARG C 135 11.76 -24.46 7.14
N LEU C 136 12.19 -25.55 6.52
CA LEU C 136 11.67 -25.97 5.23
C LEU C 136 10.35 -26.72 5.45
N PHE C 137 9.25 -26.04 5.19
CA PHE C 137 7.91 -26.58 5.46
C PHE C 137 7.53 -27.53 4.33
N ILE C 138 7.61 -28.82 4.61
CA ILE C 138 7.17 -29.85 3.67
C ILE C 138 5.68 -30.10 3.91
N GLN C 139 4.87 -29.93 2.87
CA GLN C 139 3.43 -30.06 2.99
C GLN C 139 2.89 -31.36 2.44
N THR C 140 3.46 -31.88 1.35
CA THR C 140 3.01 -33.10 0.70
C THR C 140 4.20 -34.04 0.56
N PRO C 141 4.58 -34.74 1.63
CA PRO C 141 5.72 -35.66 1.54
C PRO C 141 5.48 -36.76 0.51
N GLY C 142 6.55 -37.13 -0.18
CA GLY C 142 6.48 -38.14 -1.21
C GLY C 142 6.15 -37.63 -2.59
N GLU C 143 5.83 -36.34 -2.73
CA GLU C 143 5.50 -35.75 -4.03
C GLU C 143 6.29 -34.46 -4.19
N TRP C 144 6.66 -34.17 -5.44
CA TRP C 144 7.40 -32.94 -5.73
C TRP C 144 6.58 -31.73 -5.35
N GLU C 145 7.25 -30.73 -4.78
CA GLU C 145 6.57 -29.49 -4.41
C GLU C 145 7.56 -28.34 -4.41
N THR C 146 7.05 -27.14 -4.66
CA THR C 146 7.83 -25.92 -4.58
C THR C 146 7.55 -25.24 -3.25
N VAL C 147 8.59 -25.06 -2.45
CA VAL C 147 8.51 -24.33 -1.19
C VAL C 147 9.03 -22.92 -1.44
N VAL C 148 8.20 -21.93 -1.10
CA VAL C 148 8.56 -20.53 -1.27
C VAL C 148 8.75 -19.94 0.12
N ILE C 149 9.94 -19.42 0.38
CA ILE C 149 10.28 -18.83 1.66
C ILE C 149 10.63 -17.36 1.42
N PRO C 150 9.90 -16.39 2.00
CA PRO C 150 10.28 -15.00 1.84
C PRO C 150 11.71 -14.83 2.37
N ILE C 151 12.53 -14.02 1.73
CA ILE C 151 13.97 -13.86 2.12
C ILE C 151 14.00 -12.99 3.38
N ASP C 152 12.92 -12.27 3.65
CA ASP C 152 12.85 -11.37 4.83
C ASP C 152 12.19 -12.09 5.98
N ASP C 153 12.05 -13.41 5.87
CA ASP C 153 11.39 -14.23 6.93
C ASP C 153 12.40 -15.21 7.48
N PHE C 154 13.67 -15.13 7.10
CA PHE C 154 14.72 -15.98 7.68
C PHE C 154 15.07 -15.35 9.01
N ILE C 155 15.44 -16.13 10.01
CA ILE C 155 15.72 -15.63 11.39
C ILE C 155 17.23 -15.77 11.67
N LEU C 156 17.85 -14.80 12.36
CA LEU C 156 19.32 -14.83 12.60
C LEU C 156 19.61 -15.64 13.85
N THR C 157 20.47 -16.64 13.72
CA THR C 157 20.82 -17.51 14.82
C THR C 157 22.33 -17.63 14.90
N ASN C 158 22.82 -17.98 16.09
CA ASN C 158 24.23 -18.23 16.34
C ASN C 158 24.33 -19.59 17.04
N LYS C 159 24.75 -20.60 16.28
CA LYS C 159 24.86 -21.97 16.80
C LYS C 159 23.52 -22.46 17.36
N GLY C 160 22.43 -22.12 16.67
CA GLY C 160 21.12 -22.56 17.05
C GLY C 160 20.41 -21.72 18.09
N VAL C 161 21.00 -20.62 18.52
CA VAL C 161 20.41 -19.73 19.52
C VAL C 161 19.95 -18.46 18.82
N VAL C 162 18.68 -18.11 19.03
CA VAL C 162 18.12 -16.91 18.42
C VAL C 162 18.79 -15.69 19.05
N GLN C 163 19.32 -14.82 18.19
CA GLN C 163 20.06 -13.65 18.64
C GLN C 163 19.27 -12.38 18.30
N GLU C 164 19.90 -11.23 18.56
CA GLU C 164 19.28 -9.95 18.24
C GLU C 164 18.99 -9.87 16.76
N GLN C 165 17.78 -9.43 16.42
CA GLN C 165 17.28 -9.52 15.06
C GLN C 165 17.76 -8.32 14.25
N MET C 166 18.62 -8.59 13.27
CA MET C 166 19.07 -7.59 12.31
C MET C 166 18.75 -8.09 10.92
N ALA C 167 18.28 -7.20 10.05
CA ALA C 167 17.84 -7.60 8.72
C ALA C 167 19.00 -8.18 7.92
N MET C 168 18.68 -9.17 7.08
CA MET C 168 19.68 -9.75 6.20
C MET C 168 20.25 -8.69 5.29
N ASP C 169 21.57 -8.77 5.06
CA ASP C 169 22.24 -7.78 4.22
C ASP C 169 21.70 -7.78 2.80
N THR C 170 21.22 -8.93 2.32
CA THR C 170 20.55 -9.12 1.03
C THR C 170 21.35 -8.54 -0.13
N ALA C 171 22.61 -8.20 0.13
CA ALA C 171 23.52 -7.73 -0.90
C ALA C 171 24.90 -8.35 -0.80
N ASN C 172 25.18 -9.13 0.24
CA ASN C 172 26.47 -9.77 0.45
C ASN C 172 26.30 -11.23 0.83
N VAL C 173 25.31 -11.90 0.24
CA VAL C 173 25.04 -13.30 0.57
C VAL C 173 26.17 -14.17 0.03
N TYR C 174 26.67 -15.07 0.88
CA TYR C 174 27.77 -15.94 0.50
C TYR C 174 27.30 -17.33 0.08
N THR C 175 26.58 -18.04 0.93
CA THR C 175 26.17 -19.41 0.61
C THR C 175 24.74 -19.66 1.03
N VAL C 176 24.13 -20.66 0.40
CA VAL C 176 22.80 -21.15 0.76
C VAL C 176 22.85 -22.67 0.79
N GLY C 177 21.97 -23.27 1.59
CA GLY C 177 21.94 -24.72 1.66
C GLY C 177 20.78 -25.18 2.52
N ILE C 178 20.72 -26.50 2.73
CA ILE C 178 19.67 -27.13 3.51
C ILE C 178 20.32 -28.00 4.58
N GLY C 179 19.89 -27.82 5.83
CA GLY C 179 20.42 -28.57 6.95
C GLY C 179 19.33 -29.38 7.65
N LEU C 180 19.76 -30.17 8.62
CA LEU C 180 18.88 -31.10 9.33
C LEU C 180 19.24 -31.09 10.81
N ILE C 181 18.41 -30.41 11.60
CA ILE C 181 18.58 -30.34 13.05
C ILE C 181 17.34 -30.95 13.69
N ASP C 182 16.81 -32.00 13.03
CA ASP C 182 15.55 -32.61 13.46
C ASP C 182 15.59 -33.05 14.92
N ARG C 183 16.77 -33.41 15.43
CA ARG C 183 16.91 -33.95 16.78
C ARG C 183 16.06 -35.21 16.93
N GLN C 184 16.17 -36.09 15.94
CA GLN C 184 15.43 -37.34 15.90
C GLN C 184 16.26 -38.40 15.19
N TYR C 185 16.30 -39.60 15.75
CA TYR C 185 17.04 -40.69 15.14
C TYR C 185 16.30 -41.20 13.90
N GLY C 186 17.06 -41.84 13.01
CA GLY C 186 16.47 -42.50 11.87
C GLY C 186 17.03 -42.02 10.54
N PRO C 187 16.89 -42.84 9.51
CA PRO C 187 17.35 -42.44 8.17
C PRO C 187 16.52 -41.30 7.62
N TYR C 188 17.16 -40.48 6.78
CA TYR C 188 16.50 -39.39 6.09
C TYR C 188 16.95 -39.36 4.65
N ASN C 189 16.08 -38.85 3.77
CA ASN C 189 16.36 -38.78 2.35
C ASN C 189 15.53 -37.63 1.79
N LEU C 190 16.20 -36.65 1.18
CA LEU C 190 15.56 -35.51 0.55
C LEU C 190 15.95 -35.47 -0.93
N ASP C 191 14.95 -35.27 -1.79
CA ASP C 191 15.17 -35.16 -3.23
C ASP C 191 14.98 -33.70 -3.63
N ILE C 192 15.98 -33.13 -4.29
CA ILE C 192 16.02 -31.70 -4.57
C ILE C 192 16.22 -31.49 -6.06
N GLU C 193 15.37 -30.66 -6.66
CA GLU C 193 15.53 -30.30 -8.06
C GLU C 193 16.37 -29.04 -8.22
N TYR C 194 15.97 -27.93 -7.60
CA TYR C 194 16.74 -26.70 -7.70
C TYR C 194 16.39 -25.80 -6.52
N ILE C 195 17.28 -24.84 -6.26
CA ILE C 195 17.03 -23.74 -5.34
C ILE C 195 17.35 -22.45 -6.08
N LYS C 196 16.37 -21.56 -6.18
CA LYS C 196 16.49 -20.30 -6.90
C LYS C 196 16.08 -19.15 -5.99
N ALA C 197 16.57 -17.96 -6.32
CA ALA C 197 16.12 -16.73 -5.68
C ALA C 197 15.32 -15.94 -6.70
N VAL C 198 14.05 -15.66 -6.40
CA VAL C 198 13.13 -15.06 -7.34
C VAL C 198 12.57 -13.78 -6.75
N ALA C 199 12.06 -12.92 -7.63
CA ALA C 199 11.48 -11.65 -7.22
C ALA C 199 10.05 -11.86 -6.74
N HIS C 200 9.38 -10.77 -6.43
CA HIS C 200 8.02 -10.83 -5.91
C HIS C 200 7.08 -11.33 -7.00
N PRO C 201 6.33 -12.40 -6.76
CA PRO C 201 5.39 -12.87 -7.77
C PRO C 201 4.15 -12.00 -7.80
N PRO C 202 3.59 -11.74 -8.98
CA PRO C 202 2.32 -11.01 -9.04
C PRO C 202 1.20 -11.86 -8.47
N LEU C 203 0.12 -11.19 -8.05
CA LEU C 203 -0.99 -11.89 -7.44
C LEU C 203 -1.60 -12.91 -8.40
N GLU C 204 -1.81 -14.13 -7.91
CA GLU C 204 -2.58 -15.13 -8.62
C GLU C 204 -3.83 -15.46 -7.82
N PHE C 205 -4.91 -15.77 -8.53
CA PHE C 205 -6.16 -16.21 -7.94
C PHE C 205 -6.59 -17.53 -8.56
N LYS C 206 -5.63 -18.43 -8.74
CA LYS C 206 -5.84 -19.68 -9.44
C LYS C 206 -4.78 -20.68 -8.99
N PRO C 207 -5.15 -21.93 -8.73
CA PRO C 207 -4.15 -22.91 -8.35
C PRO C 207 -3.19 -23.20 -9.49
N LYS C 208 -2.02 -23.73 -9.14
CA LYS C 208 -0.98 -24.02 -10.12
C LYS C 208 -1.52 -24.94 -11.21
N LYS C 209 -0.89 -24.87 -12.40
CA LYS C 209 -1.39 -25.61 -13.55
C LYS C 209 -1.39 -27.11 -13.28
N GLU C 210 -0.38 -27.61 -12.58
CA GLU C 210 -0.37 -29.02 -12.21
C GLU C 210 -1.49 -29.35 -11.23
N TYR C 211 -1.75 -28.47 -10.27
CA TYR C 211 -2.81 -28.65 -9.29
C TYR C 211 -4.12 -27.98 -9.74
N GLU C 212 -4.57 -28.29 -10.95
CA GLU C 212 -5.72 -27.63 -11.54
C GLU C 212 -6.96 -28.50 -11.41
N VAL C 213 -8.04 -27.91 -10.91
CA VAL C 213 -9.31 -28.62 -10.84
C VAL C 213 -9.92 -28.75 -12.23
N GLU C 214 -10.79 -29.75 -12.38
CA GLU C 214 -11.39 -30.06 -13.67
C GLU C 214 -12.74 -29.35 -13.80
N LYS C 215 -12.91 -28.62 -14.89
CA LYS C 215 -14.15 -27.92 -15.21
C LYS C 215 -14.04 -27.43 -16.65
N GLU C 216 -15.07 -26.72 -17.10
CA GLU C 216 -15.04 -26.11 -18.42
C GLU C 216 -14.11 -24.90 -18.42
N THR C 217 -13.38 -24.72 -19.52
CA THR C 217 -12.41 -23.64 -19.62
C THR C 217 -12.97 -22.54 -20.50
N ILE C 218 -13.02 -21.32 -19.96
CA ILE C 218 -13.48 -20.18 -20.73
C ILE C 218 -12.48 -19.84 -21.83
N LEU C 219 -11.20 -20.08 -21.58
CA LEU C 219 -10.17 -19.81 -22.58
C LEU C 219 -10.31 -20.76 -23.77
N LEU C 220 -10.04 -20.24 -24.96
CA LEU C 220 -10.10 -21.05 -26.16
C LEU C 220 -8.81 -21.86 -26.31
N THR C 221 -8.97 -23.12 -26.72
CA THR C 221 -7.81 -23.98 -26.90
C THR C 221 -6.99 -23.53 -28.09
N PRO C 222 -5.67 -23.30 -27.92
CA PRO C 222 -4.80 -22.88 -29.02
C PRO C 222 -4.57 -23.98 -30.05
N LYS D 429 -7.19 -33.50 83.08
CA LYS D 429 -7.72 -33.76 81.75
C LYS D 429 -6.59 -33.94 80.74
N ASP D 430 -6.56 -35.12 80.12
CA ASP D 430 -5.53 -35.41 79.13
C ASP D 430 -5.77 -34.63 77.84
N THR D 431 -4.72 -34.53 77.02
CA THR D 431 -4.84 -33.83 75.75
C THR D 431 -5.84 -34.51 74.82
N SER D 432 -5.96 -35.85 74.91
CA SER D 432 -6.95 -36.55 74.10
C SER D 432 -8.36 -36.12 74.44
N ILE D 433 -8.64 -35.91 75.73
CA ILE D 433 -9.96 -35.44 76.15
C ILE D 433 -10.24 -34.07 75.57
N PHE D 434 -9.26 -33.17 75.61
CA PHE D 434 -9.43 -31.84 75.04
C PHE D 434 -9.68 -31.92 73.54
N ALA D 435 -8.93 -32.78 72.83
CA ALA D 435 -9.13 -32.93 71.41
C ALA D 435 -10.52 -33.47 71.08
N ILE D 436 -10.99 -34.44 71.86
CA ILE D 436 -12.32 -35.01 71.65
C ILE D 436 -13.39 -33.94 71.88
N GLU D 437 -13.24 -33.15 72.96
CA GLU D 437 -14.21 -32.10 73.24
C GLU D 437 -14.21 -31.04 72.14
N MET D 438 -13.03 -30.67 71.66
CA MET D 438 -12.94 -29.69 70.58
C MET D 438 -13.59 -30.21 69.30
N ASP D 439 -13.34 -31.49 68.98
CA ASP D 439 -13.95 -32.09 67.79
C ASP D 439 -15.48 -32.13 67.93
N LYS D 440 -15.97 -32.48 69.12
CA LYS D 440 -17.41 -32.50 69.34
C LYS D 440 -18.02 -31.11 69.19
N ALA D 441 -17.32 -30.09 69.71
CA ALA D 441 -17.79 -28.71 69.54
C ALA D 441 -17.80 -28.32 68.07
N LEU D 442 -16.77 -28.73 67.32
CA LEU D 442 -16.72 -28.43 65.89
C LEU D 442 -17.86 -29.09 65.14
N LYS D 443 -18.19 -30.34 65.50
CA LYS D 443 -19.28 -31.04 64.84
C LYS D 443 -20.62 -30.35 65.04
N ASN D 444 -20.73 -29.50 66.06
CA ASN D 444 -21.91 -28.68 66.27
C ASN D 444 -21.79 -27.30 65.67
N HIS D 445 -20.77 -27.07 64.84
CA HIS D 445 -20.50 -25.79 64.17
C HIS D 445 -20.21 -24.66 65.17
N ASP D 446 -19.73 -24.99 66.36
CA ASP D 446 -19.37 -23.99 67.36
C ASP D 446 -17.85 -23.78 67.34
N THR D 447 -17.41 -23.00 66.34
CA THR D 447 -15.99 -22.75 66.17
C THR D 447 -15.41 -21.96 67.34
N LEU D 448 -16.16 -20.98 67.85
CA LEU D 448 -15.66 -20.19 68.96
C LEU D 448 -15.44 -21.04 70.21
N GLU D 449 -16.36 -21.95 70.50
CA GLU D 449 -16.18 -22.85 71.63
C GLU D 449 -14.97 -23.74 71.44
N ALA D 450 -14.74 -24.23 70.21
CA ALA D 450 -13.57 -25.05 69.93
C ALA D 450 -12.29 -24.25 70.15
N LEU D 451 -12.26 -23.00 69.70
CA LEU D 451 -11.09 -22.15 69.92
C LEU D 451 -10.86 -21.91 71.41
N SER D 452 -11.94 -21.68 72.15
CA SER D 452 -11.81 -21.49 73.60
C SER D 452 -11.26 -22.74 74.27
N ILE D 453 -11.73 -23.92 73.85
CA ILE D 453 -11.22 -25.17 74.41
C ILE D 453 -9.74 -25.34 74.08
N PHE D 454 -9.35 -25.01 72.84
CA PHE D 454 -7.96 -25.13 72.44
C PHE D 454 -7.07 -24.20 73.26
N TYR D 455 -7.50 -22.95 73.45
CA TYR D 455 -6.71 -22.00 74.23
C TYR D 455 -6.66 -22.42 75.70
N GLU D 456 -7.75 -22.97 76.23
CA GLU D 456 -7.73 -23.47 77.61
C GLU D 456 -6.78 -24.64 77.76
N SER D 457 -6.76 -25.55 76.77
CA SER D 457 -5.83 -26.66 76.80
C SER D 457 -4.39 -26.17 76.76
N PHE D 458 -4.12 -25.13 75.97
CA PHE D 458 -2.81 -24.49 76.04
C PHE D 458 -2.54 -23.93 77.43
N GLU D 459 -3.54 -23.31 78.05
CA GLU D 459 -3.35 -22.72 79.37
C GLU D 459 -3.18 -23.79 80.44
N GLN D 460 -3.76 -24.97 80.24
CA GLN D 460 -3.71 -26.04 81.22
C GLN D 460 -2.45 -26.89 81.10
N GLY D 461 -1.54 -26.57 80.18
CA GLY D 461 -0.32 -27.33 80.04
C GLY D 461 -0.46 -28.63 79.27
N ALA D 462 -1.54 -28.79 78.50
CA ALA D 462 -1.69 -30.01 77.72
C ALA D 462 -0.62 -30.08 76.63
N GLN D 463 -0.11 -31.28 76.41
CA GLN D 463 0.96 -31.51 75.45
C GLN D 463 0.38 -32.05 74.15
N TRP D 464 0.68 -31.38 73.04
CA TRP D 464 0.21 -31.76 71.73
C TRP D 464 1.34 -32.40 70.95
N GLU D 465 1.09 -33.59 70.40
CA GLU D 465 2.12 -34.32 69.69
C GLU D 465 1.48 -35.10 68.54
N ASN D 466 2.31 -35.86 67.83
CA ASN D 466 1.86 -36.62 66.66
C ASN D 466 1.05 -37.84 67.08
N LYS D 467 -0.27 -37.68 67.20
CA LYS D 467 -1.16 -38.80 67.49
C LYS D 467 -2.39 -38.67 66.60
N ARG D 468 -2.96 -39.83 66.24
CA ARG D 468 -3.96 -39.89 65.17
C ARG D 468 -5.12 -38.95 65.42
N LEU D 469 -5.60 -38.89 66.66
CA LEU D 469 -6.75 -38.03 66.97
C LEU D 469 -6.40 -36.55 66.77
N HIS D 470 -5.19 -36.15 67.17
CA HIS D 470 -4.86 -34.72 67.22
C HIS D 470 -4.83 -34.08 65.83
N MET D 471 -4.28 -34.79 64.83
CA MET D 471 -4.23 -34.20 63.50
C MET D 471 -5.63 -33.87 62.99
N GLU D 472 -6.55 -34.83 63.09
CA GLU D 472 -7.93 -34.56 62.71
C GLU D 472 -8.52 -33.45 63.56
N ALA D 473 -8.14 -33.40 64.84
CA ALA D 473 -8.66 -32.38 65.74
C ALA D 473 -8.34 -30.98 65.23
N MET D 474 -7.05 -30.64 65.12
CA MET D 474 -6.79 -29.27 64.70
C MET D 474 -7.04 -29.06 63.22
N THR D 475 -7.11 -30.14 62.42
CA THR D 475 -7.52 -29.98 61.03
C THR D 475 -8.97 -29.49 60.94
N GLU D 476 -9.86 -30.13 61.69
CA GLU D 476 -11.26 -29.68 61.72
C GLU D 476 -11.35 -28.30 62.34
N LEU D 477 -10.53 -28.02 63.35
CA LEU D 477 -10.51 -26.68 63.94
C LEU D 477 -10.16 -25.63 62.90
N LEU D 478 -9.09 -25.86 62.14
CA LEU D 478 -8.70 -24.93 61.09
C LEU D 478 -9.76 -24.81 60.01
N ILE D 479 -10.38 -25.93 59.64
CA ILE D 479 -11.41 -25.91 58.60
C ILE D 479 -12.58 -25.03 59.03
N GLN D 480 -13.05 -25.22 60.27
CA GLN D 480 -14.20 -24.45 60.73
C GLN D 480 -13.83 -22.99 60.97
N TYR D 481 -12.60 -22.71 61.40
CA TYR D 481 -12.19 -21.33 61.55
C TYR D 481 -12.10 -20.63 60.19
N ALA D 482 -11.62 -21.33 59.18
CA ALA D 482 -11.62 -20.79 57.82
C ALA D 482 -13.04 -20.67 57.28
N GLY D 483 -13.98 -21.44 57.83
CA GLY D 483 -15.36 -21.36 57.42
C GLY D 483 -16.14 -20.20 57.96
N LEU D 484 -15.52 -19.34 58.77
CA LEU D 484 -16.16 -18.16 59.33
C LEU D 484 -15.85 -16.94 58.46
N ASN D 485 -16.90 -16.19 58.10
CA ASN D 485 -16.72 -15.05 57.23
C ASN D 485 -15.99 -13.91 57.93
N ASP D 486 -16.27 -13.70 59.22
CA ASP D 486 -15.68 -12.60 59.96
C ASP D 486 -14.25 -12.85 60.39
N THR D 487 -13.74 -14.06 60.20
CA THR D 487 -12.38 -14.38 60.59
C THR D 487 -11.37 -13.62 59.73
N SER D 488 -10.38 -13.02 60.38
CA SER D 488 -9.36 -12.25 59.70
C SER D 488 -8.19 -13.12 59.26
N VAL D 489 -7.44 -12.62 58.28
CA VAL D 489 -6.30 -13.36 57.75
C VAL D 489 -5.19 -13.46 58.79
N ALA D 490 -4.99 -12.40 59.57
CA ALA D 490 -3.92 -12.40 60.57
C ALA D 490 -4.16 -13.48 61.63
N ASP D 491 -5.41 -13.65 62.05
CA ASP D 491 -5.71 -14.70 63.03
C ASP D 491 -5.46 -16.08 62.44
N ILE D 492 -5.80 -16.28 61.16
CA ILE D 492 -5.53 -17.54 60.49
C ILE D 492 -4.03 -17.82 60.47
N LEU D 493 -3.24 -16.80 60.12
CA LEU D 493 -1.79 -16.97 60.08
C LEU D 493 -1.23 -17.29 61.47
N GLN D 494 -1.74 -16.62 62.50
CA GLN D 494 -1.29 -16.89 63.85
C GLN D 494 -1.62 -18.31 64.28
N LEU D 495 -2.85 -18.77 63.98
CA LEU D 495 -3.23 -20.13 64.32
C LEU D 495 -2.38 -21.15 63.58
N VAL D 496 -2.11 -20.91 62.30
CA VAL D 496 -1.28 -21.81 61.51
C VAL D 496 0.13 -21.86 62.09
N GLN D 497 0.68 -20.71 62.46
CA GLN D 497 2.02 -20.67 63.05
C GLN D 497 2.06 -21.41 64.38
N ARG D 498 1.01 -21.27 65.19
CA ARG D 498 0.95 -22.00 66.45
C ARG D 498 0.87 -23.51 66.23
N ILE D 499 0.10 -23.93 65.22
CA ILE D 499 -0.10 -25.35 64.98
C ILE D 499 1.11 -26.01 64.30
N GLU D 500 1.88 -25.25 63.52
CA GLU D 500 2.97 -25.82 62.72
C GLU D 500 3.94 -26.67 63.52
N PRO D 501 4.44 -26.26 64.70
CA PRO D 501 5.39 -27.12 65.41
C PRO D 501 4.82 -28.49 65.76
N ILE D 502 3.53 -28.58 66.05
CA ILE D 502 2.91 -29.86 66.37
C ILE D 502 2.93 -30.82 65.19
N CYS D 503 2.61 -30.33 63.99
CA CYS D 503 2.55 -31.16 62.81
C CYS D 503 3.95 -31.54 62.35
N ALA D 504 4.07 -32.76 61.82
CA ALA D 504 5.36 -33.24 61.34
C ALA D 504 5.72 -32.57 60.01
N GLN D 505 6.96 -32.10 59.92
CA GLN D 505 7.51 -31.43 58.73
C GLN D 505 6.72 -30.20 58.33
N GLY D 506 5.89 -29.66 59.22
CA GLY D 506 5.06 -28.52 58.88
C GLY D 506 4.08 -28.80 57.76
N ARG D 507 3.54 -30.01 57.70
CA ARG D 507 2.63 -30.43 56.63
C ARG D 507 1.30 -30.81 57.28
N ILE D 508 0.33 -29.90 57.21
CA ILE D 508 -1.01 -30.15 57.74
C ILE D 508 -1.70 -31.19 56.86
N PRO D 509 -2.68 -31.94 57.40
CA PRO D 509 -3.39 -32.92 56.56
C PRO D 509 -4.08 -32.28 55.37
N TYR D 510 -4.34 -33.09 54.33
CA TYR D 510 -4.83 -32.54 53.06
C TYR D 510 -6.20 -31.89 53.21
N SER D 511 -7.01 -32.33 54.17
CA SER D 511 -8.33 -31.72 54.36
C SER D 511 -8.21 -30.24 54.68
N ALA D 512 -7.31 -29.90 55.59
CA ALA D 512 -7.04 -28.48 55.87
C ALA D 512 -6.45 -27.79 54.65
N GLU D 513 -5.55 -28.46 53.94
CA GLU D 513 -4.94 -27.87 52.76
C GLU D 513 -5.98 -27.53 51.71
N THR D 514 -7.11 -28.25 51.69
CA THR D 514 -8.21 -27.95 50.79
C THR D 514 -9.11 -26.84 51.34
N ALA D 515 -9.52 -26.96 52.60
CA ALA D 515 -10.50 -26.02 53.14
C ALA D 515 -9.92 -24.62 53.30
N ILE D 516 -8.70 -24.51 53.83
CA ILE D 516 -8.08 -23.20 53.99
C ILE D 516 -7.82 -22.56 52.63
N ALA D 517 -7.40 -23.37 51.65
CA ALA D 517 -7.21 -22.86 50.30
C ALA D 517 -8.51 -22.33 49.72
N GLN D 518 -9.60 -23.07 49.91
CA GLN D 518 -10.90 -22.61 49.42
C GLN D 518 -11.32 -21.32 50.09
N ASN D 519 -11.10 -21.22 51.41
CA ASN D 519 -11.44 -19.99 52.13
C ASN D 519 -10.63 -18.82 51.62
N VAL D 520 -9.33 -19.02 51.41
CA VAL D 520 -8.46 -17.92 50.98
C VAL D 520 -8.79 -17.48 49.57
N LEU D 521 -9.09 -18.42 48.68
CA LEU D 521 -9.27 -18.10 47.27
C LEU D 521 -10.69 -17.65 46.94
N GLN D 522 -11.69 -18.47 47.29
CA GLN D 522 -13.06 -18.16 46.92
C GLN D 522 -13.61 -16.99 47.72
N ARG D 523 -13.33 -16.96 49.03
CA ARG D 523 -13.94 -15.97 49.91
C ARG D 523 -13.14 -14.67 50.00
N HIS D 524 -11.84 -14.71 49.74
CA HIS D 524 -10.99 -13.53 49.87
C HIS D 524 -10.09 -13.43 48.64
N SER D 525 -9.34 -12.33 48.57
CA SER D 525 -8.41 -12.07 47.49
C SER D 525 -7.07 -11.65 48.11
N ASP D 526 -6.24 -12.65 48.45
CA ASP D 526 -4.91 -12.43 48.99
C ASP D 526 -3.99 -13.49 48.40
N THR D 527 -3.35 -13.13 47.28
CA THR D 527 -2.48 -14.09 46.60
C THR D 527 -1.13 -14.24 47.33
N ALA D 528 -0.68 -13.18 47.99
CA ALA D 528 0.62 -13.23 48.66
C ALA D 528 0.58 -14.15 49.87
N ASN D 529 -0.46 -14.03 50.70
CA ASN D 529 -0.56 -14.88 51.88
C ASN D 529 -0.70 -16.34 51.51
N PHE D 530 -1.49 -16.64 50.48
CA PHE D 530 -1.63 -18.02 50.03
C PHE D 530 -0.34 -18.54 49.40
N TYR D 531 0.37 -17.69 48.65
CA TYR D 531 1.67 -18.06 48.13
C TYR D 531 2.64 -18.42 49.25
N THR D 532 2.68 -17.61 50.31
CA THR D 532 3.51 -17.94 51.46
C THR D 532 3.00 -19.19 52.18
N PHE D 533 1.69 -19.45 52.11
CA PHE D 533 1.15 -20.66 52.70
C PHE D 533 1.72 -21.91 52.03
N MET D 534 1.78 -21.91 50.70
CA MET D 534 2.47 -23.02 50.04
C MET D 534 3.97 -23.00 50.31
N ASN D 535 4.57 -21.81 50.32
CA ASN D 535 6.01 -21.72 50.54
C ASN D 535 6.42 -22.29 51.89
N ARG D 536 5.52 -22.23 52.87
CA ARG D 536 5.77 -22.90 54.15
C ARG D 536 5.91 -24.40 53.94
N GLN D 537 5.05 -24.99 53.11
CA GLN D 537 5.15 -26.41 52.82
C GLN D 537 6.33 -26.70 51.89
N TYR D 538 6.54 -25.84 50.90
CA TYR D 538 7.59 -26.05 49.90
C TYR D 538 8.23 -24.69 49.59
N GLY D 539 9.32 -24.38 50.27
CA GLY D 539 10.00 -23.11 50.13
C GLY D 539 11.09 -23.04 49.08
N ASN D 540 11.31 -24.12 48.33
CA ASN D 540 12.35 -24.16 47.30
C ASN D 540 11.69 -24.44 45.96
N THR D 541 12.03 -23.60 44.96
CA THR D 541 11.41 -23.74 43.65
C THR D 541 11.95 -24.95 42.91
N ALA D 542 13.25 -24.98 42.65
CA ALA D 542 13.84 -26.09 41.90
C ALA D 542 14.00 -27.33 42.76
N ASP D 543 14.34 -27.16 44.03
CA ASP D 543 14.56 -28.30 44.91
C ASP D 543 13.24 -28.78 45.52
N LYS D 544 13.26 -30.02 45.99
CA LYS D 544 12.15 -30.70 46.66
C LYS D 544 10.79 -30.40 46.02
N VAL D 545 10.73 -30.49 44.69
CA VAL D 545 9.48 -30.22 43.98
C VAL D 545 8.42 -31.25 44.37
N THR D 546 8.80 -32.53 44.42
CA THR D 546 7.94 -33.66 44.77
C THR D 546 6.51 -33.47 44.23
N LYS D 547 6.44 -33.33 42.91
CA LYS D 547 5.19 -33.00 42.23
C LYS D 547 4.10 -34.02 42.58
N GLN D 548 2.92 -33.49 42.91
CA GLN D 548 1.80 -34.32 43.35
C GLN D 548 1.06 -34.88 42.14
N ASP D 549 -0.05 -35.56 42.43
CA ASP D 549 -0.89 -36.16 41.40
C ASP D 549 -2.30 -35.64 41.55
N PRO D 550 -2.94 -35.20 40.47
CA PRO D 550 -4.29 -34.62 40.60
C PRO D 550 -5.33 -35.58 41.15
N GLN D 551 -5.21 -36.87 40.86
CA GLN D 551 -6.23 -37.82 41.29
C GLN D 551 -6.21 -38.02 42.80
N ILE D 552 -5.02 -37.96 43.41
CA ILE D 552 -4.92 -38.22 44.84
C ILE D 552 -5.62 -37.12 45.64
N ARG D 553 -5.31 -35.86 45.33
CA ARG D 553 -5.87 -34.71 46.04
C ARG D 553 -6.43 -33.72 45.03
N PRO D 554 -7.61 -34.00 44.47
CA PRO D 554 -8.15 -33.11 43.43
C PRO D 554 -8.79 -31.85 43.96
N HIS D 555 -9.12 -31.78 45.26
CA HIS D 555 -9.89 -30.65 45.77
C HIS D 555 -9.09 -29.35 45.72
N THR D 556 -7.83 -29.39 46.18
CA THR D 556 -7.00 -28.18 46.16
C THR D 556 -6.75 -27.72 44.73
N TYR D 557 -6.46 -28.66 43.82
CA TYR D 557 -6.22 -28.29 42.43
C TYR D 557 -7.47 -27.69 41.80
N GLN D 558 -8.64 -28.26 42.09
CA GLN D 558 -9.88 -27.70 41.57
C GLN D 558 -10.15 -26.31 42.13
N VAL D 559 -9.86 -26.10 43.41
CA VAL D 559 -10.08 -24.78 44.02
C VAL D 559 -9.17 -23.75 43.35
N ILE D 560 -7.89 -24.10 43.17
CA ILE D 560 -6.96 -23.17 42.52
C ILE D 560 -7.39 -22.90 41.10
N HIS D 561 -7.83 -23.95 40.38
CA HIS D 561 -8.26 -23.79 39.00
C HIS D 561 -9.47 -22.86 38.92
N ASP D 562 -10.43 -23.02 39.83
CA ASP D 562 -11.61 -22.16 39.86
C ASP D 562 -11.22 -20.72 40.15
N TYR D 563 -10.27 -20.52 41.08
CA TYR D 563 -9.82 -19.17 41.39
C TYR D 563 -9.15 -18.53 40.18
N ILE D 564 -8.34 -19.30 39.45
CA ILE D 564 -7.68 -18.77 38.26
C ILE D 564 -8.70 -18.40 37.20
N TYR D 565 -9.71 -19.25 36.99
CA TYR D 565 -10.63 -19.08 35.88
C TYR D 565 -11.90 -18.32 36.28
N SER D 566 -11.92 -17.78 37.49
CA SER D 566 -13.02 -16.92 37.91
C SER D 566 -12.67 -15.45 37.98
N CYS D 567 -11.39 -15.08 37.90
CA CYS D 567 -11.01 -13.68 37.92
C CYS D 567 -11.38 -13.00 36.60
N GLU D 568 -11.77 -11.73 36.69
CA GLU D 568 -12.10 -10.94 35.53
C GLU D 568 -10.85 -10.27 34.98
N SER D 569 -11.04 -9.34 34.03
CA SER D 569 -9.91 -8.60 33.47
C SER D 569 -9.21 -7.72 34.49
N GLU D 570 -9.92 -7.27 35.53
CA GLU D 570 -9.29 -6.45 36.57
C GLU D 570 -8.32 -7.28 37.40
N ARG D 571 -8.69 -8.51 37.73
CA ARG D 571 -7.84 -9.41 38.50
C ARG D 571 -7.02 -10.34 37.62
N ALA D 572 -6.91 -10.06 36.31
CA ALA D 572 -6.25 -10.94 35.37
C ALA D 572 -4.79 -11.20 35.76
N ASP D 573 -4.05 -10.14 36.07
CA ASP D 573 -2.63 -10.26 36.39
C ASP D 573 -2.40 -11.28 37.49
N LEU D 574 -3.12 -11.14 38.61
CA LEU D 574 -3.00 -12.09 39.71
C LEU D 574 -3.23 -13.51 39.21
N ALA D 575 -4.26 -13.69 38.39
CA ALA D 575 -4.55 -15.01 37.82
C ALA D 575 -3.32 -15.58 37.13
N TRP D 576 -2.66 -14.75 36.32
CA TRP D 576 -1.43 -15.18 35.66
C TRP D 576 -0.44 -15.74 36.67
N GLU D 577 -0.19 -15.00 37.76
CA GLU D 577 0.69 -15.49 38.80
C GLU D 577 0.20 -16.85 39.30
N MET D 578 -1.08 -16.94 39.65
CA MET D 578 -1.64 -18.21 40.09
C MET D 578 -1.45 -19.31 39.05
N TYR D 579 -1.56 -18.97 37.76
CA TYR D 579 -1.28 -19.97 36.73
C TYR D 579 0.11 -20.55 36.90
N GLY D 580 1.13 -19.68 37.00
CA GLY D 580 2.46 -20.18 37.25
C GLY D 580 2.54 -20.96 38.54
N LEU D 581 1.79 -20.51 39.55
CA LEU D 581 1.72 -21.23 40.82
C LEU D 581 1.26 -22.66 40.59
N LEU D 582 0.22 -22.83 39.76
CA LEU D 582 -0.31 -24.16 39.51
C LEU D 582 0.74 -25.06 38.87
N HIS D 583 1.69 -24.47 38.15
CA HIS D 583 2.72 -25.29 37.50
C HIS D 583 3.89 -25.57 38.42
N LYS D 584 3.99 -24.88 39.55
CA LYS D 584 5.14 -25.09 40.43
C LYS D 584 4.87 -26.17 41.49
N PHE D 585 3.60 -26.55 41.71
CA PHE D 585 3.28 -27.55 42.70
C PHE D 585 2.42 -28.69 42.19
N TYR D 586 1.95 -28.64 40.94
CA TYR D 586 1.07 -29.66 40.42
C TYR D 586 1.41 -29.94 38.96
N VAL D 587 1.06 -31.15 38.50
CA VAL D 587 1.29 -31.56 37.11
C VAL D 587 -0.05 -31.43 36.40
N VAL D 588 -0.23 -30.30 35.71
CA VAL D 588 -1.48 -30.02 35.01
C VAL D 588 -1.58 -30.90 33.77
N PRO D 589 -2.78 -31.32 33.38
CA PRO D 589 -2.96 -32.03 32.11
C PRO D 589 -2.83 -31.08 30.93
N PHE D 590 -2.65 -31.67 29.74
CA PHE D 590 -2.36 -30.87 28.55
C PHE D 590 -3.58 -30.07 28.10
N ALA D 591 -4.78 -30.46 28.50
CA ALA D 591 -5.98 -29.72 28.11
C ALA D 591 -6.03 -28.35 28.76
N ASP D 592 -5.44 -28.24 29.96
CA ASP D 592 -5.37 -26.95 30.63
C ASP D 592 -4.55 -25.95 29.82
N TYR D 593 -3.56 -26.42 29.07
CA TYR D 593 -2.83 -25.54 28.17
C TYR D 593 -3.76 -24.90 27.14
N TYR D 594 -4.54 -25.72 26.44
CA TYR D 594 -5.48 -25.22 25.45
C TYR D 594 -6.44 -24.22 26.08
N LYS D 595 -7.08 -24.62 27.19
CA LYS D 595 -8.13 -23.79 27.74
C LYS D 595 -7.58 -22.57 28.46
N ALA D 596 -6.31 -22.60 28.90
CA ALA D 596 -5.68 -21.41 29.45
C ALA D 596 -5.30 -20.42 28.37
N ILE D 597 -4.81 -20.91 27.23
CA ILE D 597 -4.59 -20.02 26.09
C ILE D 597 -5.90 -19.36 25.69
N LYS D 598 -6.98 -20.15 25.64
CA LYS D 598 -8.29 -19.60 25.31
C LYS D 598 -8.74 -18.58 26.35
N PHE D 599 -8.55 -18.88 27.63
CA PHE D 599 -9.02 -17.98 28.69
C PHE D 599 -8.26 -16.67 28.69
N PHE D 600 -6.93 -16.71 28.56
CA PHE D 600 -6.16 -15.49 28.59
C PHE D 600 -6.30 -14.69 27.31
N ALA D 601 -6.44 -15.37 26.17
CA ALA D 601 -6.56 -14.68 24.90
C ALA D 601 -7.95 -14.07 24.69
N GLN D 602 -9.00 -14.74 25.16
CA GLN D 602 -10.38 -14.32 24.88
C GLN D 602 -11.03 -13.61 26.06
N ASP D 603 -11.02 -14.23 27.25
CA ASP D 603 -11.83 -13.72 28.34
C ASP D 603 -11.24 -12.45 28.95
N VAL D 604 -10.02 -12.55 29.50
CA VAL D 604 -9.43 -11.42 30.22
C VAL D 604 -8.70 -10.46 29.30
N LYS D 605 -8.70 -10.69 27.99
CA LYS D 605 -8.10 -9.80 27.00
C LYS D 605 -6.61 -9.61 27.20
N ARG D 606 -5.96 -10.53 27.92
CA ARG D 606 -4.51 -10.47 28.12
C ARG D 606 -3.83 -11.43 27.16
N GLN D 607 -3.71 -10.97 25.91
CA GLN D 607 -3.13 -11.80 24.87
C GLN D 607 -1.64 -12.03 25.10
N ASP D 608 -0.98 -11.09 25.78
CA ASP D 608 0.42 -11.30 26.13
C ASP D 608 0.59 -12.50 27.05
N TYR D 609 -0.36 -12.69 27.98
CA TYR D 609 -0.32 -13.85 28.85
C TYR D 609 -0.51 -15.14 28.06
N ALA D 610 -1.37 -15.10 27.03
CA ALA D 610 -1.53 -16.27 26.17
C ALA D 610 -0.25 -16.59 25.41
N LEU D 611 0.41 -15.55 24.90
CA LEU D 611 1.69 -15.77 24.22
C LEU D 611 2.74 -16.34 25.16
N LEU D 612 2.77 -15.84 26.40
CA LEU D 612 3.70 -16.38 27.39
C LEU D 612 3.36 -17.82 27.76
N THR D 613 2.08 -18.16 27.79
CA THR D 613 1.69 -19.55 28.02
C THR D 613 2.17 -20.45 26.89
N PHE D 614 2.02 -20.00 25.65
CA PHE D 614 2.53 -20.77 24.52
C PHE D 614 4.05 -20.93 24.61
N GLN D 615 4.75 -19.87 24.98
CA GLN D 615 6.20 -19.97 25.14
C GLN D 615 6.56 -20.93 26.27
N GLN D 616 5.77 -20.95 27.34
CA GLN D 616 6.00 -21.90 28.43
C GLN D 616 5.79 -23.34 27.95
N ILE D 617 4.77 -23.56 27.11
CA ILE D 617 4.57 -24.89 26.55
C ILE D 617 5.79 -25.30 25.73
N ARG D 618 6.30 -24.39 24.90
CA ARG D 618 7.47 -24.69 24.10
C ARG D 618 8.69 -24.98 24.97
N LYS D 619 8.89 -24.18 26.01
CA LYS D 619 10.04 -24.36 26.90
C LYS D 619 9.97 -25.69 27.63
N ASN D 620 8.78 -26.07 28.09
CA ASN D 620 8.63 -27.35 28.77
C ASN D 620 8.77 -28.52 27.81
N HIS D 621 8.40 -28.33 26.54
CA HIS D 621 8.60 -29.39 25.56
C HIS D 621 10.07 -29.56 25.22
N ASP D 622 10.81 -28.47 25.07
CA ASP D 622 12.21 -28.57 24.64
C ASP D 622 13.13 -28.93 25.80
N LEU D 623 12.96 -28.29 26.95
CA LEU D 623 13.83 -28.55 28.09
C LEU D 623 13.43 -29.84 28.80
N HIS D 624 12.21 -29.88 29.33
CA HIS D 624 11.73 -31.06 30.04
C HIS D 624 11.11 -32.05 29.05
N GLY D 625 10.61 -33.16 29.58
CA GLY D 625 9.89 -34.11 28.78
C GLY D 625 8.40 -33.86 28.80
N GLN D 626 7.90 -33.15 27.80
CA GLN D 626 6.49 -32.77 27.73
C GLN D 626 6.04 -32.89 26.28
N PRO D 627 4.74 -33.09 26.06
CA PRO D 627 4.25 -33.14 24.66
C PRO D 627 4.43 -31.80 23.97
N ALA D 628 4.68 -31.88 22.66
CA ALA D 628 4.98 -30.69 21.88
C ALA D 628 3.73 -29.84 21.67
N ALA D 629 3.96 -28.56 21.37
CA ALA D 629 2.86 -27.67 21.05
C ALA D 629 2.24 -28.04 19.72
N THR D 630 0.95 -27.75 19.57
CA THR D 630 0.19 -28.12 18.39
C THR D 630 -0.06 -26.89 17.52
N SER D 631 -0.18 -27.13 16.20
CA SER D 631 -0.47 -26.05 15.26
C SER D 631 -1.83 -25.43 15.53
N GLU D 632 -2.73 -26.15 16.20
CA GLU D 632 -4.02 -25.58 16.58
C GLU D 632 -3.82 -24.40 17.53
N MET D 633 -2.90 -24.54 18.48
CA MET D 633 -2.64 -23.46 19.43
C MET D 633 -2.14 -22.21 18.71
N VAL D 634 -1.21 -22.35 17.78
CA VAL D 634 -0.66 -21.19 17.10
C VAL D 634 -1.68 -20.58 16.15
N ALA D 635 -2.54 -21.41 15.54
CA ALA D 635 -3.62 -20.87 14.73
C ALA D 635 -4.59 -20.06 15.58
N PHE D 636 -4.94 -20.57 16.77
CA PHE D 636 -5.82 -19.83 17.67
C PHE D 636 -5.18 -18.52 18.11
N LEU D 637 -3.88 -18.56 18.42
CA LEU D 637 -3.19 -17.35 18.85
C LEU D 637 -3.13 -16.32 17.73
N PHE D 638 -2.90 -16.77 16.50
CA PHE D 638 -2.90 -15.85 15.36
C PHE D 638 -4.29 -15.24 15.16
N HIS D 639 -5.34 -16.06 15.32
CA HIS D 639 -6.70 -15.53 15.22
C HIS D 639 -6.94 -14.43 16.26
N GLU D 640 -6.56 -14.70 17.52
CA GLU D 640 -6.78 -13.71 18.56
C GLU D 640 -5.92 -12.46 18.35
N PHE D 641 -4.69 -12.62 17.87
CA PHE D 641 -3.86 -11.46 17.59
C PHE D 641 -4.43 -10.61 16.46
N ALA D 642 -4.98 -11.26 15.43
CA ALA D 642 -5.66 -10.52 14.37
C ALA D 642 -6.88 -9.80 14.91
N LYS D 643 -7.56 -10.40 15.90
CA LYS D 643 -8.76 -9.79 16.45
C LYS D 643 -8.48 -8.42 17.08
N THR D 644 -7.26 -8.18 17.55
CA THR D 644 -6.95 -6.95 18.27
C THR D 644 -5.74 -6.22 17.71
N LYS D 645 -5.24 -6.62 16.54
CA LYS D 645 -4.12 -5.95 15.87
C LYS D 645 -2.90 -5.88 16.79
N TYR D 646 -2.56 -7.01 17.40
CA TYR D 646 -1.40 -7.11 18.28
C TYR D 646 -0.17 -7.37 17.42
N LYS D 647 0.48 -6.28 16.99
CA LYS D 647 1.59 -6.40 16.05
C LYS D 647 2.81 -7.06 16.69
N ARG D 648 3.12 -6.70 17.93
CA ARG D 648 4.27 -7.29 18.61
C ARG D 648 4.09 -8.80 18.77
N GLY D 649 2.90 -9.22 19.19
CA GLY D 649 2.63 -10.64 19.30
C GLY D 649 2.69 -11.35 17.97
N ILE D 650 2.20 -10.70 16.92
CA ILE D 650 2.26 -11.30 15.58
C ILE D 650 3.70 -11.52 15.16
N LYS D 651 4.55 -10.53 15.37
CA LYS D 651 5.95 -10.65 14.98
C LYS D 651 6.66 -11.73 15.80
N ARG D 652 6.43 -11.75 17.11
CA ARG D 652 7.07 -12.75 17.96
C ARG D 652 6.61 -14.15 17.59
N LEU D 653 5.31 -14.33 17.34
CA LEU D 653 4.79 -15.64 16.97
C LEU D 653 5.32 -16.08 15.61
N HIS D 654 5.42 -15.15 14.66
CA HIS D 654 5.99 -15.49 13.36
C HIS D 654 7.43 -15.95 13.51
N GLU D 655 8.22 -15.23 14.32
CA GLU D 655 9.61 -15.64 14.54
C GLU D 655 9.69 -17.00 15.19
N VAL D 656 8.78 -17.28 16.13
CA VAL D 656 8.77 -18.59 16.79
C VAL D 656 8.44 -19.69 15.78
N VAL D 657 7.41 -19.46 14.95
CA VAL D 657 6.96 -20.47 14.00
C VAL D 657 8.04 -20.74 12.95
N ALA D 658 8.80 -19.71 12.58
CA ALA D 658 9.80 -19.87 11.53
C ALA D 658 10.84 -20.93 11.88
N LEU D 659 11.28 -20.97 13.14
CA LEU D 659 12.34 -21.87 13.56
C LEU D 659 11.84 -23.07 14.35
N GLU D 660 10.55 -23.23 14.53
CA GLU D 660 10.02 -24.27 15.41
C GLU D 660 9.87 -25.57 14.64
N THR D 661 10.55 -26.60 15.11
CA THR D 661 10.59 -27.90 14.43
C THR D 661 9.69 -28.93 15.10
N SER D 662 8.91 -28.53 16.10
CA SER D 662 7.99 -29.45 16.76
C SER D 662 6.65 -29.56 16.04
N PHE D 663 6.22 -28.50 15.37
CA PHE D 663 4.99 -28.53 14.59
C PHE D 663 5.24 -27.89 13.24
N ASP D 664 4.38 -28.22 12.28
CA ASP D 664 4.46 -27.72 10.92
C ASP D 664 3.50 -26.54 10.74
N VAL D 665 3.34 -26.09 9.49
CA VAL D 665 2.43 -25.02 9.14
C VAL D 665 1.50 -25.54 8.06
N ASN D 666 0.24 -25.78 8.43
CA ASN D 666 -0.76 -26.28 7.50
C ASN D 666 -1.52 -25.10 6.89
N ARG D 667 -2.65 -25.38 6.23
CA ARG D 667 -3.46 -24.32 5.65
C ARG D 667 -4.05 -23.42 6.73
N ASP D 668 -4.45 -24.00 7.87
CA ASP D 668 -5.09 -23.22 8.92
C ASP D 668 -4.13 -22.19 9.49
N VAL D 669 -2.89 -22.60 9.75
CA VAL D 669 -1.89 -21.66 10.26
C VAL D 669 -1.61 -20.58 9.22
N LEU D 670 -1.51 -20.95 7.94
CA LEU D 670 -1.30 -19.97 6.89
C LEU D 670 -2.48 -19.01 6.79
N ASN D 671 -3.70 -19.52 6.86
CA ASN D 671 -4.87 -18.66 6.81
C ASN D 671 -4.84 -17.66 7.95
N GLU D 672 -4.48 -18.12 9.15
CA GLU D 672 -4.54 -17.25 10.32
C GLU D 672 -3.39 -16.24 10.31
N MET D 673 -2.23 -16.64 9.80
CA MET D 673 -1.13 -15.70 9.60
C MET D 673 -1.53 -14.60 8.62
N MET D 674 -2.17 -14.99 7.51
CA MET D 674 -2.58 -14.00 6.53
C MET D 674 -3.64 -13.07 7.10
N ALA D 675 -4.55 -13.60 7.91
CA ALA D 675 -5.52 -12.73 8.60
C ALA D 675 -4.82 -11.78 9.56
N ALA D 676 -3.82 -12.28 10.31
CA ALA D 676 -3.12 -11.45 11.28
C ALA D 676 -2.39 -10.30 10.58
N TYR D 677 -1.77 -10.58 9.44
CA TYR D 677 -1.06 -9.51 8.73
C TYR D 677 -2.01 -8.62 7.94
N VAL D 678 -3.20 -9.11 7.59
CA VAL D 678 -4.23 -8.22 7.05
C VAL D 678 -4.67 -7.23 8.10
N SER D 679 -4.77 -7.67 9.35
CA SER D 679 -5.21 -6.79 10.43
C SER D 679 -4.25 -5.63 10.65
N VAL D 680 -2.96 -5.84 10.40
CA VAL D 680 -1.95 -4.80 10.65
C VAL D 680 -1.54 -4.08 9.37
N GLU D 681 -2.25 -4.31 8.26
CA GLU D 681 -2.06 -3.58 7.00
C GLU D 681 -0.61 -3.69 6.51
N ASP D 682 -0.23 -4.92 6.19
CA ASP D 682 1.08 -5.23 5.64
C ASP D 682 0.90 -5.78 4.23
N LEU D 683 1.56 -5.17 3.25
CA LEU D 683 1.46 -5.64 1.88
C LEU D 683 2.28 -6.89 1.67
N ASN D 684 3.57 -6.82 1.99
CA ASN D 684 4.50 -7.88 1.63
C ASN D 684 4.14 -9.19 2.33
N ARG D 685 3.83 -9.14 3.62
CA ARG D 685 3.59 -10.37 4.36
C ARG D 685 2.25 -11.00 3.99
N VAL D 686 1.23 -10.19 3.73
CA VAL D 686 -0.04 -10.76 3.27
C VAL D 686 0.14 -11.41 1.91
N GLN D 687 0.87 -10.74 1.00
CA GLN D 687 1.13 -11.35 -0.29
C GLN D 687 1.97 -12.61 -0.17
N ASP D 688 2.91 -12.65 0.79
CA ASP D 688 3.70 -13.85 1.02
C ASP D 688 2.84 -15.00 1.50
N CYS D 689 1.93 -14.73 2.45
CA CYS D 689 1.06 -15.77 2.95
C CYS D 689 0.12 -16.27 1.86
N TRP D 690 -0.41 -15.37 1.04
CA TRP D 690 -1.27 -15.80 -0.06
C TRP D 690 -0.50 -16.59 -1.10
N ALA D 691 0.77 -16.23 -1.34
CA ALA D 691 1.59 -17.00 -2.26
C ALA D 691 1.85 -18.40 -1.73
N GLN D 692 2.10 -18.51 -0.42
CA GLN D 692 2.29 -19.82 0.18
C GLN D 692 1.01 -20.66 0.13
N LEU D 693 -0.13 -20.04 0.39
CA LEU D 693 -1.41 -20.76 0.35
C LEU D 693 -1.75 -21.20 -1.07
N GLN D 694 -1.50 -20.33 -2.05
CA GLN D 694 -1.90 -20.57 -3.44
C GLN D 694 -1.14 -21.71 -4.09
N GLN D 695 0.04 -22.07 -3.58
CA GLN D 695 0.85 -23.13 -4.17
C GLN D 695 0.55 -24.51 -3.62
N LEU D 696 -0.29 -24.61 -2.61
CA LEU D 696 -0.71 -25.91 -2.10
C LEU D 696 -1.73 -26.53 -3.03
N PRO D 697 -1.84 -27.86 -3.02
CA PRO D 697 -2.92 -28.51 -3.78
C PRO D 697 -4.27 -28.05 -3.27
N PRO D 698 -5.25 -27.89 -4.15
CA PRO D 698 -6.54 -27.31 -3.71
C PRO D 698 -7.25 -28.15 -2.66
N SER D 699 -6.92 -29.44 -2.56
CA SER D 699 -7.50 -30.25 -1.50
C SER D 699 -7.06 -29.74 -0.12
N ILE D 700 -5.79 -29.38 0.01
CA ILE D 700 -5.26 -28.83 1.25
C ILE D 700 -4.81 -27.39 1.08
N GLY D 701 -5.22 -26.73 0.00
CA GLY D 701 -4.83 -25.36 -0.24
C GLY D 701 -5.77 -24.35 0.37
N ALA D 702 -6.16 -23.35 -0.42
CA ALA D 702 -7.06 -22.31 0.08
C ALA D 702 -8.43 -22.89 0.38
N ASN D 703 -9.11 -22.28 1.34
CA ASN D 703 -10.47 -22.66 1.72
C ASN D 703 -11.31 -21.40 1.86
N ASN D 704 -12.52 -21.57 2.37
CA ASN D 704 -13.42 -20.43 2.50
C ASN D 704 -12.92 -19.43 3.55
N ARG D 705 -12.16 -19.89 4.53
CA ARG D 705 -11.53 -18.96 5.48
C ARG D 705 -10.50 -18.11 4.76
N SER D 706 -9.75 -18.71 3.84
CA SER D 706 -8.82 -17.96 3.00
C SER D 706 -9.56 -16.92 2.17
N VAL D 707 -10.72 -17.29 1.64
CA VAL D 707 -11.53 -16.35 0.87
C VAL D 707 -12.01 -15.20 1.75
N ASP D 708 -12.43 -15.50 2.98
CA ASP D 708 -12.81 -14.44 3.91
C ASP D 708 -11.66 -13.47 4.14
N VAL D 709 -10.48 -14.00 4.42
CA VAL D 709 -9.33 -13.14 4.71
C VAL D 709 -8.98 -12.30 3.48
N LEU D 710 -8.97 -12.93 2.31
CA LEU D 710 -8.57 -12.25 1.09
C LEU D 710 -9.61 -11.22 0.64
N LEU D 711 -10.89 -11.45 0.94
CA LEU D 711 -11.92 -10.45 0.66
C LEU D 711 -11.83 -9.29 1.63
N SER D 712 -11.49 -9.55 2.89
CA SER D 712 -11.32 -8.46 3.84
C SER D 712 -10.04 -7.67 3.57
N TYR D 713 -9.04 -8.28 2.93
CA TYR D 713 -7.86 -7.53 2.55
C TYR D 713 -8.17 -6.52 1.46
N PHE D 714 -9.03 -6.88 0.52
CA PHE D 714 -9.39 -6.04 -0.62
C PHE D 714 -10.72 -5.32 -0.40
N LYS D 715 -10.95 -4.85 0.84
CA LYS D 715 -12.17 -4.15 1.19
C LYS D 715 -12.52 -3.06 0.19
N ASP D 716 -11.62 -2.09 0.03
CA ASP D 716 -11.87 -0.91 -0.79
C ASP D 716 -11.35 -1.06 -2.22
N ASN D 717 -10.81 -2.22 -2.56
CA ASN D 717 -10.34 -2.50 -3.91
C ASN D 717 -11.35 -3.44 -4.56
N ILE D 718 -12.11 -2.91 -5.52
CA ILE D 718 -13.17 -3.71 -6.14
C ILE D 718 -12.61 -4.65 -7.21
N HIS D 719 -11.51 -4.28 -7.86
CA HIS D 719 -10.97 -5.13 -8.92
C HIS D 719 -10.41 -6.43 -8.36
N TYR D 720 -9.59 -6.34 -7.31
CA TYR D 720 -9.05 -7.55 -6.71
C TYR D 720 -10.12 -8.30 -5.93
N THR D 721 -11.13 -7.60 -5.42
CA THR D 721 -12.28 -8.29 -4.82
C THR D 721 -13.01 -9.14 -5.86
N GLU D 722 -13.23 -8.57 -7.05
CA GLU D 722 -13.90 -9.32 -8.11
C GLU D 722 -13.05 -10.48 -8.58
N ARG D 723 -11.73 -10.28 -8.65
CA ARG D 723 -10.84 -11.39 -9.02
C ARG D 723 -10.82 -12.47 -7.95
N THR D 724 -10.92 -12.08 -6.68
CA THR D 724 -11.01 -13.06 -5.59
C THR D 724 -12.29 -13.86 -5.69
N TRP D 725 -13.42 -13.19 -5.95
CA TRP D 725 -14.70 -13.89 -6.04
C TRP D 725 -14.72 -14.88 -7.20
N GLN D 726 -14.17 -14.47 -8.35
CA GLN D 726 -14.13 -15.36 -9.50
C GLN D 726 -13.21 -16.55 -9.27
N GLY D 727 -12.26 -16.43 -8.35
CA GLY D 727 -11.34 -17.51 -8.05
C GLY D 727 -11.84 -18.56 -7.09
N ILE D 728 -13.00 -18.32 -6.46
CA ILE D 728 -13.58 -19.34 -5.59
C ILE D 728 -13.86 -20.63 -6.35
N PRO D 729 -14.52 -20.63 -7.52
CA PRO D 729 -14.64 -21.88 -8.27
C PRO D 729 -13.33 -22.38 -8.85
N GLU D 730 -12.33 -21.51 -9.02
CA GLU D 730 -11.04 -21.94 -9.54
C GLU D 730 -10.32 -22.86 -8.57
N PHE D 731 -10.62 -22.77 -7.27
CA PHE D 731 -10.01 -23.62 -6.26
C PHE D 731 -10.89 -24.80 -5.89
N GLY D 732 -11.94 -25.06 -6.66
CA GLY D 732 -12.84 -26.16 -6.35
C GLY D 732 -13.74 -25.89 -5.16
N LEU D 733 -14.06 -24.63 -4.89
CA LEU D 733 -14.87 -24.25 -3.74
C LEU D 733 -16.19 -23.66 -4.21
N LEU D 734 -17.07 -23.44 -3.23
CA LEU D 734 -18.35 -22.77 -3.42
C LEU D 734 -18.49 -21.69 -2.37
N PRO D 735 -19.11 -20.56 -2.70
CA PRO D 735 -19.24 -19.47 -1.72
C PRO D 735 -20.08 -19.90 -0.53
N THR D 736 -19.73 -19.34 0.62
CA THR D 736 -20.49 -19.51 1.86
C THR D 736 -21.22 -18.22 2.18
N LEU D 737 -22.01 -18.25 3.26
CA LEU D 737 -22.76 -17.07 3.65
C LEU D 737 -21.83 -15.92 4.04
N GLU D 738 -20.72 -16.23 4.73
CA GLU D 738 -19.74 -15.21 5.04
C GLU D 738 -19.08 -14.67 3.78
N ASN D 739 -18.76 -15.55 2.82
CA ASN D 739 -18.22 -15.11 1.54
C ASN D 739 -19.15 -14.11 0.88
N TYR D 740 -20.44 -14.46 0.81
CA TYR D 740 -21.41 -13.58 0.17
C TYR D 740 -21.54 -12.27 0.93
N GLU D 741 -21.56 -12.31 2.25
CA GLU D 741 -21.73 -11.10 3.03
C GLU D 741 -20.55 -10.15 2.81
N GLN D 742 -19.33 -10.67 2.84
CA GLN D 742 -18.17 -9.81 2.62
C GLN D 742 -18.10 -9.33 1.17
N TYR D 743 -18.48 -10.16 0.21
CA TYR D 743 -18.50 -9.72 -1.18
C TYR D 743 -19.49 -8.60 -1.39
N LEU D 744 -20.68 -8.71 -0.79
CA LEU D 744 -21.69 -7.66 -0.94
C LEU D 744 -21.27 -6.39 -0.21
N ILE D 745 -20.59 -6.54 0.93
CA ILE D 745 -20.06 -5.36 1.62
C ILE D 745 -19.03 -4.66 0.74
N ASN D 746 -18.15 -5.42 0.11
CA ASN D 746 -17.14 -4.83 -0.76
C ASN D 746 -17.77 -4.18 -1.99
N ASN D 747 -18.85 -4.77 -2.51
CA ASN D 747 -19.56 -4.18 -3.64
C ASN D 747 -20.21 -2.86 -3.25
N CYS D 748 -20.97 -2.86 -2.16
CA CYS D 748 -21.68 -1.66 -1.74
C CYS D 748 -20.72 -0.54 -1.35
N ARG D 749 -19.66 -0.87 -0.62
CA ARG D 749 -18.76 0.15 -0.11
C ARG D 749 -17.92 0.81 -1.18
N THR D 750 -17.94 0.30 -2.42
CA THR D 750 -17.21 0.91 -3.52
C THR D 750 -18.14 1.54 -4.56
N GLY D 751 -19.41 1.73 -4.22
CA GLY D 751 -20.34 2.42 -5.08
C GLY D 751 -21.21 1.54 -5.95
N ASN D 752 -20.94 0.24 -6.01
CA ASN D 752 -21.71 -0.66 -6.85
C ASN D 752 -22.93 -1.21 -6.10
N TYR D 753 -23.87 -0.31 -5.80
CA TYR D 753 -25.05 -0.71 -5.06
C TYR D 753 -25.95 -1.64 -5.87
N ARG D 754 -26.18 -1.31 -7.14
CA ARG D 754 -27.04 -2.15 -7.97
C ARG D 754 -26.45 -3.55 -8.15
N ARG D 755 -25.13 -3.63 -8.34
CA ARG D 755 -24.50 -4.93 -8.48
C ARG D 755 -24.72 -5.79 -7.25
N ALA D 756 -24.54 -5.22 -6.07
CA ALA D 756 -24.74 -5.96 -4.83
C ALA D 756 -26.19 -6.38 -4.68
N LEU D 757 -27.13 -5.49 -5.02
CA LEU D 757 -28.54 -5.86 -4.94
C LEU D 757 -28.87 -7.00 -5.89
N GLU D 758 -28.34 -6.96 -7.11
CA GLU D 758 -28.60 -8.03 -8.08
C GLU D 758 -27.99 -9.35 -7.59
N ILE D 759 -26.79 -9.29 -7.03
CA ILE D 759 -26.16 -10.51 -6.49
C ILE D 759 -27.00 -11.07 -5.36
N THR D 760 -27.49 -10.19 -4.47
CA THR D 760 -28.33 -10.65 -3.37
C THR D 760 -29.62 -11.28 -3.89
N LYS D 761 -30.21 -10.68 -4.92
CA LYS D 761 -31.44 -11.22 -5.49
C LYS D 761 -31.22 -12.59 -6.12
N ASN D 762 -30.13 -12.76 -6.85
CA ASN D 762 -29.87 -14.00 -7.59
C ASN D 762 -29.04 -15.01 -6.79
N MET D 763 -28.73 -14.70 -5.52
CA MET D 763 -27.95 -15.63 -4.71
C MET D 763 -28.65 -16.98 -4.55
N GLU D 764 -29.93 -16.96 -4.20
CA GLU D 764 -30.64 -18.22 -3.99
C GLU D 764 -30.72 -19.03 -5.27
N ILE D 765 -30.86 -18.36 -6.42
CA ILE D 765 -30.98 -19.07 -7.69
C ILE D 765 -29.64 -19.67 -8.09
N ASP D 766 -28.57 -18.87 -8.07
CA ASP D 766 -27.31 -19.35 -8.63
C ASP D 766 -26.55 -20.26 -7.68
N SER D 767 -26.58 -19.97 -6.37
CA SER D 767 -25.79 -20.71 -5.41
C SER D 767 -26.59 -21.60 -4.48
N GLY D 768 -27.89 -21.38 -4.35
CA GLY D 768 -28.70 -22.16 -3.45
C GLY D 768 -28.66 -21.69 -2.00
N LEU D 769 -28.04 -20.55 -1.73
CA LEU D 769 -27.96 -19.99 -0.39
C LEU D 769 -29.02 -18.92 -0.23
N LYS D 770 -29.90 -19.08 0.74
CA LYS D 770 -30.92 -18.08 0.99
C LYS D 770 -30.30 -16.90 1.73
N PRO D 771 -30.49 -15.67 1.26
CA PRO D 771 -29.98 -14.52 1.99
C PRO D 771 -30.58 -14.46 3.39
N THR D 772 -29.75 -14.12 4.37
CA THR D 772 -30.15 -14.08 5.76
C THR D 772 -30.25 -12.63 6.22
N ALA D 773 -30.59 -12.47 7.51
CA ALA D 773 -30.72 -11.12 8.06
C ALA D 773 -29.41 -10.38 8.01
N LYS D 774 -28.29 -11.07 8.26
CA LYS D 774 -26.98 -10.43 8.23
C LYS D 774 -26.67 -9.90 6.82
N ILE D 775 -26.98 -10.69 5.79
CA ILE D 775 -26.67 -10.28 4.42
C ILE D 775 -27.50 -9.05 4.03
N ILE D 776 -28.80 -9.09 4.31
CA ILE D 776 -29.67 -7.97 3.94
C ILE D 776 -29.27 -6.73 4.72
N ALA D 777 -28.96 -6.89 6.00
CA ALA D 777 -28.52 -5.75 6.81
C ALA D 777 -27.22 -5.15 6.27
N ALA D 778 -26.27 -6.01 5.90
CA ALA D 778 -25.02 -5.53 5.35
C ALA D 778 -25.24 -4.78 4.04
N VAL D 779 -26.14 -5.27 3.19
CA VAL D 779 -26.43 -4.59 1.94
C VAL D 779 -27.07 -3.24 2.21
N TYR D 780 -28.04 -3.19 3.12
CA TYR D 780 -28.75 -1.95 3.39
C TYR D 780 -27.83 -0.90 4.01
N ASN D 781 -27.06 -1.30 5.01
CA ASN D 781 -26.19 -0.35 5.71
C ASN D 781 -25.13 0.23 4.80
N TYR D 782 -24.51 -0.61 3.98
CA TYR D 782 -23.38 -0.17 3.17
C TYR D 782 -23.81 0.51 1.88
N THR D 783 -25.12 0.64 1.66
CA THR D 783 -25.66 1.34 0.50
C THR D 783 -25.94 2.78 0.92
N PHE D 784 -24.99 3.68 0.65
CA PHE D 784 -25.08 5.05 1.13
C PHE D 784 -25.76 5.97 0.13
N THR D 785 -26.97 5.61 -0.29
CA THR D 785 -27.76 6.46 -1.18
C THR D 785 -29.24 6.23 -0.90
N GLU D 786 -30.00 7.32 -0.84
CA GLU D 786 -31.42 7.23 -0.47
C GLU D 786 -32.19 6.40 -1.48
N GLN D 787 -31.95 6.62 -2.78
CA GLN D 787 -32.68 5.90 -3.81
C GLN D 787 -32.36 4.40 -3.79
N ARG D 788 -31.08 4.07 -3.69
CA ARG D 788 -30.70 2.65 -3.68
C ARG D 788 -31.15 1.98 -2.39
N LYS D 789 -31.11 2.72 -1.28
CA LYS D 789 -31.65 2.19 -0.03
C LYS D 789 -33.14 1.92 -0.15
N LEU D 790 -33.87 2.82 -0.81
CA LEU D 790 -35.28 2.57 -1.04
C LEU D 790 -35.49 1.33 -1.91
N GLU D 791 -34.64 1.15 -2.92
CA GLU D 791 -34.78 0.00 -3.80
C GLU D 791 -34.55 -1.30 -3.04
N VAL D 792 -33.50 -1.36 -2.21
CA VAL D 792 -33.24 -2.57 -1.44
C VAL D 792 -34.33 -2.79 -0.41
N GLU D 793 -34.89 -1.71 0.16
CA GLU D 793 -36.00 -1.82 1.08
C GLU D 793 -37.21 -2.45 0.41
N GLN D 794 -37.52 -2.00 -0.81
CA GLN D 794 -38.64 -2.56 -1.55
C GLN D 794 -38.41 -4.04 -1.86
N TRP D 795 -37.19 -4.38 -2.29
CA TRP D 795 -36.89 -5.78 -2.58
C TRP D 795 -37.06 -6.66 -1.34
N ALA D 796 -36.53 -6.20 -0.21
CA ALA D 796 -36.61 -6.96 1.03
C ALA D 796 -38.05 -7.12 1.48
N GLU D 797 -38.84 -6.05 1.39
CA GLU D 797 -40.23 -6.10 1.78
C GLU D 797 -41.00 -7.09 0.92
N LYS D 798 -40.73 -7.10 -0.39
CA LYS D 798 -41.44 -8.01 -1.28
C LYS D 798 -40.99 -9.46 -1.11
N ALA D 799 -39.71 -9.69 -0.84
CA ALA D 799 -39.16 -11.05 -0.85
C ALA D 799 -39.15 -11.69 0.53
N HIS D 800 -38.65 -10.98 1.54
CA HIS D 800 -38.53 -11.50 2.90
C HIS D 800 -39.24 -10.54 3.85
N PRO D 801 -40.58 -10.62 3.90
CA PRO D 801 -41.31 -9.64 4.73
C PRO D 801 -41.04 -9.77 6.21
N GLU D 802 -41.05 -10.98 6.75
CA GLU D 802 -40.85 -11.15 8.19
C GLU D 802 -39.41 -10.80 8.58
N MET D 803 -38.44 -11.14 7.74
CA MET D 803 -37.05 -10.81 8.05
C MET D 803 -36.83 -9.31 8.04
N TRP D 804 -37.38 -8.61 7.05
CA TRP D 804 -37.27 -7.16 7.01
C TRP D 804 -38.00 -6.52 8.18
N LEU D 805 -39.15 -7.08 8.56
CA LEU D 805 -39.86 -6.56 9.73
C LEU D 805 -39.02 -6.73 10.99
N GLU D 806 -38.35 -7.88 11.12
CA GLU D 806 -37.44 -8.08 12.25
C GLU D 806 -36.30 -7.07 12.23
N LEU D 807 -35.75 -6.80 11.04
CA LEU D 807 -34.71 -5.79 10.91
C LEU D 807 -35.22 -4.40 11.26
N LYS D 808 -36.51 -4.12 11.09
CA LYS D 808 -37.08 -2.86 11.52
C LYS D 808 -37.36 -2.82 13.02
N GLU D 809 -37.41 -3.96 13.70
CA GLU D 809 -37.72 -3.97 15.13
C GLU D 809 -36.54 -3.53 15.98
N GLY D 810 -35.32 -3.90 15.59
CA GLY D 810 -34.15 -3.50 16.32
C GLY D 810 -33.54 -2.22 15.79
N ASP D 811 -32.21 -2.16 15.76
CA ASP D 811 -31.49 -1.00 15.24
C ASP D 811 -30.42 -1.45 14.26
N LYS D 812 -30.74 -2.44 13.43
CA LYS D 812 -29.77 -2.95 12.47
C LYS D 812 -29.67 -2.08 11.22
N LEU D 813 -30.73 -1.33 10.91
CA LEU D 813 -30.78 -0.53 9.69
C LEU D 813 -30.35 0.89 10.01
N LYS D 814 -29.16 1.26 9.55
CA LYS D 814 -28.64 2.61 9.75
C LYS D 814 -28.97 3.47 8.53
N SER D 815 -28.98 4.78 8.74
CA SER D 815 -29.39 5.72 7.71
C SER D 815 -28.27 6.70 7.34
N LEU D 816 -27.03 6.24 7.37
CA LEU D 816 -25.91 7.08 6.98
C LEU D 816 -25.72 7.05 5.46
N CYS D 817 -25.49 8.22 4.88
CA CYS D 817 -25.32 8.35 3.44
C CYS D 817 -24.25 9.40 3.14
N LEU D 818 -23.77 9.40 1.91
CA LEU D 818 -22.81 10.40 1.48
C LEU D 818 -23.42 11.79 1.59
N PRO D 819 -22.77 12.72 2.28
CA PRO D 819 -23.25 14.11 2.29
C PRO D 819 -22.98 14.78 0.96
N ALA D 820 -23.69 15.89 0.74
CA ALA D 820 -23.48 16.69 -0.45
C ALA D 820 -22.05 17.23 -0.46
N ASN D 821 -21.26 16.82 -1.44
CA ASN D 821 -19.85 17.21 -1.48
C ASN D 821 -19.67 18.67 -1.89
N SER D 822 -20.06 19.59 -1.00
CA SER D 822 -19.84 21.00 -1.24
C SER D 822 -18.36 21.35 -1.34
N ASP D 823 -17.48 20.46 -0.89
CA ASP D 823 -16.05 20.60 -1.07
C ASP D 823 -15.57 20.02 -2.40
N ASN D 824 -16.51 19.64 -3.27
CA ASN D 824 -16.20 19.18 -4.62
C ASN D 824 -15.20 18.02 -4.61
N ASP D 825 -15.41 17.10 -3.68
CA ASP D 825 -14.55 15.93 -3.54
C ASP D 825 -15.03 14.81 -4.47
N ASN D 826 -14.08 14.04 -4.97
CA ASN D 826 -14.43 12.89 -5.79
C ASN D 826 -15.13 11.83 -4.96
N VAL D 827 -16.00 11.04 -5.61
CA VAL D 827 -16.89 10.15 -4.90
C VAL D 827 -16.11 9.02 -4.22
N GLU D 828 -14.94 8.66 -4.74
CA GLU D 828 -14.19 7.55 -4.17
C GLU D 828 -13.66 7.89 -2.78
N SER D 829 -13.04 9.06 -2.63
CA SER D 829 -12.56 9.49 -1.32
C SER D 829 -13.72 9.77 -0.37
N LEU D 830 -14.78 10.41 -0.87
CA LEU D 830 -15.95 10.68 -0.05
C LEU D 830 -16.67 9.41 0.37
N LEU D 831 -16.45 8.31 -0.35
CA LEU D 831 -17.11 7.05 -0.09
C LEU D 831 -16.31 6.13 0.81
N LYS D 832 -14.98 6.18 0.71
CA LYS D 832 -14.16 5.39 1.64
C LYS D 832 -14.36 5.85 3.07
N GLN D 833 -14.51 7.15 3.29
CA GLN D 833 -14.78 7.66 4.63
C GLN D 833 -16.11 7.14 5.16
N ALA D 834 -17.14 7.13 4.30
CA ALA D 834 -18.43 6.60 4.71
C ALA D 834 -18.34 5.11 5.03
N SER D 835 -17.56 4.37 4.23
CA SER D 835 -17.38 2.95 4.49
C SER D 835 -16.70 2.71 5.83
N ALA D 836 -15.67 3.50 6.13
CA ALA D 836 -15.00 3.37 7.42
C ALA D 836 -15.93 3.72 8.57
N ASP D 837 -16.75 4.77 8.41
CA ASP D 837 -17.71 5.14 9.44
C ASP D 837 -18.71 4.01 9.68
N MET D 838 -19.21 3.39 8.59
CA MET D 838 -20.12 2.27 8.75
C MET D 838 -19.45 1.07 9.40
N ASP D 839 -18.18 0.83 9.07
CA ASP D 839 -17.44 -0.25 9.73
C ASP D 839 -17.36 -0.01 11.22
N GLU D 840 -17.04 1.22 11.62
CA GLU D 840 -16.96 1.55 13.04
C GLU D 840 -18.32 1.40 13.71
N GLU D 841 -19.39 1.86 13.05
CA GLU D 841 -20.71 1.80 13.64
C GLU D 841 -21.18 0.36 13.82
N MET D 842 -20.96 -0.49 12.81
CA MET D 842 -21.40 -1.87 12.89
C MET D 842 -20.43 -2.75 13.66
N SER D 843 -19.25 -2.24 14.01
CA SER D 843 -18.32 -3.03 14.82
C SER D 843 -18.90 -3.34 16.19
N GLY D 844 -19.55 -2.38 16.82
CA GLY D 844 -20.14 -2.58 18.13
C GLY D 844 -19.76 -1.51 19.13
N SER E 2 -18.88 -14.91 -32.09
CA SER E 2 -18.07 -13.95 -32.85
C SER E 2 -17.27 -14.67 -33.93
N PHE E 3 -16.72 -13.89 -34.86
CA PHE E 3 -15.94 -14.44 -35.96
C PHE E 3 -14.64 -13.67 -36.11
N ARG E 4 -13.61 -14.38 -36.57
CA ARG E 4 -12.26 -13.81 -36.61
C ARG E 4 -12.18 -12.64 -37.58
N ASN E 5 -12.81 -12.77 -38.76
CA ASN E 5 -12.69 -11.73 -39.78
C ASN E 5 -13.32 -10.42 -39.32
N VAL E 6 -14.46 -10.51 -38.63
CA VAL E 6 -15.13 -9.30 -38.15
C VAL E 6 -14.24 -8.56 -37.15
N SER E 7 -13.67 -9.30 -36.19
CA SER E 7 -12.80 -8.68 -35.20
C SER E 7 -11.54 -8.12 -35.85
N LEU E 8 -10.99 -8.83 -36.83
CA LEU E 8 -9.78 -8.34 -37.51
C LEU E 8 -10.06 -7.05 -38.26
N ARG E 9 -11.17 -6.98 -38.99
CA ARG E 9 -11.51 -5.77 -39.72
C ARG E 9 -11.81 -4.62 -38.77
N GLY E 10 -12.50 -4.90 -37.66
CA GLY E 10 -12.75 -3.88 -36.66
C GLY E 10 -11.46 -3.36 -36.05
N SER E 11 -10.51 -4.25 -35.77
CA SER E 11 -9.22 -3.83 -35.25
C SER E 11 -8.46 -2.98 -36.25
N GLN E 12 -8.53 -3.36 -37.53
CA GLN E 12 -7.88 -2.57 -38.58
C GLN E 12 -8.45 -1.16 -38.63
N LEU E 13 -9.78 -1.04 -38.60
CA LEU E 13 -10.39 0.28 -38.68
C LEU E 13 -10.12 1.08 -37.40
N LEU E 14 -10.07 0.41 -36.25
CA LEU E 14 -9.73 1.10 -35.01
C LEU E 14 -8.32 1.65 -35.06
N GLY E 15 -7.37 0.85 -35.54
CA GLY E 15 -6.01 1.33 -35.70
C GLY E 15 -5.92 2.46 -36.71
N LYS E 16 -6.74 2.42 -37.76
CA LYS E 16 -6.81 3.52 -38.72
C LYS E 16 -7.31 4.79 -38.06
N LEU E 17 -8.29 4.69 -37.16
CA LEU E 17 -8.89 5.86 -36.55
C LEU E 17 -8.32 6.16 -35.16
N ASP E 18 -7.28 5.44 -34.77
CA ASP E 18 -6.69 5.67 -33.44
C ASP E 18 -5.22 5.29 -33.43
N SER E 19 -4.36 6.20 -32.96
CA SER E 19 -2.92 5.95 -32.92
C SER E 19 -2.41 5.52 -31.56
N ARG E 20 -3.19 5.73 -30.49
CA ARG E 20 -2.83 5.31 -29.14
C ARG E 20 -1.49 5.92 -28.71
N GLY E 21 -1.28 7.17 -29.11
CA GLY E 21 -0.06 7.88 -28.78
C GLY E 21 -0.30 9.06 -27.86
N TRP E 22 0.70 9.42 -27.06
CA TRP E 22 0.54 10.48 -26.08
C TRP E 22 0.25 11.83 -26.73
N GLY E 23 0.70 12.01 -27.97
CA GLY E 23 0.42 13.24 -28.69
C GLY E 23 -1.04 13.33 -29.10
N TRP E 24 -1.52 12.29 -29.78
CA TRP E 24 -2.92 12.27 -30.21
C TRP E 24 -3.87 12.16 -29.03
N TYR E 25 -3.46 11.46 -27.97
CA TYR E 25 -4.36 11.27 -26.83
C TYR E 25 -4.68 12.59 -26.15
N VAL E 26 -3.69 13.47 -25.98
CA VAL E 26 -3.95 14.75 -25.33
C VAL E 26 -4.87 15.60 -26.19
N ALA E 27 -4.66 15.60 -27.51
CA ALA E 27 -5.54 16.35 -28.40
C ALA E 27 -6.97 15.84 -28.31
N LYS E 28 -7.14 14.52 -28.37
CA LYS E 28 -8.49 13.94 -28.23
C LYS E 28 -9.09 14.28 -26.88
N LYS E 29 -8.28 14.19 -25.82
CA LYS E 29 -8.77 14.46 -24.47
C LYS E 29 -9.29 15.88 -24.35
N TRP E 30 -8.52 16.86 -24.84
CA TRP E 30 -8.94 18.24 -24.69
C TRP E 30 -10.08 18.59 -25.63
N ASN E 31 -10.12 17.99 -26.82
CA ASN E 31 -11.26 18.21 -27.71
C ASN E 31 -12.55 17.71 -27.08
N ILE E 32 -12.54 16.46 -26.60
CA ILE E 32 -13.72 15.89 -25.96
C ILE E 32 -14.09 16.68 -24.72
N GLY E 33 -13.09 17.09 -23.93
CA GLY E 33 -13.37 17.86 -22.73
C GLY E 33 -14.02 19.20 -23.02
N LEU E 34 -13.54 19.90 -24.06
CA LEU E 34 -14.14 21.17 -24.41
C LEU E 34 -15.56 21.00 -24.93
N VAL E 35 -15.79 19.98 -25.78
CA VAL E 35 -17.14 19.74 -26.28
C VAL E 35 -18.07 19.39 -25.13
N TYR E 36 -17.62 18.55 -24.21
CA TYR E 36 -18.42 18.16 -23.06
C TYR E 36 -18.71 19.36 -22.16
N THR E 37 -17.73 20.26 -21.99
CA THR E 37 -17.93 21.45 -21.18
C THR E 37 -18.97 22.37 -21.81
N MET E 38 -18.92 22.55 -23.13
CA MET E 38 -19.94 23.36 -23.80
C MET E 38 -21.32 22.74 -23.62
N CYS E 39 -21.42 21.42 -23.79
CA CYS E 39 -22.72 20.76 -23.63
C CYS E 39 -23.22 20.88 -22.20
N LYS E 40 -22.33 20.76 -21.22
CA LYS E 40 -22.72 20.87 -19.81
C LYS E 40 -23.23 22.27 -19.49
N VAL E 41 -22.52 23.29 -19.98
CA VAL E 41 -22.97 24.67 -19.78
C VAL E 41 -24.32 24.89 -20.46
N PHE E 42 -24.48 24.35 -21.67
CA PHE E 42 -25.76 24.45 -22.36
C PHE E 42 -26.88 23.81 -21.55
N LEU E 43 -26.60 22.64 -20.95
CA LEU E 43 -27.62 21.97 -20.15
C LEU E 43 -28.01 22.79 -18.93
N ARG E 44 -27.04 23.39 -18.24
CA ARG E 44 -27.44 24.24 -17.11
C ARG E 44 -28.12 25.51 -17.58
N CYS E 45 -27.90 25.93 -18.82
CA CYS E 45 -28.58 27.12 -19.32
C CYS E 45 -30.09 26.90 -19.41
N LYS E 46 -30.53 25.67 -19.66
CA LYS E 46 -31.93 25.35 -19.83
C LYS E 46 -32.46 24.59 -18.62
N LYS E 47 -33.74 24.21 -18.68
CA LYS E 47 -34.40 23.43 -17.64
C LYS E 47 -34.43 21.98 -18.09
N VAL E 48 -33.79 21.11 -17.31
CA VAL E 48 -33.65 19.70 -17.67
C VAL E 48 -33.94 18.85 -16.45
N ASP E 49 -34.63 17.72 -16.66
CA ASP E 49 -34.94 16.76 -15.61
C ASP E 49 -34.30 15.43 -15.96
N ILE E 50 -33.37 14.98 -15.12
CA ILE E 50 -32.66 13.72 -15.31
C ILE E 50 -33.17 12.74 -14.26
N LYS E 51 -33.57 11.55 -14.70
CA LYS E 51 -34.02 10.49 -13.80
C LYS E 51 -33.39 9.18 -14.26
N GLY E 52 -32.31 8.78 -13.60
CA GLY E 52 -31.69 7.50 -13.89
C GLY E 52 -30.22 7.60 -14.25
N LEU E 53 -29.59 8.74 -14.01
CA LEU E 53 -28.19 8.92 -14.36
C LEU E 53 -27.31 7.91 -13.64
N ASP E 54 -27.74 7.47 -12.47
CA ASP E 54 -27.00 6.47 -11.69
C ASP E 54 -26.93 5.15 -12.44
N ASN E 55 -27.99 4.81 -13.17
CA ASN E 55 -28.03 3.55 -13.90
C ASN E 55 -26.96 3.52 -14.99
N LEU E 56 -26.80 4.63 -15.72
CA LEU E 56 -25.76 4.69 -16.74
C LEU E 56 -24.37 4.72 -16.12
N LEU E 57 -24.23 5.40 -14.97
CA LEU E 57 -22.92 5.53 -14.34
C LEU E 57 -22.49 4.23 -13.68
N GLU E 58 -23.42 3.53 -13.05
CA GLU E 58 -23.10 2.27 -12.39
C GLU E 58 -22.94 1.12 -13.37
N ALA E 59 -23.67 1.12 -14.47
CA ALA E 59 -23.52 0.08 -15.47
C ALA E 59 -22.27 0.25 -16.31
N HIS E 60 -21.70 1.46 -16.38
CA HIS E 60 -20.43 1.67 -17.04
C HIS E 60 -19.24 1.21 -16.21
N ARG E 61 -19.28 1.41 -14.89
CA ARG E 61 -18.22 0.94 -14.02
C ARG E 61 -18.27 -0.56 -13.81
N GLN E 62 -19.47 -1.15 -13.75
CA GLN E 62 -19.56 -2.61 -13.68
C GLN E 62 -19.03 -3.25 -14.95
N ALA E 63 -19.37 -2.69 -16.10
CA ALA E 63 -18.94 -3.25 -17.38
C ALA E 63 -17.42 -3.22 -17.51
N ARG E 64 -16.81 -2.10 -17.12
CA ARG E 64 -15.34 -2.02 -17.15
C ARG E 64 -14.72 -2.90 -16.09
N LEU E 65 -15.38 -3.04 -14.94
CA LEU E 65 -14.88 -3.92 -13.89
C LEU E 65 -14.82 -5.36 -14.35
N GLU E 66 -15.86 -5.83 -15.03
CA GLU E 66 -15.93 -7.22 -15.48
C GLU E 66 -15.43 -7.40 -16.90
N GLY E 67 -15.12 -6.33 -17.61
CA GLY E 67 -14.66 -6.45 -18.98
C GLY E 67 -15.72 -6.83 -19.99
N ARG E 68 -17.01 -6.63 -19.66
CA ARG E 68 -18.07 -7.01 -20.58
C ARG E 68 -18.20 -6.02 -21.73
N GLY E 69 -18.06 -4.73 -21.45
CA GLY E 69 -18.34 -3.72 -22.43
C GLY E 69 -19.73 -3.16 -22.23
N LEU E 70 -19.92 -1.88 -22.50
CA LEU E 70 -21.19 -1.20 -22.28
C LEU E 70 -21.80 -0.81 -23.61
N LEU E 71 -23.10 -1.05 -23.75
CA LEU E 71 -23.84 -0.65 -24.93
C LEU E 71 -25.02 0.22 -24.49
N THR E 72 -25.29 1.28 -25.24
CA THR E 72 -26.36 2.22 -24.93
C THR E 72 -27.28 2.36 -26.11
N VAL E 73 -28.58 2.38 -25.83
CA VAL E 73 -29.62 2.49 -26.84
C VAL E 73 -30.47 3.71 -26.51
N MET E 74 -30.72 4.55 -27.51
CA MET E 74 -31.36 5.83 -27.26
C MET E 74 -32.13 6.26 -28.49
N ASN E 75 -33.08 7.18 -28.29
CA ASN E 75 -33.88 7.72 -29.38
C ASN E 75 -33.14 8.89 -30.04
N HIS E 76 -33.35 9.04 -31.34
CA HIS E 76 -32.69 10.08 -32.14
C HIS E 76 -33.72 11.15 -32.50
N THR E 77 -33.78 12.20 -31.70
CA THR E 77 -34.74 13.27 -31.95
C THR E 77 -34.07 14.58 -32.38
N SER E 78 -32.75 14.68 -32.28
CA SER E 78 -32.07 15.91 -32.63
C SER E 78 -30.78 15.58 -33.37
N VAL E 79 -30.31 16.52 -34.18
CA VAL E 79 -29.03 16.35 -34.86
C VAL E 79 -27.88 16.45 -33.86
N LEU E 80 -27.98 17.36 -32.89
CA LEU E 80 -26.93 17.58 -31.91
C LEU E 80 -27.23 16.94 -30.57
N ASP E 81 -28.17 16.01 -30.52
CA ASP E 81 -28.44 15.31 -29.26
C ASP E 81 -27.34 14.33 -28.89
N ASP E 82 -26.42 14.03 -29.81
CA ASP E 82 -25.34 13.11 -29.48
C ASP E 82 -24.42 13.67 -28.40
N PRO E 83 -23.76 14.83 -28.57
CA PRO E 83 -22.86 15.30 -27.50
C PRO E 83 -23.58 15.95 -26.33
N VAL E 84 -24.69 16.65 -26.62
CA VAL E 84 -25.35 17.46 -25.60
C VAL E 84 -25.81 16.59 -24.44
N VAL E 85 -26.36 15.42 -24.74
CA VAL E 85 -26.86 14.54 -23.69
C VAL E 85 -25.74 14.12 -22.76
N TRP E 86 -24.51 14.04 -23.26
CA TRP E 86 -23.39 13.64 -22.41
C TRP E 86 -22.85 14.79 -21.57
N GLY E 87 -23.54 15.93 -21.54
CA GLY E 87 -23.17 16.98 -20.60
C GLY E 87 -23.62 16.70 -19.18
N MET E 88 -24.55 15.78 -19.00
CA MET E 88 -25.01 15.40 -17.67
C MET E 88 -24.02 14.47 -16.96
N LEU E 89 -23.12 13.84 -17.71
CA LEU E 89 -22.15 12.95 -17.12
C LEU E 89 -21.20 13.73 -16.21
N PRO E 90 -20.67 13.08 -15.18
CA PRO E 90 -19.72 13.76 -14.29
C PRO E 90 -18.40 14.05 -14.99
N ASN E 91 -17.54 14.79 -14.29
CA ASN E 91 -16.27 15.20 -14.87
C ASN E 91 -15.36 14.01 -15.15
N ASP E 92 -15.44 12.96 -14.32
CA ASP E 92 -14.61 11.78 -14.55
C ASP E 92 -14.94 11.13 -15.88
N ASN E 93 -16.21 11.18 -16.29
CA ASN E 93 -16.62 10.70 -17.60
C ASN E 93 -16.66 11.81 -18.65
N GLY E 94 -16.17 12.99 -18.32
CA GLY E 94 -16.20 14.10 -19.26
C GLY E 94 -14.87 14.35 -19.91
N TRP E 95 -13.79 14.26 -19.13
CA TRP E 95 -12.45 14.54 -19.62
C TRP E 95 -11.59 13.31 -19.84
N ILE E 96 -12.00 12.16 -19.30
CA ILE E 96 -11.28 10.91 -19.53
C ILE E 96 -11.81 10.27 -20.81
N PRO E 97 -11.07 10.33 -21.91
CA PRO E 97 -11.62 9.84 -23.20
C PRO E 97 -11.97 8.38 -23.22
N TYR E 98 -11.22 7.52 -22.52
CA TYR E 98 -11.56 6.10 -22.53
C TYR E 98 -12.71 5.77 -21.60
N LEU E 99 -13.05 6.68 -20.68
CA LEU E 99 -14.27 6.58 -19.89
C LEU E 99 -15.46 7.22 -20.60
N MET E 100 -15.40 7.38 -21.91
CA MET E 100 -16.39 8.10 -22.68
C MET E 100 -16.94 7.24 -23.79
N ARG E 101 -18.01 7.73 -24.41
CA ARG E 101 -18.66 7.11 -25.55
C ARG E 101 -17.67 6.98 -26.71
N TRP E 102 -17.85 5.92 -27.50
CA TRP E 102 -17.05 5.73 -28.71
C TRP E 102 -17.96 5.35 -29.87
N ALA E 103 -19.04 6.08 -30.07
CA ALA E 103 -19.91 5.75 -31.19
C ALA E 103 -20.77 6.96 -31.56
N THR E 104 -21.34 6.88 -32.76
CA THR E 104 -22.37 7.81 -33.21
C THR E 104 -23.70 7.10 -33.47
N GLY E 105 -23.66 5.90 -34.02
CA GLY E 105 -24.87 5.13 -34.21
C GLY E 105 -25.30 4.98 -35.66
N ALA E 106 -26.54 5.38 -35.94
CA ALA E 106 -27.25 5.34 -37.21
C ALA E 106 -27.69 3.94 -37.60
N LYS E 107 -27.28 2.90 -36.85
CA LYS E 107 -27.73 1.52 -37.03
C LYS E 107 -27.87 1.09 -38.49
N ASP E 108 -26.92 1.49 -39.33
CA ASP E 108 -26.84 1.02 -40.71
C ASP E 108 -28.03 1.47 -41.54
N ILE E 109 -28.18 0.89 -42.74
CA ILE E 109 -29.33 1.16 -43.60
C ILE E 109 -30.31 0.01 -43.50
N CYS E 110 -29.81 -1.23 -43.54
CA CYS E 110 -30.58 -2.46 -43.41
C CYS E 110 -31.91 -2.41 -44.16
N TYR E 111 -32.92 -1.77 -43.56
CA TYR E 111 -34.29 -1.78 -44.05
C TYR E 111 -34.81 -3.21 -44.18
N PHE E 119 -12.93 17.25 -36.64
CA PHE E 119 -12.63 16.91 -35.26
C PHE E 119 -13.47 15.72 -34.79
N PHE E 120 -14.23 15.15 -35.73
CA PHE E 120 -15.05 13.98 -35.39
C PHE E 120 -14.20 12.79 -35.00
N GLY E 121 -13.07 12.60 -35.70
CA GLY E 121 -12.17 11.51 -35.34
C GLY E 121 -11.66 11.62 -33.92
N ALA E 122 -11.32 12.84 -33.51
CA ALA E 122 -10.96 13.08 -32.11
C ALA E 122 -12.18 13.12 -31.20
N GLY E 123 -13.39 13.12 -31.76
CA GLY E 123 -14.58 13.09 -30.95
C GLY E 123 -15.08 11.68 -30.70
N GLN E 124 -14.25 10.69 -31.04
CA GLN E 124 -14.58 9.28 -30.88
C GLN E 124 -15.85 8.92 -31.64
N VAL E 125 -15.85 9.25 -32.93
CA VAL E 125 -16.98 9.03 -33.82
C VAL E 125 -16.49 8.19 -35.00
N LEU E 126 -17.05 7.01 -35.17
CA LEU E 126 -16.74 6.14 -36.29
C LEU E 126 -17.74 6.35 -37.42
N PRO E 127 -17.34 6.06 -38.67
CA PRO E 127 -18.23 6.34 -39.80
C PRO E 127 -19.20 5.21 -40.10
N ILE E 128 -20.45 5.60 -40.33
CA ILE E 128 -21.51 4.67 -40.72
C ILE E 128 -22.26 5.28 -41.91
N THR E 129 -22.50 4.48 -42.94
CA THR E 129 -23.19 4.93 -44.14
C THR E 129 -24.69 4.74 -43.95
N ARG E 130 -25.45 5.84 -44.09
CA ARG E 130 -26.90 5.82 -43.92
C ARG E 130 -27.65 5.72 -45.23
N PHE E 131 -26.97 5.46 -46.34
CA PHE E 131 -27.63 5.33 -47.64
C PHE E 131 -27.76 3.86 -48.01
N GLY E 132 -28.54 3.60 -49.06
CA GLY E 132 -28.84 2.24 -49.46
C GLY E 132 -27.72 1.54 -50.20
N ILE E 133 -26.52 1.52 -49.61
CA ILE E 133 -25.37 0.83 -50.16
C ILE E 133 -24.81 -0.09 -49.09
N GLY E 134 -24.52 -1.33 -49.46
CA GLY E 134 -24.05 -2.32 -48.51
C GLY E 134 -25.16 -2.94 -47.70
N GLY E 135 -25.20 -2.63 -46.41
CA GLY E 135 -26.23 -3.16 -45.54
C GLY E 135 -25.86 -3.05 -44.07
N PRO E 136 -26.39 -3.96 -43.26
CA PRO E 136 -26.07 -3.96 -41.82
C PRO E 136 -24.66 -4.42 -41.51
N PHE E 137 -23.88 -4.84 -42.50
CA PHE E 137 -22.54 -5.37 -42.31
C PHE E 137 -21.56 -4.38 -42.94
N GLN E 138 -21.14 -3.41 -42.14
CA GLN E 138 -20.22 -2.35 -42.55
C GLN E 138 -19.01 -2.37 -41.64
N PRO E 139 -17.89 -1.78 -42.07
CA PRO E 139 -16.72 -1.69 -41.18
C PRO E 139 -17.02 -1.01 -39.86
N GLY E 140 -17.97 -0.07 -39.83
CA GLY E 140 -18.36 0.53 -38.56
C GLY E 140 -18.97 -0.46 -37.60
N MET E 141 -19.81 -1.36 -38.10
CA MET E 141 -20.38 -2.39 -37.24
C MET E 141 -19.31 -3.33 -36.73
N ASP E 142 -18.36 -3.71 -37.59
CA ASP E 142 -17.26 -4.54 -37.14
C ASP E 142 -16.44 -3.84 -36.06
N MET E 143 -16.23 -2.54 -36.22
CA MET E 143 -15.53 -1.77 -35.19
C MET E 143 -16.31 -1.74 -33.89
N CYS E 144 -17.63 -1.58 -33.96
CA CYS E 144 -18.45 -1.61 -32.75
C CYS E 144 -18.32 -2.95 -32.04
N VAL E 145 -18.39 -4.03 -32.81
CA VAL E 145 -18.22 -5.37 -32.22
C VAL E 145 -16.85 -5.51 -31.58
N ARG E 146 -15.81 -5.02 -32.28
CA ARG E 146 -14.45 -5.14 -31.77
C ARG E 146 -14.27 -4.39 -30.45
N LEU E 147 -14.78 -3.16 -30.37
CA LEU E 147 -14.73 -2.44 -29.10
C LEU E 147 -15.61 -3.06 -28.04
N LEU E 148 -16.63 -3.83 -28.42
CA LEU E 148 -17.39 -4.56 -27.42
C LEU E 148 -16.73 -5.88 -27.04
N ASN E 149 -15.63 -6.27 -27.71
CA ASN E 149 -14.84 -7.46 -27.39
C ASN E 149 -13.69 -7.10 -26.45
N PRO E 150 -13.61 -7.71 -25.27
CA PRO E 150 -12.46 -7.40 -24.40
C PRO E 150 -11.16 -8.01 -24.88
N ASN E 151 -11.17 -9.28 -25.29
CA ASN E 151 -9.97 -9.96 -25.75
C ASN E 151 -10.33 -10.87 -26.92
N ASN E 152 -9.30 -11.46 -27.51
CA ASN E 152 -9.45 -12.57 -28.43
C ASN E 152 -9.12 -13.91 -27.77
N LYS E 153 -9.00 -13.92 -26.44
CA LYS E 153 -8.54 -15.10 -25.71
C LYS E 153 -9.67 -15.94 -25.14
N ILE E 154 -10.84 -15.36 -24.90
CA ILE E 154 -11.93 -16.07 -24.26
C ILE E 154 -12.90 -16.55 -25.31
N LYS E 155 -13.63 -17.61 -24.98
CA LYS E 155 -14.60 -18.20 -25.90
C LYS E 155 -15.90 -17.41 -25.86
N TYR E 156 -16.79 -17.72 -26.80
CA TYR E 156 -18.08 -17.06 -26.86
C TYR E 156 -19.05 -17.75 -25.91
N SER E 157 -19.69 -16.98 -25.04
CA SER E 157 -20.65 -17.51 -24.10
C SER E 157 -21.90 -16.64 -24.11
N ALA E 158 -23.07 -17.28 -24.12
CA ALA E 158 -24.32 -16.53 -24.10
C ALA E 158 -24.46 -15.75 -22.80
N LYS E 159 -24.13 -16.38 -21.67
CA LYS E 159 -24.13 -15.72 -20.38
C LYS E 159 -22.71 -15.32 -20.02
N TYR E 160 -22.59 -14.28 -19.20
CA TYR E 160 -21.27 -13.76 -18.83
C TYR E 160 -20.56 -14.77 -17.94
N THR E 161 -19.64 -15.53 -18.54
CA THR E 161 -18.80 -16.44 -17.78
C THR E 161 -17.58 -15.68 -17.29
N PRO E 162 -17.32 -15.64 -15.99
CA PRO E 162 -16.16 -14.88 -15.48
C PRO E 162 -14.86 -15.38 -16.07
N TYR E 163 -13.96 -14.45 -16.38
CA TYR E 163 -12.69 -14.78 -17.01
C TYR E 163 -11.51 -13.98 -16.49
N LEU E 164 -11.67 -13.13 -15.47
CA LEU E 164 -10.61 -12.20 -15.08
C LEU E 164 -9.44 -12.87 -14.39
N VAL E 165 -9.56 -14.14 -14.00
CA VAL E 165 -8.42 -14.80 -13.35
C VAL E 165 -7.49 -15.43 -14.39
N HIS E 166 -8.05 -15.96 -15.48
CA HIS E 166 -7.21 -16.52 -16.53
C HIS E 166 -6.50 -15.45 -17.33
N THR E 167 -7.19 -14.38 -17.69
CA THR E 167 -6.59 -13.23 -18.33
C THR E 167 -6.94 -11.99 -17.53
N ASN E 168 -6.05 -11.01 -17.54
CA ASN E 168 -6.21 -9.78 -16.75
C ASN E 168 -6.31 -10.08 -15.26
N ALA E 169 -5.44 -10.98 -14.77
CA ALA E 169 -5.38 -11.22 -13.33
C ALA E 169 -4.91 -9.99 -12.58
N THR E 170 -3.89 -9.30 -13.10
CA THR E 170 -3.46 -8.03 -12.55
C THR E 170 -3.62 -6.89 -13.53
N SER E 171 -4.07 -7.17 -14.75
CA SER E 171 -4.23 -6.16 -15.79
C SER E 171 -5.63 -5.55 -15.70
N TYR E 172 -5.97 -4.72 -16.69
CA TYR E 172 -7.29 -4.17 -16.86
C TYR E 172 -7.87 -4.66 -18.18
N PRO E 173 -9.17 -4.99 -18.21
CA PRO E 173 -9.75 -5.54 -19.46
C PRO E 173 -9.69 -4.58 -20.63
N PHE E 174 -10.23 -3.37 -20.46
CA PHE E 174 -10.13 -2.31 -21.44
C PHE E 174 -9.22 -1.24 -20.84
N TRP E 175 -7.92 -1.43 -21.00
CA TRP E 175 -6.95 -0.54 -20.38
C TRP E 175 -6.74 0.68 -21.29
N ARG E 176 -7.20 1.83 -20.81
CA ARG E 176 -7.09 3.09 -21.55
C ARG E 176 -7.75 2.99 -22.92
N GLU E 177 -8.84 2.23 -22.98
CA GLU E 177 -9.58 2.02 -24.22
C GLU E 177 -11.06 1.94 -23.87
N SER E 178 -11.89 2.56 -24.70
CA SER E 178 -13.32 2.64 -24.41
C SER E 178 -14.02 1.35 -24.80
N ASN E 179 -15.05 1.01 -24.01
CA ASN E 179 -15.94 -0.08 -24.33
C ASN E 179 -17.38 0.38 -24.50
N TRP E 180 -17.63 1.69 -24.50
CA TRP E 180 -18.99 2.25 -24.49
C TRP E 180 -19.37 2.60 -25.92
N VAL E 181 -20.13 1.71 -26.55
CA VAL E 181 -20.71 2.01 -27.86
C VAL E 181 -22.15 2.45 -27.69
N HIS E 182 -22.52 3.52 -28.38
CA HIS E 182 -23.83 4.15 -28.23
C HIS E 182 -24.45 4.32 -29.61
N PHE E 183 -25.47 3.52 -29.91
CA PHE E 183 -26.19 3.63 -31.17
C PHE E 183 -27.36 4.59 -31.07
N PHE E 184 -27.87 4.98 -32.24
CA PHE E 184 -29.13 5.70 -32.40
C PHE E 184 -29.95 4.83 -33.36
N PRO E 185 -30.62 3.81 -32.85
CA PRO E 185 -31.14 2.74 -33.73
C PRO E 185 -32.18 3.20 -34.73
N GLU E 186 -32.81 4.36 -34.54
CA GLU E 186 -33.73 4.86 -35.55
C GLU E 186 -33.02 5.08 -36.87
N GLY E 187 -31.82 5.66 -36.84
CA GLY E 187 -31.05 5.89 -38.04
C GLY E 187 -31.10 7.34 -38.49
N TYR E 188 -32.20 8.02 -38.22
CA TYR E 188 -32.39 9.40 -38.63
C TYR E 188 -33.05 10.19 -37.50
N VAL E 189 -32.93 11.51 -37.59
CA VAL E 189 -33.57 12.38 -36.60
C VAL E 189 -35.09 12.27 -36.77
N HIS E 190 -35.78 11.99 -35.68
CA HIS E 190 -37.23 11.88 -35.66
C HIS E 190 -37.81 13.04 -34.87
N GLN E 191 -38.68 13.81 -35.50
CA GLN E 191 -39.23 15.02 -34.91
C GLN E 191 -40.74 15.06 -35.10
N ALA E 192 -41.39 13.96 -34.74
CA ALA E 192 -42.84 13.86 -34.84
C ALA E 192 -43.52 14.93 -33.98
N LEU E 193 -44.81 15.13 -34.24
CA LEU E 193 -45.57 16.19 -33.60
C LEU E 193 -46.77 15.60 -32.89
N GLU E 194 -47.54 16.47 -32.24
CA GLU E 194 -48.73 16.07 -31.49
C GLU E 194 -49.78 15.49 -32.45
N PRO E 195 -50.60 14.53 -32.01
CA PRO E 195 -50.64 13.97 -30.66
C PRO E 195 -49.57 12.91 -30.40
N HIS E 196 -49.07 12.27 -31.46
CA HIS E 196 -48.06 11.23 -31.35
C HIS E 196 -46.67 11.88 -31.36
N GLU E 197 -46.42 12.68 -30.33
CA GLU E 197 -45.16 13.40 -30.18
C GLU E 197 -44.26 12.64 -29.23
N GLY E 198 -42.99 12.45 -29.63
CA GLY E 198 -42.02 11.68 -28.89
C GLY E 198 -41.92 10.24 -29.36
N THR E 199 -42.81 9.82 -30.24
CA THR E 199 -42.79 8.44 -30.73
C THR E 199 -41.56 8.22 -31.60
N MET E 200 -41.24 6.95 -31.82
CA MET E 200 -40.05 6.54 -32.55
C MET E 200 -40.42 5.77 -33.81
N ARG E 201 -39.40 5.49 -34.62
CA ARG E 201 -39.54 4.55 -35.72
C ARG E 201 -39.17 3.15 -35.25
N TYR E 202 -38.99 2.23 -36.19
CA TYR E 202 -38.56 0.87 -35.89
C TYR E 202 -37.05 0.87 -35.72
N PHE E 203 -36.56 0.22 -34.68
CA PHE E 203 -35.12 0.12 -34.49
C PHE E 203 -34.52 -0.83 -35.52
N ARG E 204 -33.33 -0.50 -35.99
CA ARG E 204 -32.70 -1.20 -37.08
C ARG E 204 -31.89 -2.40 -36.55
N TRP E 205 -31.29 -3.15 -37.46
CA TRP E 205 -30.66 -4.43 -37.11
C TRP E 205 -29.24 -4.27 -36.59
N GLY E 206 -28.62 -3.10 -36.76
CA GLY E 206 -27.23 -2.96 -36.36
C GLY E 206 -27.03 -3.12 -34.86
N THR E 207 -27.92 -2.52 -34.07
CA THR E 207 -27.79 -2.64 -32.62
C THR E 207 -27.94 -4.09 -32.17
N SER E 208 -28.79 -4.86 -32.86
CA SER E 208 -28.89 -6.28 -32.56
C SER E 208 -27.58 -6.99 -32.87
N ARG E 209 -26.94 -6.62 -33.98
CA ARG E 209 -25.65 -7.20 -34.31
C ARG E 209 -24.61 -6.89 -33.24
N ALA E 210 -24.64 -5.68 -32.69
CA ALA E 210 -23.73 -5.36 -31.59
C ALA E 210 -24.11 -6.10 -30.32
N VAL E 211 -25.39 -6.46 -30.17
CA VAL E 211 -25.80 -7.24 -29.01
C VAL E 211 -25.30 -8.68 -29.10
N LEU E 212 -25.38 -9.28 -30.28
CA LEU E 212 -25.16 -10.71 -30.44
C LEU E 212 -23.70 -11.08 -30.72
N GLU E 213 -23.02 -10.34 -31.59
CA GLU E 213 -21.68 -10.73 -32.02
C GLU E 213 -20.65 -10.85 -30.90
N PRO E 214 -20.54 -9.93 -29.95
CA PRO E 214 -19.42 -9.98 -29.00
C PRO E 214 -19.37 -11.28 -28.20
N VAL E 215 -18.14 -11.74 -27.92
CA VAL E 215 -17.93 -12.95 -27.13
C VAL E 215 -18.38 -12.80 -25.69
N THR E 216 -18.54 -11.57 -25.21
CA THR E 216 -19.01 -11.33 -23.86
C THR E 216 -20.21 -10.39 -23.92
N PRO E 217 -21.36 -10.79 -23.38
CA PRO E 217 -22.55 -9.96 -23.47
C PRO E 217 -22.35 -8.61 -22.82
N PRO E 218 -22.69 -7.53 -23.50
CA PRO E 218 -22.54 -6.20 -22.89
C PRO E 218 -23.59 -5.94 -21.83
N ILE E 219 -23.61 -4.72 -21.29
CA ILE E 219 -24.67 -4.32 -20.38
C ILE E 219 -25.50 -3.24 -21.05
N ILE E 220 -26.58 -3.65 -21.73
CA ILE E 220 -27.35 -2.70 -22.53
C ILE E 220 -28.20 -1.83 -21.60
N VAL E 221 -28.10 -0.51 -21.79
CA VAL E 221 -28.81 0.46 -20.97
C VAL E 221 -29.63 1.34 -21.90
N PRO E 222 -30.96 1.18 -21.90
CA PRO E 222 -31.80 2.05 -22.73
C PRO E 222 -31.83 3.47 -22.19
N MET E 223 -32.05 4.42 -23.10
CA MET E 223 -32.20 5.82 -22.77
C MET E 223 -33.28 6.45 -23.62
N PHE E 224 -33.80 7.58 -23.15
CA PHE E 224 -34.80 8.33 -23.90
C PHE E 224 -34.72 9.80 -23.53
N SER E 225 -34.53 10.66 -24.51
CA SER E 225 -34.55 12.10 -24.29
C SER E 225 -35.68 12.73 -25.09
N HIS E 226 -36.36 13.68 -24.46
CA HIS E 226 -37.46 14.40 -25.11
C HIS E 226 -37.30 15.88 -24.79
N GLY E 227 -37.13 16.70 -25.84
CA GLY E 227 -37.03 18.12 -25.65
C GLY E 227 -35.97 18.78 -26.51
N LEU E 228 -34.89 18.05 -26.80
CA LEU E 228 -33.86 18.59 -27.67
C LEU E 228 -34.33 18.76 -29.10
N GLN E 229 -35.38 18.05 -29.49
CA GLN E 229 -36.02 18.27 -30.79
C GLN E 229 -36.75 19.60 -30.86
N LYS E 230 -37.01 20.22 -29.72
CA LYS E 230 -37.65 21.54 -29.66
C LYS E 230 -36.63 22.66 -29.68
N VAL E 231 -35.33 22.33 -29.76
CA VAL E 231 -34.26 23.32 -29.81
C VAL E 231 -33.60 23.28 -31.17
N PHE E 232 -33.02 22.13 -31.52
CA PHE E 232 -32.37 21.95 -32.82
C PHE E 232 -33.39 21.39 -33.82
N GLN E 233 -34.36 22.24 -34.13
CA GLN E 233 -35.47 21.84 -34.99
C GLN E 233 -34.99 21.60 -36.41
N GLU E 234 -35.59 20.60 -37.08
CA GLU E 234 -35.17 20.28 -38.44
C GLU E 234 -35.58 21.37 -39.42
N ILE E 235 -36.75 21.96 -39.24
CA ILE E 235 -37.17 23.09 -40.05
C ILE E 235 -37.21 24.32 -39.14
N PRO E 236 -36.98 25.53 -39.64
CA PRO E 236 -36.99 26.71 -38.78
C PRO E 236 -38.37 26.96 -38.20
N LYS E 237 -38.42 27.16 -36.88
CA LYS E 237 -39.66 27.41 -36.14
C LYS E 237 -40.70 26.32 -36.41
N GLY E 238 -40.25 25.07 -36.48
CA GLY E 238 -41.17 23.99 -36.79
C GLY E 238 -42.21 23.73 -35.72
N TYR E 239 -41.79 23.80 -34.45
CA TYR E 239 -42.71 23.56 -33.35
C TYR E 239 -43.44 24.81 -32.91
N GLU E 240 -43.09 25.97 -33.44
CA GLU E 240 -43.73 27.23 -33.07
C GLU E 240 -44.90 27.60 -33.98
N MET E 241 -45.18 26.80 -35.01
CA MET E 241 -46.28 27.09 -35.90
C MET E 241 -47.62 26.94 -35.18
N GLU E 242 -48.59 27.75 -35.59
CA GLU E 242 -49.90 27.70 -34.97
C GLU E 242 -50.60 26.39 -35.29
N GLY E 243 -51.14 25.75 -34.26
CA GLY E 243 -51.81 24.47 -34.41
C GLY E 243 -50.88 23.29 -34.25
N ASN E 244 -49.57 23.55 -34.35
CA ASN E 244 -48.55 22.52 -34.19
C ASN E 244 -48.00 22.46 -32.77
N ASN E 245 -48.40 23.39 -31.89
CA ASN E 245 -47.88 23.48 -30.55
C ASN E 245 -49.04 23.43 -29.56
N THR E 246 -48.88 22.64 -28.51
CA THR E 246 -49.87 22.56 -27.44
C THR E 246 -49.27 22.82 -26.07
N ASN E 247 -48.06 22.32 -25.81
CA ASN E 247 -47.37 22.54 -24.55
C ASN E 247 -46.23 23.55 -24.75
N LYS E 248 -46.21 24.59 -23.93
CA LYS E 248 -45.20 25.64 -24.03
C LYS E 248 -44.08 25.49 -23.02
N ASP E 249 -44.08 24.41 -22.23
CA ASP E 249 -43.03 24.18 -21.25
C ASP E 249 -41.86 23.49 -21.94
N ARG E 250 -40.92 24.31 -22.41
CA ARG E 250 -39.76 23.82 -23.16
C ARG E 250 -38.78 23.18 -22.19
N THR E 251 -39.17 22.00 -21.69
CA THR E 251 -38.40 21.28 -20.69
C THR E 251 -37.78 20.04 -21.33
N ILE E 252 -36.49 19.85 -21.09
CA ILE E 252 -35.78 18.69 -21.60
C ILE E 252 -35.84 17.59 -20.55
N SER E 253 -36.34 16.42 -20.93
CA SER E 253 -36.49 15.29 -20.03
C SER E 253 -35.60 14.16 -20.52
N ILE E 254 -34.59 13.81 -19.73
CA ILE E 254 -33.70 12.70 -20.02
C ILE E 254 -33.99 11.58 -19.03
N ARG E 255 -34.23 10.38 -19.54
CA ARG E 255 -34.53 9.21 -18.71
C ARG E 255 -33.57 8.10 -19.10
N ILE E 256 -32.91 7.53 -18.10
CA ILE E 256 -32.01 6.40 -18.30
C ILE E 256 -32.60 5.22 -17.55
N GLY E 257 -32.97 4.19 -18.29
CA GLY E 257 -33.59 3.03 -17.67
C GLY E 257 -32.60 2.11 -17.03
N GLU E 258 -33.13 1.15 -16.27
CA GLU E 258 -32.31 0.11 -15.68
C GLU E 258 -31.66 -0.72 -16.79
N PRO E 259 -30.45 -1.23 -16.55
CA PRO E 259 -29.87 -2.18 -17.51
C PRO E 259 -30.80 -3.35 -17.72
N ILE E 260 -30.96 -3.76 -18.98
CA ILE E 260 -31.95 -4.77 -19.30
C ILE E 260 -31.56 -6.11 -18.67
N SER E 261 -32.56 -6.97 -18.48
CA SER E 261 -32.33 -8.25 -17.83
C SER E 261 -31.32 -9.08 -18.60
N GLU E 262 -30.34 -9.62 -17.89
CA GLU E 262 -29.32 -10.44 -18.53
C GLU E 262 -29.88 -11.74 -19.06
N THR E 263 -31.02 -12.19 -18.53
CA THR E 263 -31.62 -13.44 -19.00
C THR E 263 -32.08 -13.32 -20.45
N THR E 264 -32.70 -12.19 -20.82
CA THR E 264 -33.13 -12.02 -22.20
C THR E 264 -31.94 -11.95 -23.15
N VAL E 265 -30.88 -11.24 -22.76
CA VAL E 265 -29.68 -11.17 -23.60
C VAL E 265 -29.06 -12.55 -23.75
N ALA E 266 -29.00 -13.31 -22.65
CA ALA E 266 -28.47 -14.66 -22.72
C ALA E 266 -29.32 -15.54 -23.63
N GLY E 267 -30.64 -15.37 -23.58
CA GLY E 267 -31.50 -16.13 -24.47
C GLY E 267 -31.29 -15.78 -25.94
N PHE E 268 -31.17 -14.48 -26.25
CA PHE E 268 -30.91 -14.08 -27.61
C PHE E 268 -29.57 -14.62 -28.10
N ARG E 269 -28.54 -14.56 -27.26
CA ARG E 269 -27.25 -15.10 -27.63
C ARG E 269 -27.29 -16.62 -27.76
N ASN E 270 -28.15 -17.29 -26.98
CA ASN E 270 -28.34 -18.73 -27.15
C ASN E 270 -29.00 -19.05 -28.49
N GLU E 271 -29.95 -18.21 -28.91
CA GLU E 271 -30.51 -18.37 -30.24
C GLU E 271 -29.45 -18.17 -31.31
N TRP E 272 -28.56 -17.19 -31.10
CA TRP E 272 -27.44 -16.99 -32.02
C TRP E 272 -26.53 -18.22 -32.06
N ILE E 273 -26.28 -18.82 -30.90
CA ILE E 273 -25.47 -20.04 -30.83
C ILE E 273 -26.14 -21.17 -31.59
N ASN E 274 -27.46 -21.33 -31.41
CA ASN E 274 -28.17 -22.38 -32.12
C ASN E 274 -28.14 -22.15 -33.63
N LEU E 275 -28.25 -20.88 -34.06
CA LEU E 275 -28.14 -20.59 -35.48
C LEU E 275 -26.75 -20.91 -36.01
N CYS E 276 -25.71 -20.63 -35.21
CA CYS E 276 -24.36 -21.01 -35.60
C CYS E 276 -24.22 -22.53 -35.72
N HIS E 277 -24.79 -23.27 -34.77
CA HIS E 277 -24.75 -24.72 -34.83
C HIS E 277 -25.61 -25.29 -35.95
N LYS E 278 -26.56 -24.49 -36.49
CA LYS E 278 -27.34 -24.95 -37.63
C LYS E 278 -26.42 -25.23 -38.82
N GLU E 279 -25.44 -24.37 -39.05
CA GLU E 279 -24.40 -24.62 -40.03
C GLU E 279 -23.26 -25.40 -39.36
N ASN E 280 -22.20 -25.64 -40.13
CA ASN E 280 -21.06 -26.39 -39.64
C ASN E 280 -19.96 -25.50 -39.05
N VAL E 281 -20.18 -24.19 -39.00
CA VAL E 281 -19.18 -23.27 -38.47
C VAL E 281 -19.24 -23.26 -36.96
N GLY E 282 -18.08 -23.17 -36.32
CA GLY E 282 -18.01 -23.16 -34.87
C GLY E 282 -18.34 -21.80 -34.29
N LEU E 283 -18.33 -21.75 -32.96
CA LEU E 283 -18.62 -20.50 -32.26
C LEU E 283 -17.56 -19.45 -32.54
N ASN E 284 -16.29 -19.85 -32.56
CA ASN E 284 -15.18 -18.97 -32.92
C ASN E 284 -14.63 -19.46 -34.26
N ALA E 285 -15.20 -18.95 -35.35
CA ALA E 285 -14.86 -19.37 -36.69
C ALA E 285 -14.05 -18.29 -37.40
N GLU E 286 -13.41 -18.68 -38.49
CA GLU E 286 -12.54 -17.76 -39.21
C GLU E 286 -13.34 -16.73 -39.99
N THR E 287 -14.53 -17.11 -40.47
CA THR E 287 -15.33 -16.23 -41.30
C THR E 287 -16.81 -16.45 -41.02
N MET E 288 -17.61 -15.44 -41.35
CA MET E 288 -19.06 -15.49 -41.16
C MET E 288 -19.71 -16.02 -42.43
N PRO E 289 -20.49 -17.08 -42.35
CA PRO E 289 -21.17 -17.57 -43.56
C PRO E 289 -22.20 -16.57 -44.07
N ASP E 290 -22.44 -16.61 -45.38
CA ASP E 290 -23.42 -15.71 -45.98
C ASP E 290 -24.82 -15.98 -45.46
N VAL E 291 -25.10 -17.21 -45.02
CA VAL E 291 -26.40 -17.53 -44.44
C VAL E 291 -26.63 -16.72 -43.16
N LEU E 292 -25.61 -16.64 -42.31
CA LEU E 292 -25.72 -15.82 -41.11
C LEU E 292 -25.68 -14.33 -41.45
N LYS E 293 -25.14 -13.96 -42.61
CA LYS E 293 -25.11 -12.56 -43.00
C LYS E 293 -26.43 -12.14 -43.65
N ASN E 294 -26.91 -12.93 -44.61
CA ASN E 294 -28.19 -12.68 -45.27
C ASN E 294 -29.00 -13.97 -45.23
N GLY E 295 -29.75 -14.16 -44.16
CA GLY E 295 -30.58 -15.34 -44.01
C GLY E 295 -31.83 -15.01 -43.23
N GLN E 296 -32.88 -15.81 -43.47
CA GLN E 296 -34.16 -15.55 -42.83
C GLN E 296 -34.07 -15.66 -41.32
N GLU E 297 -33.38 -16.69 -40.82
CA GLU E 297 -33.31 -16.91 -39.38
C GLU E 297 -32.52 -15.81 -38.69
N ALA E 298 -31.35 -15.46 -39.23
CA ALA E 298 -30.55 -14.40 -38.63
C ALA E 298 -31.28 -13.07 -38.67
N LYS E 299 -31.94 -12.77 -39.80
CA LYS E 299 -32.69 -11.53 -39.90
C LYS E 299 -33.84 -11.50 -38.89
N ASP E 300 -34.54 -12.62 -38.72
CA ASP E 300 -35.63 -12.67 -37.75
C ASP E 300 -35.10 -12.47 -36.33
N LEU E 301 -33.99 -13.10 -35.99
CA LEU E 301 -33.43 -12.93 -34.65
C LEU E 301 -32.98 -11.49 -34.42
N ARG E 302 -32.33 -10.88 -35.42
CA ARG E 302 -31.91 -9.49 -35.28
C ARG E 302 -33.12 -8.56 -35.14
N SER E 303 -34.18 -8.81 -35.91
CA SER E 303 -35.39 -8.01 -35.78
C SER E 303 -36.03 -8.17 -34.41
N LYS E 304 -36.01 -9.39 -33.87
CA LYS E 304 -36.54 -9.62 -32.53
C LYS E 304 -35.75 -8.85 -31.48
N VAL E 305 -34.42 -8.87 -31.59
CA VAL E 305 -33.60 -8.15 -30.62
C VAL E 305 -33.84 -6.65 -30.73
N ALA E 306 -33.91 -6.13 -31.95
CA ALA E 306 -34.17 -4.71 -32.15
C ALA E 306 -35.54 -4.34 -31.61
N ALA E 307 -36.54 -5.20 -31.81
CA ALA E 307 -37.87 -4.94 -31.28
C ALA E 307 -37.86 -4.91 -29.77
N TYR E 308 -37.12 -5.82 -29.14
CA TYR E 308 -37.03 -5.82 -27.68
C TYR E 308 -36.38 -4.54 -27.17
N LEU E 309 -35.30 -4.10 -27.82
CA LEU E 309 -34.66 -2.85 -27.40
C LEU E 309 -35.59 -1.66 -27.57
N ARG E 310 -36.31 -1.61 -28.70
CA ARG E 310 -37.27 -0.53 -28.91
C ARG E 310 -38.38 -0.56 -27.88
N GLU E 311 -38.84 -1.76 -27.52
CA GLU E 311 -39.87 -1.89 -26.50
C GLU E 311 -39.38 -1.42 -25.15
N GLU E 312 -38.13 -1.72 -24.81
CA GLU E 312 -37.55 -1.20 -23.56
C GLU E 312 -37.52 0.32 -23.56
N VAL E 313 -37.08 0.91 -24.67
CA VAL E 313 -36.99 2.36 -24.71
C VAL E 313 -38.37 2.99 -24.68
N GLU E 314 -39.36 2.36 -25.33
CA GLU E 314 -40.72 2.87 -25.30
C GLU E 314 -41.32 2.76 -23.90
N LYS E 315 -41.00 1.68 -23.19
CA LYS E 315 -41.42 1.56 -21.79
C LYS E 315 -40.82 2.68 -20.95
N LEU E 316 -39.55 3.00 -21.20
CA LEU E 316 -38.92 4.12 -20.49
C LEU E 316 -39.56 5.45 -20.88
N ARG E 317 -40.11 5.54 -22.10
CA ARG E 317 -40.68 6.79 -22.59
C ARG E 317 -41.80 7.31 -21.69
N LEU E 318 -42.64 6.41 -21.18
CA LEU E 318 -43.84 6.83 -20.47
C LEU E 318 -43.53 7.58 -19.18
N THR E 319 -42.29 7.54 -18.70
CA THR E 319 -41.93 8.29 -17.51
C THR E 319 -41.99 9.80 -17.74
N VAL E 320 -41.86 10.25 -18.99
CA VAL E 320 -42.01 11.68 -19.30
C VAL E 320 -43.45 12.09 -19.07
N PRO E 321 -43.72 13.16 -18.30
CA PRO E 321 -45.11 13.48 -17.94
C PRO E 321 -46.01 13.80 -19.12
N ASN E 322 -45.48 14.47 -20.15
CA ASN E 322 -46.30 14.90 -21.28
C ASN E 322 -46.09 13.93 -22.44
N MET E 323 -46.76 12.78 -22.33
CA MET E 323 -46.71 11.75 -23.38
C MET E 323 -48.08 11.13 -23.53
N ASN E 324 -48.28 10.48 -24.68
CA ASN E 324 -49.51 9.79 -25.03
C ASN E 324 -49.15 8.38 -25.48
N PRO E 325 -50.08 7.44 -25.37
CA PRO E 325 -49.79 6.07 -25.82
C PRO E 325 -49.45 6.02 -27.30
N GLU E 326 -48.50 5.16 -27.64
CA GLU E 326 -48.02 5.02 -29.01
C GLU E 326 -48.88 4.03 -29.77
N LEU E 327 -49.19 4.36 -31.01
CA LEU E 327 -49.97 3.46 -31.86
C LEU E 327 -49.19 2.18 -32.12
N PRO E 328 -49.86 1.03 -32.16
CA PRO E 328 -49.16 -0.24 -32.36
C PRO E 328 -48.44 -0.35 -33.69
N GLU E 329 -48.83 0.45 -34.69
CA GLU E 329 -48.20 0.38 -36.00
C GLU E 329 -46.83 1.04 -36.04
N PHE E 330 -46.53 1.93 -35.10
CA PHE E 330 -45.28 2.69 -35.15
C PHE E 330 -44.06 1.81 -34.95
N LYS E 331 -44.20 0.67 -34.29
CA LYS E 331 -43.07 -0.20 -34.02
C LYS E 331 -42.80 -1.21 -35.14
N GLU E 332 -43.67 -1.27 -36.15
CA GLU E 332 -43.50 -2.24 -37.23
C GLU E 332 -42.59 -1.68 -38.32
N PRO E 333 -41.54 -2.42 -38.72
CA PRO E 333 -40.71 -1.96 -39.84
C PRO E 333 -41.49 -1.60 -41.09
N GLU E 334 -42.54 -2.36 -41.41
CA GLU E 334 -43.27 -2.14 -42.66
C GLU E 334 -43.97 -0.80 -42.68
N PHE E 335 -44.37 -0.28 -41.51
CA PHE E 335 -45.11 0.97 -41.45
C PHE E 335 -44.32 2.15 -41.99
N TRP E 336 -42.99 2.10 -41.93
CA TRP E 336 -42.15 3.22 -42.34
C TRP E 336 -41.54 3.00 -43.73
N SER E 337 -42.08 2.07 -44.50
CA SER E 337 -41.65 1.89 -45.88
C SER E 337 -42.41 2.84 -46.79
N ASP E 338 -41.88 3.00 -48.01
CA ASP E 338 -42.46 3.90 -49.01
C ASP E 338 -42.58 5.33 -48.46
N ILE E 339 -41.52 5.77 -47.79
CA ILE E 339 -41.50 7.10 -47.18
C ILE E 339 -40.97 8.09 -48.21
N ASP E 340 -41.41 9.34 -48.10
CA ASP E 340 -41.05 10.36 -49.09
C ASP E 340 -39.88 11.20 -48.59
N LYS E 341 -38.97 11.53 -49.52
CA LYS E 341 -37.80 12.33 -49.21
C LYS E 341 -37.79 13.64 -49.98
N VAL E 342 -38.94 14.12 -50.45
CA VAL E 342 -38.98 15.31 -51.31
C VAL E 342 -39.84 16.44 -50.72
N HIS E 343 -40.77 16.16 -49.81
CA HIS E 343 -41.70 17.20 -49.36
C HIS E 343 -40.97 18.33 -48.65
N LYS E 344 -40.00 18.00 -47.78
CA LYS E 344 -39.22 18.98 -47.04
C LYS E 344 -40.14 19.93 -46.25
N GLY E 345 -40.88 19.37 -45.31
CA GLY E 345 -41.78 20.16 -44.51
C GLY E 345 -42.59 19.30 -43.57
N VAL E 346 -43.74 19.82 -43.17
CA VAL E 346 -44.67 19.05 -42.35
C VAL E 346 -45.22 17.90 -43.17
N TYR E 347 -44.78 16.69 -42.86
CA TYR E 347 -45.12 15.50 -43.64
C TYR E 347 -46.20 14.70 -42.92
N ASN E 348 -46.95 13.92 -43.68
CA ASN E 348 -48.19 13.32 -43.20
C ASN E 348 -48.24 11.84 -43.55
N HIS E 349 -47.19 11.11 -43.17
CA HIS E 349 -47.07 9.68 -43.46
C HIS E 349 -48.33 8.90 -43.10
N ARG E 350 -49.01 8.38 -44.13
CA ARG E 350 -50.22 7.57 -43.98
C ARG E 350 -51.26 8.22 -43.07
N GLY E 351 -51.20 9.54 -42.94
CA GLY E 351 -52.17 10.26 -42.13
C GLY E 351 -52.20 9.84 -40.68
N LYS E 352 -51.05 9.52 -40.10
CA LYS E 352 -51.00 9.07 -38.71
C LYS E 352 -49.99 9.87 -37.90
N VAL E 353 -48.91 10.33 -38.55
CA VAL E 353 -47.85 11.08 -37.89
C VAL E 353 -47.55 12.33 -38.70
N ARG E 354 -47.21 13.41 -38.00
CA ARG E 354 -46.75 14.64 -38.62
C ARG E 354 -45.29 14.85 -38.25
N MET E 355 -44.44 15.02 -39.26
CA MET E 355 -42.99 15.03 -39.09
C MET E 355 -42.41 16.32 -39.65
N LEU E 356 -41.26 16.72 -39.10
CA LEU E 356 -40.48 17.84 -39.62
C LEU E 356 -39.40 17.36 -40.58
N ARG E 357 -39.80 16.69 -41.65
CA ARG E 357 -38.84 16.08 -42.56
C ARG E 357 -37.99 17.13 -43.25
N ASN E 358 -36.68 16.89 -43.30
CA ASN E 358 -35.74 17.79 -43.97
C ASN E 358 -34.58 16.95 -44.49
N PRO E 359 -34.57 16.64 -45.79
CA PRO E 359 -33.48 15.86 -46.39
C PRO E 359 -32.27 16.71 -46.72
#